data_2EE0
#
_entry.id   2EE0
#
_entity_poly.entity_id   1
_entity_poly.type   'polypeptide(L)'
_entity_poly.pdbx_seq_one_letter_code
;GSSGSSGNDNRPVFKEGQVEVHIPENAPVGTSVIQLHATDADIGSNAEIRYIFGAQVAPATKRLFALNNTTGLITVQRSL
DREETAIHKVTVLASDGSSTPARATVTINVTDVN
;
_entity_poly.pdbx_strand_id   A
#
# COMPACT_ATOMS: atom_id res chain seq x y z
N GLY A 1 22.69 32.33 -1.15
CA GLY A 1 22.98 33.54 -0.40
C GLY A 1 24.13 33.35 0.58
N SER A 2 23.86 33.58 1.87
CA SER A 2 24.88 33.43 2.89
C SER A 2 24.75 32.09 3.61
N SER A 3 23.60 31.88 4.26
CA SER A 3 23.35 30.65 4.99
C SER A 3 22.65 29.63 4.09
N GLY A 4 22.91 28.35 4.35
CA GLY A 4 22.29 27.30 3.57
C GLY A 4 21.12 26.64 4.28
N SER A 5 21.41 25.61 5.07
CA SER A 5 20.37 24.90 5.80
C SER A 5 20.88 24.48 7.19
N SER A 6 19.95 24.13 8.07
CA SER A 6 20.29 23.71 9.42
C SER A 6 20.11 22.20 9.59
N GLY A 7 18.92 21.72 9.23
CA GLY A 7 18.63 20.30 9.35
C GLY A 7 17.45 20.02 10.26
N ASN A 8 16.54 19.18 9.81
CA ASN A 8 15.36 18.83 10.60
C ASN A 8 14.76 17.51 10.12
N ASP A 9 13.74 17.04 10.84
CA ASP A 9 13.09 15.79 10.50
C ASP A 9 12.03 16.01 9.41
N ASN A 10 11.75 14.96 8.65
CA ASN A 10 10.77 15.05 7.57
C ASN A 10 10.28 13.66 7.17
N ARG A 11 8.96 13.54 6.98
CA ARG A 11 8.36 12.27 6.60
C ARG A 11 7.38 12.44 5.45
N PRO A 12 7.24 11.41 4.62
CA PRO A 12 6.34 11.43 3.46
C PRO A 12 4.86 11.41 3.88
N VAL A 13 3.97 11.57 2.91
CA VAL A 13 2.55 11.57 3.17
C VAL A 13 1.79 10.79 2.11
N PHE A 14 0.86 9.95 2.55
CA PHE A 14 0.07 9.13 1.64
C PHE A 14 -1.02 9.97 0.97
N LYS A 15 -1.42 9.56 -0.23
CA LYS A 15 -2.45 10.27 -0.98
C LYS A 15 -3.74 10.36 -0.17
N GLU A 16 -4.21 9.22 0.34
CA GLU A 16 -5.42 9.18 1.13
C GLU A 16 -5.34 8.12 2.22
N GLY A 17 -5.66 8.52 3.45
CA GLY A 17 -5.60 7.59 4.56
C GLY A 17 -6.24 6.24 4.23
N GLN A 18 -7.53 6.25 3.96
CA GLN A 18 -8.25 5.03 3.63
C GLN A 18 -9.05 5.19 2.34
N VAL A 19 -9.09 4.13 1.54
CA VAL A 19 -9.81 4.15 0.27
C VAL A 19 -10.51 2.83 0.02
N GLU A 20 -11.71 2.90 -0.54
CA GLU A 20 -12.49 1.70 -0.85
C GLU A 20 -12.43 1.37 -2.34
N VAL A 21 -12.19 0.10 -2.65
CA VAL A 21 -12.11 -0.34 -4.03
C VAL A 21 -13.05 -1.52 -4.29
N HIS A 22 -13.46 -1.68 -5.55
CA HIS A 22 -14.35 -2.77 -5.92
C HIS A 22 -13.76 -3.59 -7.07
N ILE A 23 -13.28 -4.79 -6.75
CA ILE A 23 -12.69 -5.67 -7.75
C ILE A 23 -13.29 -7.07 -7.67
N PRO A 24 -13.56 -7.65 -8.84
CA PRO A 24 -14.14 -9.01 -8.93
C PRO A 24 -13.16 -10.09 -8.49
N GLU A 25 -13.67 -11.09 -7.79
CA GLU A 25 -12.83 -12.19 -7.32
C GLU A 25 -12.13 -12.89 -8.49
N ASN A 26 -12.83 -13.01 -9.60
CA ASN A 26 -12.28 -13.65 -10.79
C ASN A 26 -11.34 -12.70 -11.53
N ALA A 27 -11.22 -11.48 -11.03
CA ALA A 27 -10.34 -10.49 -11.63
C ALA A 27 -9.09 -11.14 -12.22
N PRO A 28 -8.64 -10.61 -13.37
CA PRO A 28 -7.45 -11.13 -14.06
C PRO A 28 -6.16 -10.82 -13.28
N VAL A 29 -5.23 -11.77 -13.32
CA VAL A 29 -3.95 -11.61 -12.62
C VAL A 29 -3.12 -10.51 -13.26
N GLY A 30 -2.65 -9.58 -12.42
CA GLY A 30 -1.86 -8.47 -12.93
C GLY A 30 -2.58 -7.15 -12.88
N THR A 31 -3.78 -7.16 -12.29
CA THR A 31 -4.59 -5.95 -12.19
C THR A 31 -4.11 -5.06 -11.05
N SER A 32 -4.12 -3.75 -11.28
CA SER A 32 -3.68 -2.80 -10.27
C SER A 32 -4.85 -2.36 -9.39
N VAL A 33 -4.88 -2.87 -8.16
CA VAL A 33 -5.95 -2.54 -7.21
C VAL A 33 -5.83 -1.10 -6.75
N ILE A 34 -4.78 -0.80 -5.98
CA ILE A 34 -4.56 0.55 -5.48
C ILE A 34 -3.06 0.89 -5.47
N GLN A 35 -2.76 2.15 -5.74
CA GLN A 35 -1.38 2.62 -5.76
C GLN A 35 -1.17 3.76 -4.77
N LEU A 36 -0.21 3.58 -3.87
CA LEU A 36 0.09 4.60 -2.87
C LEU A 36 1.32 5.42 -3.28
N HIS A 37 1.11 6.70 -3.53
CA HIS A 37 2.19 7.60 -3.92
C HIS A 37 2.62 8.49 -2.76
N ALA A 38 3.76 8.17 -2.16
CA ALA A 38 4.28 8.94 -1.04
C ALA A 38 5.77 9.23 -1.21
N THR A 39 6.08 10.35 -1.85
CA THR A 39 7.47 10.74 -2.08
C THR A 39 7.91 11.81 -1.08
N ASP A 40 9.14 11.68 -0.60
CA ASP A 40 9.68 12.64 0.37
C ASP A 40 9.76 14.04 -0.26
N ALA A 41 10.19 15.01 0.55
CA ALA A 41 10.31 16.38 0.09
C ALA A 41 10.73 16.43 -1.37
N ASP A 42 9.86 16.98 -2.22
CA ASP A 42 10.15 17.10 -3.64
C ASP A 42 11.63 17.36 -3.89
N ILE A 43 12.14 18.42 -3.28
CA ILE A 43 13.54 18.78 -3.43
C ILE A 43 14.46 17.76 -2.73
N GLY A 44 15.18 16.99 -3.52
CA GLY A 44 16.08 16.00 -2.97
C GLY A 44 15.37 14.70 -2.64
N SER A 45 15.70 13.63 -3.37
CA SER A 45 15.09 12.34 -3.16
C SER A 45 16.15 11.24 -3.04
N ASN A 46 17.11 11.47 -2.16
CA ASN A 46 18.19 10.51 -1.94
C ASN A 46 17.84 9.54 -0.82
N ALA A 47 16.75 8.80 -1.00
CA ALA A 47 16.31 7.84 0.00
C ALA A 47 15.56 6.68 -0.66
N GLU A 48 15.27 5.65 0.13
CA GLU A 48 14.57 4.47 -0.37
C GLU A 48 13.36 4.14 0.51
N ILE A 49 12.17 4.41 0.00
CA ILE A 49 10.95 4.14 0.74
C ILE A 49 10.47 2.72 0.51
N ARG A 50 10.45 1.93 1.58
CA ARG A 50 10.00 0.53 1.50
C ARG A 50 8.62 0.36 2.11
N TYR A 51 7.77 -0.37 1.42
CA TYR A 51 6.40 -0.61 1.89
C TYR A 51 6.25 -2.05 2.38
N ILE A 52 6.12 -2.21 3.69
CA ILE A 52 5.97 -3.53 4.29
C ILE A 52 4.52 -3.76 4.73
N PHE A 53 4.24 -4.99 5.18
CA PHE A 53 2.89 -5.33 5.63
C PHE A 53 2.67 -4.88 7.07
N GLY A 54 1.49 -4.30 7.32
CA GLY A 54 1.18 -3.83 8.66
C GLY A 54 1.19 -4.94 9.69
N ALA A 55 0.54 -4.70 10.82
CA ALA A 55 0.48 -5.70 11.89
C ALA A 55 -0.81 -6.51 11.81
N GLN A 56 -0.76 -7.76 12.26
CA GLN A 56 -1.92 -8.63 12.24
C GLN A 56 -2.43 -8.84 10.82
N VAL A 57 -1.51 -9.12 9.90
CA VAL A 57 -1.87 -9.32 8.50
C VAL A 57 -1.75 -10.80 8.12
N ALA A 58 -2.88 -11.39 7.73
CA ALA A 58 -2.90 -12.80 7.33
C ALA A 58 -1.93 -13.06 6.18
N PRO A 59 -1.38 -14.28 6.14
CA PRO A 59 -0.43 -14.68 5.10
C PRO A 59 -1.11 -14.85 3.74
N ALA A 60 -2.30 -15.41 3.75
CA ALA A 60 -3.05 -15.63 2.51
C ALA A 60 -3.13 -14.34 1.69
N THR A 61 -3.40 -13.24 2.37
CA THR A 61 -3.51 -11.94 1.72
C THR A 61 -2.20 -11.56 1.03
N LYS A 62 -1.09 -11.91 1.66
CA LYS A 62 0.23 -11.61 1.12
C LYS A 62 0.46 -12.36 -0.20
N ARG A 63 -0.05 -13.58 -0.28
CA ARG A 63 0.10 -14.39 -1.47
C ARG A 63 -0.91 -13.98 -2.54
N LEU A 64 -2.17 -13.87 -2.15
CA LEU A 64 -3.23 -13.49 -3.06
C LEU A 64 -2.93 -12.14 -3.72
N PHE A 65 -2.41 -11.20 -2.93
CA PHE A 65 -2.07 -9.89 -3.44
C PHE A 65 -0.57 -9.61 -3.30
N ALA A 66 0.04 -9.14 -4.38
CA ALA A 66 1.46 -8.85 -4.38
C ALA A 66 1.72 -7.37 -4.08
N LEU A 67 2.35 -7.11 -2.94
CA LEU A 67 2.65 -5.73 -2.53
C LEU A 67 4.13 -5.41 -2.77
N ASN A 68 4.38 -4.48 -3.67
CA ASN A 68 5.74 -4.07 -4.00
C ASN A 68 6.35 -3.27 -2.85
N ASN A 69 7.45 -3.80 -2.30
CA ASN A 69 8.12 -3.14 -1.19
C ASN A 69 9.10 -2.08 -1.70
N THR A 70 8.92 -1.66 -2.95
CA THR A 70 9.78 -0.65 -3.56
C THR A 70 8.96 0.52 -4.08
N THR A 71 7.69 0.26 -4.40
CA THR A 71 6.81 1.30 -4.92
C THR A 71 5.53 1.40 -4.09
N GLY A 72 5.19 0.30 -3.42
CA GLY A 72 3.99 0.27 -2.60
C GLY A 72 2.73 0.08 -3.42
N LEU A 73 2.88 -0.53 -4.59
CA LEU A 73 1.74 -0.78 -5.47
C LEU A 73 1.14 -2.15 -5.22
N ILE A 74 -0.18 -2.22 -5.15
CA ILE A 74 -0.88 -3.48 -4.91
C ILE A 74 -1.56 -3.97 -6.19
N THR A 75 -1.21 -5.18 -6.61
CA THR A 75 -1.79 -5.77 -7.81
C THR A 75 -2.15 -7.24 -7.58
N VAL A 76 -3.18 -7.70 -8.29
CA VAL A 76 -3.63 -9.09 -8.17
C VAL A 76 -2.49 -10.06 -8.45
N GLN A 77 -2.21 -10.94 -7.48
CA GLN A 77 -1.15 -11.92 -7.63
C GLN A 77 -1.72 -13.29 -7.99
N ARG A 78 -2.87 -13.61 -7.42
CA ARG A 78 -3.52 -14.89 -7.68
C ARG A 78 -5.04 -14.77 -7.52
N SER A 79 -5.76 -15.74 -8.08
CA SER A 79 -7.21 -15.74 -8.00
C SER A 79 -7.69 -15.61 -6.56
N LEU A 80 -8.76 -14.84 -6.36
CA LEU A 80 -9.31 -14.63 -5.03
C LEU A 80 -10.58 -15.46 -4.83
N ASP A 81 -11.04 -15.53 -3.59
CA ASP A 81 -12.24 -16.30 -3.27
C ASP A 81 -13.18 -15.47 -2.38
N ARG A 82 -14.41 -15.29 -2.83
CA ARG A 82 -15.40 -14.52 -2.09
C ARG A 82 -15.98 -15.36 -0.94
N GLU A 83 -16.35 -16.59 -1.26
CA GLU A 83 -16.92 -17.49 -0.25
C GLU A 83 -16.12 -17.42 1.05
N GLU A 84 -14.80 -17.49 0.93
CA GLU A 84 -13.93 -17.44 2.10
C GLU A 84 -13.94 -16.05 2.72
N THR A 85 -13.37 -15.07 2.01
CA THR A 85 -13.32 -13.70 2.51
C THR A 85 -14.02 -12.75 1.56
N ALA A 86 -14.76 -11.79 2.11
CA ALA A 86 -15.48 -10.81 1.31
C ALA A 86 -14.75 -9.47 1.29
N ILE A 87 -14.25 -9.06 2.45
CA ILE A 87 -13.53 -7.79 2.57
C ILE A 87 -12.07 -8.02 2.93
N HIS A 88 -11.18 -7.32 2.25
CA HIS A 88 -9.74 -7.44 2.51
C HIS A 88 -9.18 -6.15 3.09
N LYS A 89 -8.64 -6.24 4.30
CA LYS A 89 -8.08 -5.07 4.97
C LYS A 89 -6.56 -5.18 5.04
N VAL A 90 -5.87 -4.41 4.19
CA VAL A 90 -4.42 -4.43 4.16
C VAL A 90 -3.85 -3.05 4.50
N THR A 91 -2.83 -3.04 5.36
CA THR A 91 -2.20 -1.79 5.77
C THR A 91 -0.78 -1.68 5.22
N VAL A 92 -0.42 -0.49 4.76
CA VAL A 92 0.92 -0.25 4.22
C VAL A 92 1.71 0.72 5.09
N LEU A 93 2.99 0.44 5.26
CA LEU A 93 3.86 1.29 6.06
C LEU A 93 5.07 1.77 5.27
N ALA A 94 5.22 3.08 5.14
CA ALA A 94 6.34 3.65 4.41
C ALA A 94 7.37 4.25 5.36
N SER A 95 8.58 3.69 5.34
CA SER A 95 9.65 4.17 6.20
C SER A 95 10.84 4.64 5.38
N ASP A 96 11.10 5.94 5.41
CA ASP A 96 12.21 6.52 4.67
C ASP A 96 13.43 6.70 5.56
N GLY A 97 13.22 7.30 6.72
CA GLY A 97 14.32 7.52 7.65
C GLY A 97 13.92 8.35 8.84
N SER A 98 12.83 7.97 9.49
CA SER A 98 12.33 8.69 10.65
C SER A 98 11.92 7.73 11.77
N SER A 99 11.55 8.28 12.91
CA SER A 99 11.14 7.48 14.06
C SER A 99 10.26 6.31 13.62
N THR A 100 9.07 6.63 13.12
CA THR A 100 8.14 5.60 12.66
C THR A 100 7.50 6.00 11.34
N PRO A 101 7.28 5.01 10.47
CA PRO A 101 6.67 5.23 9.15
C PRO A 101 5.20 5.59 9.25
N ALA A 102 4.59 5.91 8.11
CA ALA A 102 3.17 6.26 8.07
C ALA A 102 2.31 5.04 7.78
N ARG A 103 1.15 4.99 8.43
CA ARG A 103 0.22 3.88 8.24
C ARG A 103 -0.92 4.26 7.32
N ALA A 104 -1.35 3.32 6.48
CA ALA A 104 -2.44 3.57 5.54
C ALA A 104 -3.33 2.34 5.40
N THR A 105 -4.63 2.53 5.58
CA THR A 105 -5.59 1.44 5.47
C THR A 105 -6.17 1.35 4.06
N VAL A 106 -6.43 0.13 3.62
CA VAL A 106 -7.00 -0.09 2.28
C VAL A 106 -8.03 -1.22 2.31
N THR A 107 -9.29 -0.86 2.03
CA THR A 107 -10.36 -1.83 2.01
C THR A 107 -10.71 -2.25 0.59
N ILE A 108 -10.67 -3.55 0.33
CA ILE A 108 -10.99 -4.07 -0.99
C ILE A 108 -12.24 -4.94 -0.96
N ASN A 109 -13.32 -4.44 -1.56
CA ASN A 109 -14.58 -5.16 -1.60
C ASN A 109 -14.63 -6.10 -2.80
N VAL A 110 -14.90 -7.38 -2.55
CA VAL A 110 -14.98 -8.38 -3.61
C VAL A 110 -16.39 -8.43 -4.20
N THR A 111 -16.48 -8.20 -5.51
CA THR A 111 -17.75 -8.22 -6.21
C THR A 111 -17.93 -9.51 -6.99
N ASP A 112 -19.17 -10.00 -7.05
CA ASP A 112 -19.48 -11.22 -7.77
C ASP A 112 -18.99 -11.15 -9.21
N VAL A 113 -19.03 -12.28 -9.91
CA VAL A 113 -18.60 -12.34 -11.30
C VAL A 113 -19.54 -13.19 -12.13
N ASN A 114 -20.10 -12.59 -13.19
CA ASN A 114 -21.03 -13.30 -14.06
C ASN A 114 -20.31 -14.40 -14.84
N GLY A 1 31.86 26.40 1.04
CA GLY A 1 30.52 26.72 1.51
C GLY A 1 29.79 25.51 2.05
N SER A 2 28.61 25.74 2.59
CA SER A 2 27.80 24.64 3.15
C SER A 2 26.70 24.23 2.18
N SER A 3 25.81 25.16 1.87
CA SER A 3 24.70 24.89 0.96
C SER A 3 23.94 23.64 1.38
N GLY A 4 23.89 23.40 2.68
CA GLY A 4 23.19 22.24 3.20
C GLY A 4 22.45 22.52 4.48
N SER A 5 21.13 22.31 4.46
CA SER A 5 20.29 22.56 5.63
C SER A 5 20.78 21.73 6.82
N SER A 6 21.15 22.41 7.89
CA SER A 6 21.63 21.74 9.10
C SER A 6 20.49 21.04 9.82
N GLY A 7 20.21 19.80 9.41
CA GLY A 7 19.14 19.04 10.02
C GLY A 7 17.84 19.14 9.26
N ASN A 8 17.01 18.10 9.36
CA ASN A 8 15.72 18.09 8.68
C ASN A 8 14.90 16.88 9.10
N ASP A 9 13.59 17.09 9.27
CA ASP A 9 12.69 16.02 9.68
C ASP A 9 11.34 16.16 9.00
N ASN A 10 10.90 15.10 8.32
CA ASN A 10 9.63 15.10 7.62
C ASN A 10 9.12 13.68 7.40
N ARG A 11 7.89 13.43 7.80
CA ARG A 11 7.29 12.11 7.64
C ARG A 11 6.55 12.01 6.31
N PRO A 12 6.54 10.80 5.73
CA PRO A 12 5.88 10.53 4.44
C PRO A 12 4.36 10.59 4.55
N VAL A 13 3.73 11.29 3.62
CA VAL A 13 2.28 11.43 3.61
C VAL A 13 1.66 10.63 2.47
N PHE A 14 0.59 9.91 2.77
CA PHE A 14 -0.10 9.11 1.76
C PHE A 14 -1.15 9.94 1.02
N LYS A 15 -1.11 9.88 -0.31
CA LYS A 15 -2.05 10.63 -1.12
C LYS A 15 -3.47 10.52 -0.57
N GLU A 16 -3.78 9.37 0.03
CA GLU A 16 -5.10 9.14 0.60
C GLU A 16 -5.01 8.19 1.80
N GLY A 17 -5.77 8.50 2.85
CA GLY A 17 -5.76 7.67 4.04
C GLY A 17 -6.61 6.43 3.87
N GLN A 18 -7.90 6.62 3.63
CA GLN A 18 -8.82 5.50 3.47
C GLN A 18 -9.44 5.52 2.07
N VAL A 19 -9.19 4.45 1.31
CA VAL A 19 -9.73 4.35 -0.04
C VAL A 19 -10.37 2.98 -0.27
N GLU A 20 -11.67 2.98 -0.57
CA GLU A 20 -12.40 1.75 -0.81
C GLU A 20 -12.44 1.42 -2.30
N VAL A 21 -11.94 0.24 -2.65
CA VAL A 21 -11.92 -0.19 -4.05
C VAL A 21 -12.79 -1.43 -4.25
N HIS A 22 -13.37 -1.56 -5.44
CA HIS A 22 -14.23 -2.69 -5.77
C HIS A 22 -13.59 -3.55 -6.85
N ILE A 23 -13.29 -4.80 -6.51
CA ILE A 23 -12.69 -5.72 -7.46
C ILE A 23 -13.32 -7.11 -7.35
N PRO A 24 -13.58 -7.73 -8.51
CA PRO A 24 -14.18 -9.07 -8.57
C PRO A 24 -13.22 -10.16 -8.10
N GLU A 25 -13.77 -11.31 -7.73
CA GLU A 25 -12.96 -12.43 -7.26
C GLU A 25 -12.28 -13.14 -8.43
N ASN A 26 -12.86 -12.98 -9.61
CA ASN A 26 -12.31 -13.61 -10.82
C ASN A 26 -11.43 -12.64 -11.59
N ALA A 27 -11.02 -11.56 -10.93
CA ALA A 27 -10.18 -10.55 -11.56
C ALA A 27 -8.91 -11.18 -12.13
N PRO A 28 -8.46 -10.65 -13.28
CA PRO A 28 -7.26 -11.14 -13.95
C PRO A 28 -5.98 -10.82 -13.19
N VAL A 29 -5.02 -11.74 -13.22
CA VAL A 29 -3.76 -11.54 -12.53
C VAL A 29 -2.94 -10.42 -13.16
N GLY A 30 -2.47 -9.50 -12.32
CA GLY A 30 -1.68 -8.38 -12.81
C GLY A 30 -2.48 -7.10 -12.89
N THR A 31 -3.64 -7.09 -12.24
CA THR A 31 -4.51 -5.92 -12.25
C THR A 31 -4.07 -4.92 -11.17
N SER A 32 -4.19 -3.63 -11.49
CA SER A 32 -3.82 -2.59 -10.55
C SER A 32 -4.99 -2.20 -9.66
N VAL A 33 -4.93 -2.61 -8.39
CA VAL A 33 -6.00 -2.31 -7.44
C VAL A 33 -5.92 -0.86 -6.98
N ILE A 34 -4.88 -0.54 -6.22
CA ILE A 34 -4.69 0.82 -5.71
C ILE A 34 -3.24 1.25 -5.82
N GLN A 35 -3.02 2.55 -5.94
CA GLN A 35 -1.67 3.09 -6.06
C GLN A 35 -1.34 4.00 -4.88
N LEU A 36 -0.21 3.72 -4.23
CA LEU A 36 0.22 4.52 -3.08
C LEU A 36 1.46 5.34 -3.42
N HIS A 37 1.29 6.65 -3.51
CA HIS A 37 2.39 7.55 -3.83
C HIS A 37 2.82 8.34 -2.58
N ALA A 38 4.05 8.12 -2.14
CA ALA A 38 4.58 8.80 -0.97
C ALA A 38 5.80 9.65 -1.33
N THR A 39 5.77 10.92 -0.97
CA THR A 39 6.87 11.83 -1.26
C THR A 39 7.38 12.50 0.01
N ASP A 40 8.61 12.99 -0.03
CA ASP A 40 9.21 13.65 1.12
C ASP A 40 10.08 14.82 0.67
N ALA A 41 10.56 15.59 1.65
CA ALA A 41 11.40 16.75 1.35
C ALA A 41 12.41 16.43 0.25
N ASP A 42 12.14 16.92 -0.95
CA ASP A 42 13.03 16.69 -2.09
C ASP A 42 14.44 17.18 -1.79
N ILE A 43 14.60 18.50 -1.79
CA ILE A 43 15.91 19.10 -1.52
C ILE A 43 16.51 18.55 -0.23
N GLY A 44 17.62 17.82 -0.37
CA GLY A 44 18.28 17.25 0.79
C GLY A 44 18.91 15.91 0.49
N SER A 45 18.32 14.85 1.03
CA SER A 45 18.83 13.50 0.82
C SER A 45 17.77 12.60 0.20
N ASN A 46 18.20 11.70 -0.68
CA ASN A 46 17.28 10.78 -1.34
C ASN A 46 16.84 9.67 -0.40
N ALA A 47 15.53 9.59 -0.15
CA ALA A 47 14.97 8.58 0.74
C ALA A 47 14.10 7.59 -0.03
N GLU A 48 14.40 6.31 0.10
CA GLU A 48 13.64 5.27 -0.59
C GLU A 48 12.59 4.66 0.34
N ILE A 49 11.40 5.23 0.34
CA ILE A 49 10.31 4.74 1.18
C ILE A 49 9.95 3.30 0.84
N ARG A 50 10.07 2.41 1.82
CA ARG A 50 9.75 1.00 1.62
C ARG A 50 8.35 0.68 2.10
N TYR A 51 7.62 -0.11 1.32
CA TYR A 51 6.26 -0.49 1.66
C TYR A 51 6.19 -1.95 2.11
N ILE A 52 5.83 -2.17 3.37
CA ILE A 52 5.73 -3.51 3.92
C ILE A 52 4.34 -3.75 4.51
N PHE A 53 3.99 -5.03 4.63
CA PHE A 53 2.68 -5.41 5.19
C PHE A 53 2.59 -5.04 6.66
N GLY A 54 1.45 -4.47 7.05
CA GLY A 54 1.26 -4.07 8.43
C GLY A 54 1.32 -5.25 9.39
N ALA A 55 0.87 -5.04 10.62
CA ALA A 55 0.87 -6.09 11.63
C ALA A 55 -0.45 -6.86 11.62
N GLN A 56 -0.38 -8.13 12.01
CA GLN A 56 -1.56 -8.99 12.04
C GLN A 56 -2.19 -9.10 10.66
N VAL A 57 -1.36 -9.28 9.65
CA VAL A 57 -1.84 -9.41 8.27
C VAL A 57 -1.96 -10.87 7.86
N ALA A 58 -3.18 -11.30 7.58
CA ALA A 58 -3.43 -12.68 7.17
C ALA A 58 -2.43 -13.13 6.11
N PRO A 59 -2.03 -14.40 6.18
CA PRO A 59 -1.07 -14.99 5.24
C PRO A 59 -1.66 -15.14 3.85
N ALA A 60 -2.88 -15.65 3.77
CA ALA A 60 -3.55 -15.84 2.48
C ALA A 60 -3.57 -14.56 1.68
N THR A 61 -3.67 -13.42 2.38
CA THR A 61 -3.69 -12.12 1.71
C THR A 61 -2.34 -11.78 1.11
N LYS A 62 -1.34 -11.63 1.98
CA LYS A 62 0.01 -11.30 1.55
C LYS A 62 0.35 -12.02 0.24
N ARG A 63 -0.19 -13.22 0.08
CA ARG A 63 0.06 -14.01 -1.13
C ARG A 63 -0.87 -13.58 -2.26
N LEU A 64 -2.17 -13.81 -2.08
CA LEU A 64 -3.16 -13.44 -3.08
C LEU A 64 -2.82 -12.11 -3.72
N PHE A 65 -2.35 -11.17 -2.90
CA PHE A 65 -1.99 -9.84 -3.39
C PHE A 65 -0.49 -9.61 -3.26
N ALA A 66 0.08 -8.93 -4.25
CA ALA A 66 1.51 -8.63 -4.25
C ALA A 66 1.77 -7.14 -4.03
N LEU A 67 2.45 -6.81 -2.94
CA LEU A 67 2.75 -5.42 -2.61
C LEU A 67 4.23 -5.12 -2.87
N ASN A 68 4.50 -4.37 -3.93
CA ASN A 68 5.87 -4.01 -4.29
C ASN A 68 6.48 -3.07 -3.24
N ASN A 69 7.68 -3.39 -2.80
CA ASN A 69 8.38 -2.58 -1.81
C ASN A 69 9.25 -1.52 -2.47
N THR A 70 9.16 -1.43 -3.79
CA THR A 70 9.95 -0.46 -4.55
C THR A 70 9.05 0.55 -5.24
N THR A 71 7.81 0.15 -5.53
CA THR A 71 6.85 1.02 -6.19
C THR A 71 5.65 1.29 -5.30
N GLY A 72 5.47 0.47 -4.27
CA GLY A 72 4.36 0.64 -3.36
C GLY A 72 3.02 0.43 -4.04
N LEU A 73 3.00 -0.36 -5.10
CA LEU A 73 1.78 -0.63 -5.84
C LEU A 73 1.25 -2.03 -5.53
N ILE A 74 -0.05 -2.12 -5.26
CA ILE A 74 -0.68 -3.40 -4.95
C ILE A 74 -1.36 -3.99 -6.18
N THR A 75 -1.04 -5.25 -6.48
CA THR A 75 -1.64 -5.93 -7.62
C THR A 75 -2.09 -7.34 -7.26
N VAL A 76 -2.80 -7.99 -8.17
CA VAL A 76 -3.29 -9.34 -7.95
C VAL A 76 -2.28 -10.37 -8.44
N GLN A 77 -1.86 -11.25 -7.53
CA GLN A 77 -0.89 -12.29 -7.87
C GLN A 77 -1.60 -13.60 -8.23
N ARG A 78 -2.60 -13.95 -7.42
CA ARG A 78 -3.36 -15.18 -7.65
C ARG A 78 -4.86 -14.92 -7.53
N SER A 79 -5.66 -15.85 -8.04
CA SER A 79 -7.12 -15.72 -8.00
C SER A 79 -7.59 -15.45 -6.58
N LEU A 80 -8.75 -14.81 -6.46
CA LEU A 80 -9.32 -14.49 -5.15
C LEU A 80 -10.61 -15.26 -4.93
N ASP A 81 -11.01 -15.39 -3.67
CA ASP A 81 -12.24 -16.11 -3.32
C ASP A 81 -13.18 -15.21 -2.51
N ARG A 82 -14.46 -15.30 -2.81
CA ARG A 82 -15.47 -14.50 -2.12
C ARG A 82 -16.11 -15.30 -0.98
N GLU A 83 -16.12 -16.61 -1.12
CA GLU A 83 -16.70 -17.49 -0.11
C GLU A 83 -15.79 -17.60 1.11
N GLU A 84 -14.57 -17.10 0.98
CA GLU A 84 -13.60 -17.15 2.05
C GLU A 84 -13.48 -15.78 2.74
N THR A 85 -13.01 -14.79 1.98
CA THR A 85 -12.84 -13.44 2.51
C THR A 85 -13.49 -12.41 1.59
N ALA A 86 -14.59 -11.82 2.06
CA ALA A 86 -15.30 -10.81 1.27
C ALA A 86 -14.52 -9.49 1.24
N ILE A 87 -13.99 -9.11 2.39
CA ILE A 87 -13.22 -7.87 2.50
C ILE A 87 -11.76 -8.15 2.80
N HIS A 88 -10.87 -7.41 2.15
CA HIS A 88 -9.43 -7.58 2.35
C HIS A 88 -8.83 -6.34 3.01
N LYS A 89 -8.37 -6.51 4.25
CA LYS A 89 -7.76 -5.41 4.99
C LYS A 89 -6.23 -5.52 4.97
N VAL A 90 -5.59 -4.58 4.29
CA VAL A 90 -4.13 -4.57 4.20
C VAL A 90 -3.57 -3.18 4.54
N THR A 91 -2.67 -3.14 5.51
CA THR A 91 -2.06 -1.88 5.93
C THR A 91 -0.62 -1.78 5.42
N VAL A 92 -0.32 -0.68 4.74
CA VAL A 92 1.02 -0.45 4.20
C VAL A 92 1.80 0.52 5.07
N LEU A 93 3.05 0.19 5.35
CA LEU A 93 3.91 1.04 6.17
C LEU A 93 4.99 1.70 5.33
N ALA A 94 5.23 2.98 5.56
CA ALA A 94 6.25 3.73 4.83
C ALA A 94 7.40 4.12 5.73
N SER A 95 8.49 3.37 5.65
CA SER A 95 9.67 3.64 6.48
C SER A 95 10.83 4.15 5.63
N ASP A 96 11.21 5.41 5.84
CA ASP A 96 12.31 6.01 5.09
C ASP A 96 13.43 6.43 6.02
N GLY A 97 13.27 6.18 7.31
CA GLY A 97 14.28 6.53 8.28
C GLY A 97 13.81 7.62 9.23
N SER A 98 12.56 7.51 9.68
CA SER A 98 11.99 8.50 10.58
C SER A 98 11.53 7.85 11.88
N SER A 99 11.00 8.65 12.79
CA SER A 99 10.52 8.16 14.07
C SER A 99 9.59 6.97 13.89
N THR A 100 8.39 7.22 13.39
CA THR A 100 7.41 6.18 13.16
C THR A 100 6.94 6.17 11.71
N PRO A 101 6.69 4.96 11.18
CA PRO A 101 6.23 4.78 9.80
C PRO A 101 4.81 5.29 9.58
N ALA A 102 4.41 5.42 8.32
CA ALA A 102 3.08 5.90 7.99
C ALA A 102 2.08 4.73 7.94
N ARG A 103 0.82 5.03 8.22
CA ARG A 103 -0.22 4.01 8.19
C ARG A 103 -1.23 4.28 7.09
N ALA A 104 -1.59 3.24 6.35
CA ALA A 104 -2.55 3.36 5.26
C ALA A 104 -3.32 2.07 5.05
N THR A 105 -4.63 2.13 5.26
CA THR A 105 -5.48 0.96 5.11
C THR A 105 -6.26 1.01 3.79
N VAL A 106 -6.15 -0.06 3.01
CA VAL A 106 -6.85 -0.14 1.73
C VAL A 106 -8.00 -1.14 1.77
N THR A 107 -9.22 -0.63 1.92
CA THR A 107 -10.40 -1.47 1.98
C THR A 107 -10.77 -2.01 0.60
N ILE A 108 -10.44 -3.28 0.36
CA ILE A 108 -10.73 -3.91 -0.91
C ILE A 108 -11.96 -4.80 -0.82
N ASN A 109 -13.03 -4.40 -1.49
CA ASN A 109 -14.28 -5.15 -1.48
C ASN A 109 -14.32 -6.15 -2.63
N VAL A 110 -14.77 -7.37 -2.33
CA VAL A 110 -14.86 -8.42 -3.34
C VAL A 110 -16.29 -8.60 -3.83
N THR A 111 -16.52 -8.33 -5.11
CA THR A 111 -17.84 -8.46 -5.70
C THR A 111 -17.97 -9.76 -6.48
N ASP A 112 -19.20 -10.08 -6.89
CA ASP A 112 -19.46 -11.30 -7.65
C ASP A 112 -19.13 -11.10 -9.12
N VAL A 113 -18.99 -12.20 -9.86
CA VAL A 113 -18.68 -12.15 -11.28
C VAL A 113 -19.78 -12.81 -12.11
N ASN A 114 -20.47 -13.76 -11.50
CA ASN A 114 -21.55 -14.48 -12.17
C ASN A 114 -22.49 -13.51 -12.87
N GLY A 1 28.54 10.17 9.44
CA GLY A 1 28.87 8.91 10.10
C GLY A 1 28.56 7.71 9.22
N SER A 2 29.57 6.87 9.00
CA SER A 2 29.40 5.68 8.18
C SER A 2 28.57 5.99 6.94
N SER A 3 28.85 7.13 6.32
CA SER A 3 28.13 7.55 5.13
C SER A 3 26.63 7.30 5.28
N GLY A 4 26.10 7.62 6.45
CA GLY A 4 24.69 7.42 6.71
C GLY A 4 24.13 8.43 7.70
N SER A 5 24.44 9.70 7.48
CA SER A 5 23.97 10.76 8.37
C SER A 5 22.70 11.42 7.82
N SER A 6 21.91 12.01 8.70
CA SER A 6 20.68 12.67 8.30
C SER A 6 20.17 13.59 9.41
N GLY A 7 19.20 14.43 9.07
CA GLY A 7 18.65 15.35 10.04
C GLY A 7 17.13 15.30 10.09
N ASN A 8 16.49 15.91 9.09
CA ASN A 8 15.03 15.93 9.02
C ASN A 8 14.55 15.55 7.63
N ASP A 9 13.25 15.32 7.50
CA ASP A 9 12.66 14.94 6.23
C ASP A 9 11.14 14.87 6.33
N ASN A 10 10.45 15.68 5.54
CA ASN A 10 9.00 15.72 5.54
C ASN A 10 8.42 14.30 5.50
N ARG A 11 8.06 13.78 6.67
CA ARG A 11 7.50 12.43 6.75
C ARG A 11 6.58 12.14 5.57
N PRO A 12 6.50 10.86 5.18
CA PRO A 12 5.66 10.43 4.06
C PRO A 12 4.18 10.53 4.39
N VAL A 13 3.46 11.35 3.63
CA VAL A 13 2.03 11.53 3.83
C VAL A 13 1.22 10.77 2.79
N PHE A 14 0.33 9.90 3.25
CA PHE A 14 -0.50 9.12 2.35
C PHE A 14 -1.84 9.81 2.10
N LYS A 15 -2.04 10.26 0.87
CA LYS A 15 -3.27 10.94 0.50
C LYS A 15 -4.46 9.99 0.60
N GLU A 16 -5.54 10.48 1.20
CA GLU A 16 -6.76 9.68 1.35
C GLU A 16 -6.40 8.21 1.58
N GLY A 17 -5.56 7.94 2.57
CA GLY A 17 -5.16 6.59 2.87
C GLY A 17 -6.33 5.62 2.87
N GLN A 18 -7.41 6.01 3.54
CA GLN A 18 -8.60 5.17 3.62
C GLN A 18 -9.44 5.28 2.34
N VAL A 19 -9.62 4.16 1.66
CA VAL A 19 -10.40 4.14 0.43
C VAL A 19 -11.09 2.79 0.24
N GLU A 20 -12.15 2.79 -0.57
CA GLU A 20 -12.89 1.56 -0.84
C GLU A 20 -12.98 1.29 -2.33
N VAL A 21 -12.28 0.26 -2.79
CA VAL A 21 -12.27 -0.10 -4.20
C VAL A 21 -13.20 -1.29 -4.46
N HIS A 22 -13.54 -1.49 -5.73
CA HIS A 22 -14.42 -2.59 -6.12
C HIS A 22 -13.77 -3.46 -7.19
N ILE A 23 -13.32 -4.65 -6.81
CA ILE A 23 -12.68 -5.56 -7.75
C ILE A 23 -13.32 -6.94 -7.68
N PRO A 24 -13.57 -7.54 -8.86
CA PRO A 24 -14.17 -8.87 -8.96
C PRO A 24 -13.23 -9.98 -8.49
N GLU A 25 -13.80 -11.00 -7.88
CA GLU A 25 -13.00 -12.12 -7.38
C GLU A 25 -12.27 -12.82 -8.52
N ASN A 26 -12.85 -12.78 -9.72
CA ASN A 26 -12.25 -13.41 -10.88
C ASN A 26 -11.39 -12.41 -11.65
N ALA A 27 -11.08 -11.28 -11.01
CA ALA A 27 -10.26 -10.25 -11.63
C ALA A 27 -8.99 -10.86 -12.23
N PRO A 28 -8.57 -10.31 -13.38
CA PRO A 28 -7.37 -10.78 -14.09
C PRO A 28 -6.09 -10.42 -13.35
N VAL A 29 -5.17 -11.37 -13.27
CA VAL A 29 -3.90 -11.15 -12.59
C VAL A 29 -3.10 -10.03 -13.25
N GLY A 30 -2.45 -9.21 -12.43
CA GLY A 30 -1.67 -8.10 -12.96
C GLY A 30 -2.42 -6.80 -12.92
N THR A 31 -3.65 -6.84 -12.43
CA THR A 31 -4.48 -5.64 -12.35
C THR A 31 -4.09 -4.77 -11.16
N SER A 32 -4.11 -3.46 -11.35
CA SER A 32 -3.76 -2.53 -10.29
C SER A 32 -4.90 -2.40 -9.28
N VAL A 33 -4.69 -2.94 -8.09
CA VAL A 33 -5.69 -2.89 -7.03
C VAL A 33 -5.70 -1.52 -6.35
N ILE A 34 -4.63 -1.23 -5.60
CA ILE A 34 -4.52 0.04 -4.89
C ILE A 34 -3.12 0.62 -5.05
N GLN A 35 -3.04 1.95 -5.10
CA GLN A 35 -1.76 2.63 -5.24
C GLN A 35 -1.59 3.70 -4.17
N LEU A 36 -0.47 3.64 -3.45
CA LEU A 36 -0.19 4.60 -2.39
C LEU A 36 0.78 5.66 -2.86
N HIS A 37 0.62 6.88 -2.36
CA HIS A 37 1.49 8.00 -2.73
C HIS A 37 2.32 8.45 -1.55
N ALA A 38 3.63 8.21 -1.62
CA ALA A 38 4.54 8.59 -0.55
C ALA A 38 5.64 9.50 -1.08
N THR A 39 5.60 10.77 -0.68
CA THR A 39 6.60 11.74 -1.11
C THR A 39 7.05 12.62 0.05
N ASP A 40 8.36 12.69 0.25
CA ASP A 40 8.92 13.50 1.33
C ASP A 40 9.60 14.75 0.78
N ALA A 41 10.31 14.59 -0.33
CA ALA A 41 11.01 15.71 -0.96
C ALA A 41 10.86 15.66 -2.48
N ASP A 42 10.82 16.84 -3.10
CA ASP A 42 10.68 16.92 -4.55
C ASP A 42 12.03 17.17 -5.21
N ILE A 43 12.75 18.16 -4.71
CA ILE A 43 14.06 18.50 -5.26
C ILE A 43 15.10 17.44 -4.90
N GLY A 44 15.59 16.74 -5.91
CA GLY A 44 16.59 15.70 -5.67
C GLY A 44 16.00 14.31 -5.73
N SER A 45 15.04 14.04 -4.85
CA SER A 45 14.39 12.74 -4.79
C SER A 45 15.39 11.66 -4.40
N ASN A 46 16.18 11.95 -3.37
CA ASN A 46 17.19 10.99 -2.89
C ASN A 46 16.67 10.23 -1.67
N ALA A 47 15.39 9.89 -1.70
CA ALA A 47 14.77 9.15 -0.60
C ALA A 47 13.99 7.95 -1.12
N GLU A 48 14.59 6.77 -1.00
CA GLU A 48 13.95 5.53 -1.46
C GLU A 48 13.16 4.88 -0.33
N ILE A 49 11.87 5.22 -0.26
CA ILE A 49 10.99 4.67 0.77
C ILE A 49 10.52 3.27 0.40
N ARG A 50 10.82 2.30 1.26
CA ARG A 50 10.43 0.92 1.02
C ARG A 50 9.23 0.55 1.88
N TYR A 51 8.11 0.21 1.22
CA TYR A 51 6.90 -0.16 1.93
C TYR A 51 6.97 -1.62 2.39
N ILE A 52 6.14 -1.96 3.38
CA ILE A 52 6.11 -3.30 3.91
C ILE A 52 4.74 -3.63 4.51
N PHE A 53 4.55 -4.88 4.91
CA PHE A 53 3.29 -5.31 5.50
C PHE A 53 3.16 -4.82 6.94
N GLY A 54 2.06 -4.15 7.23
CA GLY A 54 1.83 -3.63 8.57
C GLY A 54 1.65 -4.74 9.59
N ALA A 55 1.02 -4.40 10.72
CA ALA A 55 0.78 -5.37 11.77
C ALA A 55 -0.61 -5.98 11.66
N GLN A 56 -0.78 -7.17 12.23
CA GLN A 56 -2.06 -7.86 12.19
C GLN A 56 -2.46 -8.17 10.75
N VAL A 57 -1.49 -8.54 9.93
CA VAL A 57 -1.75 -8.87 8.53
C VAL A 57 -1.76 -10.37 8.32
N ALA A 58 -2.82 -10.87 7.69
CA ALA A 58 -2.96 -12.29 7.41
C ALA A 58 -1.98 -12.74 6.33
N PRO A 59 -1.59 -14.02 6.37
CA PRO A 59 -0.66 -14.60 5.41
C PRO A 59 -1.27 -14.74 4.02
N ALA A 60 -2.49 -15.27 3.97
CA ALA A 60 -3.19 -15.46 2.71
C ALA A 60 -3.29 -14.15 1.94
N THR A 61 -3.46 -13.05 2.66
CA THR A 61 -3.57 -11.73 2.03
C THR A 61 -2.24 -11.30 1.43
N LYS A 62 -1.15 -11.84 1.97
CA LYS A 62 0.19 -11.52 1.49
C LYS A 62 0.48 -12.22 0.16
N ARG A 63 0.01 -13.45 0.04
CA ARG A 63 0.21 -14.23 -1.17
C ARG A 63 -0.83 -13.88 -2.23
N LEU A 64 -2.10 -13.99 -1.87
CA LEU A 64 -3.19 -13.67 -2.79
C LEU A 64 -2.98 -12.31 -3.43
N PHE A 65 -2.43 -11.37 -2.67
CA PHE A 65 -2.17 -10.03 -3.18
C PHE A 65 -0.68 -9.73 -3.19
N ALA A 66 -0.21 -9.10 -4.26
CA ALA A 66 1.19 -8.76 -4.39
C ALA A 66 1.43 -7.28 -4.07
N LEU A 67 2.21 -7.03 -3.02
CA LEU A 67 2.51 -5.66 -2.62
C LEU A 67 3.97 -5.31 -2.90
N ASN A 68 4.18 -4.51 -3.92
CA ASN A 68 5.53 -4.10 -4.30
C ASN A 68 6.17 -3.23 -3.21
N ASN A 69 7.27 -3.71 -2.65
CA ASN A 69 7.97 -2.98 -1.59
C ASN A 69 8.90 -1.93 -2.19
N THR A 70 8.83 -1.77 -3.51
CA THR A 70 9.67 -0.80 -4.20
C THR A 70 8.86 0.41 -4.66
N THR A 71 7.57 0.19 -4.90
CA THR A 71 6.68 1.25 -5.34
C THR A 71 5.45 1.34 -4.45
N GLY A 72 5.08 0.23 -3.84
CA GLY A 72 3.92 0.20 -2.97
C GLY A 72 2.63 -0.05 -3.72
N LEU A 73 2.75 -0.44 -4.98
CA LEU A 73 1.59 -0.71 -5.82
C LEU A 73 1.12 -2.15 -5.65
N ILE A 74 -0.10 -2.32 -5.14
CA ILE A 74 -0.66 -3.65 -4.93
C ILE A 74 -1.41 -4.12 -6.17
N THR A 75 -0.99 -5.27 -6.70
CA THR A 75 -1.62 -5.84 -7.88
C THR A 75 -2.03 -7.29 -7.65
N VAL A 76 -3.05 -7.74 -8.36
CA VAL A 76 -3.53 -9.12 -8.23
C VAL A 76 -2.43 -10.11 -8.54
N GLN A 77 -1.96 -10.80 -7.50
CA GLN A 77 -0.90 -11.79 -7.66
C GLN A 77 -1.47 -13.13 -8.10
N ARG A 78 -2.62 -13.50 -7.53
CA ARG A 78 -3.27 -14.76 -7.86
C ARG A 78 -4.78 -14.63 -7.77
N SER A 79 -5.50 -15.65 -8.25
CA SER A 79 -6.94 -15.65 -8.22
C SER A 79 -7.45 -15.51 -6.79
N LEU A 80 -8.43 -14.63 -6.60
CA LEU A 80 -9.00 -14.39 -5.28
C LEU A 80 -10.27 -15.23 -5.08
N ASP A 81 -10.71 -15.34 -3.84
CA ASP A 81 -11.91 -16.10 -3.52
C ASP A 81 -12.81 -15.33 -2.56
N ARG A 82 -14.07 -15.17 -2.95
CA ARG A 82 -15.04 -14.45 -2.13
C ARG A 82 -15.69 -15.38 -1.10
N GLU A 83 -15.67 -16.67 -1.38
CA GLU A 83 -16.26 -17.65 -0.48
C GLU A 83 -15.62 -17.56 0.90
N GLU A 84 -14.29 -17.46 0.93
CA GLU A 84 -13.57 -17.37 2.19
C GLU A 84 -13.71 -15.98 2.81
N THR A 85 -13.23 -14.97 2.08
CA THR A 85 -13.30 -13.59 2.55
C THR A 85 -13.69 -12.64 1.42
N ALA A 86 -14.65 -11.78 1.68
CA ALA A 86 -15.11 -10.81 0.68
C ALA A 86 -14.39 -9.47 0.84
N ILE A 87 -14.07 -9.12 2.08
CA ILE A 87 -13.39 -7.87 2.37
C ILE A 87 -11.92 -8.11 2.69
N HIS A 88 -11.03 -7.50 1.90
CA HIS A 88 -9.60 -7.64 2.09
C HIS A 88 -8.99 -6.36 2.63
N LYS A 89 -8.42 -6.43 3.83
CA LYS A 89 -7.79 -5.27 4.45
C LYS A 89 -6.28 -5.41 4.47
N VAL A 90 -5.60 -4.56 3.70
CA VAL A 90 -4.15 -4.58 3.63
C VAL A 90 -3.55 -3.25 4.08
N THR A 91 -2.72 -3.31 5.12
CA THR A 91 -2.08 -2.11 5.65
C THR A 91 -0.64 -1.99 5.16
N VAL A 92 -0.27 -0.79 4.71
CA VAL A 92 1.08 -0.55 4.22
C VAL A 92 1.80 0.47 5.08
N LEU A 93 3.02 0.14 5.49
CA LEU A 93 3.82 1.03 6.33
C LEU A 93 5.02 1.59 5.55
N ALA A 94 5.11 2.91 5.49
CA ALA A 94 6.20 3.57 4.78
C ALA A 94 7.27 4.07 5.75
N SER A 95 8.52 3.72 5.50
CA SER A 95 9.62 4.13 6.35
C SER A 95 10.78 4.68 5.52
N ASP A 96 11.17 5.91 5.79
CA ASP A 96 12.26 6.55 5.07
C ASP A 96 13.52 6.58 5.93
N GLY A 97 13.38 6.98 7.18
CA GLY A 97 14.52 7.05 8.08
C GLY A 97 14.38 8.14 9.11
N SER A 98 14.66 7.81 10.37
CA SER A 98 14.56 8.76 11.46
C SER A 98 13.23 9.51 11.40
N SER A 99 12.13 8.76 11.29
CA SER A 99 10.80 9.36 11.22
C SER A 99 9.73 8.27 11.26
N THR A 100 8.90 8.31 12.30
CA THR A 100 7.83 7.33 12.45
C THR A 100 7.21 6.97 11.10
N PRO A 101 6.93 5.67 10.91
CA PRO A 101 6.33 5.18 9.67
C PRO A 101 4.88 5.61 9.50
N ALA A 102 4.44 5.71 8.26
CA ALA A 102 3.07 6.12 7.97
C ALA A 102 2.19 4.92 7.63
N ARG A 103 1.17 4.70 8.45
CA ARG A 103 0.25 3.59 8.25
C ARG A 103 -0.93 3.99 7.37
N ALA A 104 -1.24 3.17 6.39
CA ALA A 104 -2.34 3.44 5.48
C ALA A 104 -3.19 2.19 5.24
N THR A 105 -4.48 2.30 5.50
CA THR A 105 -5.39 1.17 5.31
C THR A 105 -6.15 1.28 3.99
N VAL A 106 -6.36 0.15 3.34
CA VAL A 106 -7.07 0.12 2.07
C VAL A 106 -8.12 -0.99 2.04
N THR A 107 -9.38 -0.60 1.95
CA THR A 107 -10.48 -1.57 1.92
C THR A 107 -10.75 -2.04 0.50
N ILE A 108 -10.79 -3.36 0.32
CA ILE A 108 -11.04 -3.94 -0.99
C ILE A 108 -12.34 -4.76 -0.99
N ASN A 109 -13.37 -4.21 -1.62
CA ASN A 109 -14.66 -4.89 -1.68
C ASN A 109 -14.70 -5.86 -2.87
N VAL A 110 -15.03 -7.11 -2.59
CA VAL A 110 -15.12 -8.14 -3.63
C VAL A 110 -16.55 -8.30 -4.14
N THR A 111 -16.71 -8.22 -5.46
CA THR A 111 -18.02 -8.35 -6.07
C THR A 111 -18.12 -9.64 -6.88
N ASP A 112 -19.35 -10.05 -7.17
CA ASP A 112 -19.59 -11.27 -7.94
C ASP A 112 -19.26 -11.05 -9.42
N VAL A 113 -19.04 -12.16 -10.13
CA VAL A 113 -18.72 -12.08 -11.56
C VAL A 113 -19.74 -12.86 -12.39
N ASN A 114 -20.48 -13.73 -11.73
CA ASN A 114 -21.50 -14.53 -12.41
C ASN A 114 -22.82 -13.77 -12.51
N GLY A 1 13.33 28.77 -6.16
CA GLY A 1 12.77 28.86 -4.82
C GLY A 1 13.78 29.28 -3.79
N SER A 2 13.56 28.89 -2.54
CA SER A 2 14.47 29.23 -1.45
C SER A 2 14.58 28.09 -0.45
N SER A 3 15.79 27.87 0.06
CA SER A 3 16.03 26.81 1.02
C SER A 3 15.46 27.17 2.39
N GLY A 4 15.92 28.29 2.93
CA GLY A 4 15.45 28.74 4.23
C GLY A 4 15.84 27.78 5.34
N SER A 5 15.61 28.20 6.59
CA SER A 5 15.93 27.36 7.74
C SER A 5 14.68 27.05 8.56
N SER A 6 13.58 26.76 7.86
CA SER A 6 12.33 26.45 8.53
C SER A 6 11.71 25.19 7.94
N GLY A 7 10.89 24.51 8.74
CA GLY A 7 10.24 23.29 8.28
C GLY A 7 8.82 23.16 8.77
N ASN A 8 8.09 22.20 8.24
CA ASN A 8 6.70 21.98 8.63
C ASN A 8 6.52 20.59 9.23
N ASP A 9 7.34 19.65 8.78
CA ASP A 9 7.27 18.28 9.27
C ASP A 9 8.51 17.49 8.86
N ASN A 10 8.70 16.32 9.47
CA ASN A 10 9.85 15.47 9.16
C ASN A 10 9.40 14.07 8.76
N ARG A 11 8.26 13.64 9.30
CA ARG A 11 7.72 12.33 9.00
C ARG A 11 6.93 12.35 7.69
N PRO A 12 7.01 11.23 6.93
CA PRO A 12 6.32 11.10 5.64
C PRO A 12 4.80 11.01 5.82
N VAL A 13 4.08 11.43 4.78
CA VAL A 13 2.62 11.39 4.81
C VAL A 13 2.06 10.78 3.53
N PHE A 14 0.97 10.04 3.66
CA PHE A 14 0.34 9.40 2.52
C PHE A 14 -0.69 10.33 1.88
N LYS A 15 -0.68 10.38 0.54
CA LYS A 15 -1.61 11.22 -0.20
C LYS A 15 -3.01 11.14 0.39
N GLU A 16 -3.40 9.94 0.80
CA GLU A 16 -4.72 9.73 1.39
C GLU A 16 -4.66 8.74 2.54
N GLY A 17 -5.81 8.44 3.12
CA GLY A 17 -5.87 7.50 4.23
C GLY A 17 -6.59 6.22 3.87
N GLN A 18 -7.89 6.31 3.64
CA GLN A 18 -8.70 5.14 3.30
C GLN A 18 -9.27 5.27 1.89
N VAL A 19 -9.38 4.15 1.19
CA VAL A 19 -9.92 4.14 -0.17
C VAL A 19 -10.61 2.83 -0.48
N GLU A 20 -11.92 2.90 -0.72
CA GLU A 20 -12.70 1.70 -1.03
C GLU A 20 -12.63 1.37 -2.52
N VAL A 21 -12.10 0.19 -2.83
CA VAL A 21 -11.97 -0.25 -4.21
C VAL A 21 -12.89 -1.43 -4.51
N HIS A 22 -13.19 -1.64 -5.78
CA HIS A 22 -14.05 -2.74 -6.19
C HIS A 22 -13.33 -3.64 -7.19
N ILE A 23 -13.08 -4.89 -6.79
CA ILE A 23 -12.40 -5.85 -7.65
C ILE A 23 -13.12 -7.20 -7.63
N PRO A 24 -13.34 -7.77 -8.83
CA PRO A 24 -14.02 -9.06 -8.97
C PRO A 24 -13.16 -10.21 -8.49
N GLU A 25 -13.80 -11.18 -7.84
CA GLU A 25 -13.10 -12.35 -7.31
C GLU A 25 -12.31 -13.05 -8.41
N ASN A 26 -12.86 -13.05 -9.62
CA ASN A 26 -12.21 -13.69 -10.76
C ASN A 26 -11.35 -12.69 -11.53
N ALA A 27 -10.89 -11.66 -10.82
CA ALA A 27 -10.06 -10.63 -11.44
C ALA A 27 -8.81 -11.24 -12.07
N PRO A 28 -8.38 -10.67 -13.21
CA PRO A 28 -7.19 -11.14 -13.92
C PRO A 28 -5.90 -10.85 -13.18
N VAL A 29 -5.05 -11.87 -13.04
CA VAL A 29 -3.78 -11.72 -12.35
C VAL A 29 -2.96 -10.58 -12.94
N GLY A 30 -2.74 -9.53 -12.14
CA GLY A 30 -1.98 -8.40 -12.60
C GLY A 30 -2.79 -7.12 -12.63
N THR A 31 -3.95 -7.15 -11.97
CA THR A 31 -4.82 -5.98 -11.92
C THR A 31 -4.40 -5.01 -10.82
N SER A 32 -4.32 -3.74 -11.16
CA SER A 32 -3.92 -2.71 -10.19
C SER A 32 -5.05 -2.42 -9.21
N VAL A 33 -4.81 -2.74 -7.94
CA VAL A 33 -5.81 -2.51 -6.90
C VAL A 33 -5.74 -1.08 -6.37
N ILE A 34 -4.65 -0.76 -5.68
CA ILE A 34 -4.46 0.58 -5.13
C ILE A 34 -3.00 1.03 -5.28
N GLN A 35 -2.82 2.32 -5.55
CA GLN A 35 -1.49 2.89 -5.72
C GLN A 35 -1.20 3.92 -4.63
N LEU A 36 -0.11 3.70 -3.89
CA LEU A 36 0.28 4.61 -2.82
C LEU A 36 1.49 5.45 -3.23
N HIS A 37 1.40 6.76 -3.03
CA HIS A 37 2.49 7.66 -3.37
C HIS A 37 2.87 8.53 -2.17
N ALA A 38 4.00 8.21 -1.55
CA ALA A 38 4.48 8.97 -0.40
C ALA A 38 5.93 9.39 -0.58
N THR A 39 6.13 10.59 -1.14
CA THR A 39 7.47 11.10 -1.38
C THR A 39 7.83 12.17 -0.35
N ASP A 40 9.12 12.43 -0.20
CA ASP A 40 9.59 13.43 0.75
C ASP A 40 10.05 14.69 0.03
N ALA A 41 10.44 15.70 0.79
CA ALA A 41 10.90 16.96 0.23
C ALA A 41 11.84 16.72 -0.94
N ASP A 42 11.31 16.77 -2.16
CA ASP A 42 12.11 16.55 -3.36
C ASP A 42 13.50 17.15 -3.20
N ILE A 43 13.56 18.36 -2.63
CA ILE A 43 14.83 19.03 -2.41
C ILE A 43 15.80 18.16 -1.60
N GLY A 44 16.62 17.39 -2.30
CA GLY A 44 17.57 16.52 -1.62
C GLY A 44 16.92 15.30 -1.02
N SER A 45 16.74 14.27 -1.84
CA SER A 45 16.11 13.03 -1.38
C SER A 45 17.17 12.01 -0.98
N ASN A 46 17.72 12.19 0.21
CA ASN A 46 18.75 11.27 0.72
C ASN A 46 18.13 10.22 1.65
N ALA A 47 16.92 9.78 1.31
CA ALA A 47 16.23 8.78 2.10
C ALA A 47 15.95 7.52 1.28
N GLU A 48 15.35 6.53 1.91
CA GLU A 48 15.02 5.27 1.24
C GLU A 48 13.59 4.85 1.55
N ILE A 49 12.63 5.43 0.83
CA ILE A 49 11.23 5.11 1.03
C ILE A 49 10.94 3.65 0.67
N ARG A 50 10.49 2.89 1.66
CA ARG A 50 10.18 1.47 1.45
C ARG A 50 8.79 1.14 2.01
N TYR A 51 8.06 0.31 1.27
CA TYR A 51 6.71 -0.09 1.69
C TYR A 51 6.67 -1.58 2.02
N ILE A 52 6.35 -1.90 3.27
CA ILE A 52 6.27 -3.29 3.71
C ILE A 52 4.86 -3.63 4.19
N PHE A 53 4.60 -4.92 4.34
CA PHE A 53 3.29 -5.39 4.79
C PHE A 53 3.07 -5.03 6.26
N GLY A 54 1.85 -4.60 6.59
CA GLY A 54 1.53 -4.24 7.96
C GLY A 54 1.90 -5.32 8.95
N ALA A 55 1.56 -5.12 10.21
CA ALA A 55 1.85 -6.09 11.26
C ALA A 55 0.74 -7.11 11.39
N GLN A 56 1.08 -8.28 11.93
CA GLN A 56 0.10 -9.35 12.12
C GLN A 56 -0.77 -9.50 10.87
N VAL A 57 -0.14 -9.53 9.71
CA VAL A 57 -0.86 -9.67 8.45
C VAL A 57 -0.85 -11.13 7.97
N ALA A 58 -2.00 -11.77 8.03
CA ALA A 58 -2.13 -13.15 7.60
C ALA A 58 -1.37 -13.40 6.30
N PRO A 59 -0.98 -14.66 6.07
CA PRO A 59 -0.23 -15.05 4.87
C PRO A 59 -1.09 -14.99 3.62
N ALA A 60 -2.29 -15.55 3.69
CA ALA A 60 -3.21 -15.56 2.56
C ALA A 60 -3.35 -14.16 1.97
N THR A 61 -3.69 -13.19 2.81
CA THR A 61 -3.86 -11.81 2.37
C THR A 61 -2.63 -11.33 1.60
N LYS A 62 -1.53 -12.05 1.75
CA LYS A 62 -0.28 -11.69 1.07
C LYS A 62 -0.04 -12.60 -0.12
N ARG A 63 -0.66 -13.77 -0.11
CA ARG A 63 -0.51 -14.73 -1.20
C ARG A 63 -1.43 -14.38 -2.37
N LEU A 64 -2.58 -13.81 -2.05
CA LEU A 64 -3.55 -13.43 -3.08
C LEU A 64 -3.17 -12.08 -3.70
N PHE A 65 -2.58 -11.21 -2.89
CA PHE A 65 -2.16 -9.89 -3.36
C PHE A 65 -0.66 -9.70 -3.23
N ALA A 66 -0.06 -9.04 -4.21
CA ALA A 66 1.39 -8.79 -4.20
C ALA A 66 1.69 -7.31 -4.07
N LEU A 67 2.35 -6.93 -2.98
CA LEU A 67 2.70 -5.54 -2.73
C LEU A 67 4.15 -5.27 -3.11
N ASN A 68 4.39 -4.11 -3.71
CA ASN A 68 5.73 -3.73 -4.13
C ASN A 68 6.34 -2.70 -3.17
N ASN A 69 7.64 -2.81 -2.93
CA ASN A 69 8.33 -1.90 -2.02
C ASN A 69 9.16 -0.89 -2.81
N THR A 70 9.08 -0.97 -4.13
CA THR A 70 9.83 -0.06 -5.00
C THR A 70 8.90 0.95 -5.65
N THR A 71 7.64 0.57 -5.83
CA THR A 71 6.65 1.44 -6.44
C THR A 71 5.49 1.73 -5.49
N GLY A 72 5.23 0.78 -4.59
CA GLY A 72 4.16 0.95 -3.64
C GLY A 72 2.79 0.69 -4.24
N LEU A 73 2.72 -0.30 -5.12
CA LEU A 73 1.46 -0.64 -5.78
C LEU A 73 1.01 -2.05 -5.39
N ILE A 74 -0.29 -2.21 -5.15
CA ILE A 74 -0.84 -3.49 -4.78
C ILE A 74 -1.62 -4.12 -5.93
N THR A 75 -1.10 -5.23 -6.44
CA THR A 75 -1.74 -5.93 -7.56
C THR A 75 -2.13 -7.35 -7.15
N VAL A 76 -2.90 -8.01 -8.02
CA VAL A 76 -3.35 -9.38 -7.76
C VAL A 76 -2.28 -10.38 -8.17
N GLN A 77 -2.09 -11.40 -7.34
CA GLN A 77 -1.10 -12.43 -7.63
C GLN A 77 -1.77 -13.73 -8.04
N ARG A 78 -2.89 -14.06 -7.40
CA ARG A 78 -3.62 -15.28 -7.70
C ARG A 78 -5.12 -15.06 -7.52
N SER A 79 -5.92 -15.84 -8.24
CA SER A 79 -7.37 -15.73 -8.17
C SER A 79 -7.83 -15.53 -6.72
N LEU A 80 -8.95 -14.85 -6.54
CA LEU A 80 -9.49 -14.58 -5.22
C LEU A 80 -10.68 -15.49 -4.92
N ASP A 81 -10.98 -15.66 -3.64
CA ASP A 81 -12.10 -16.51 -3.23
C ASP A 81 -13.11 -15.70 -2.42
N ARG A 82 -14.31 -15.55 -2.97
CA ARG A 82 -15.38 -14.80 -2.29
C ARG A 82 -16.12 -15.68 -1.31
N GLU A 83 -16.29 -16.95 -1.66
CA GLU A 83 -16.99 -17.90 -0.80
C GLU A 83 -16.35 -17.95 0.59
N GLU A 84 -15.11 -17.48 0.68
CA GLU A 84 -14.39 -17.47 1.95
C GLU A 84 -14.40 -16.08 2.57
N THR A 85 -13.79 -15.12 1.87
CA THR A 85 -13.73 -13.75 2.35
C THR A 85 -14.21 -12.77 1.29
N ALA A 86 -14.82 -11.68 1.73
CA ALA A 86 -15.33 -10.66 0.82
C ALA A 86 -14.62 -9.34 1.02
N ILE A 87 -14.23 -9.06 2.26
CA ILE A 87 -13.54 -7.82 2.59
C ILE A 87 -12.08 -8.08 2.95
N HIS A 88 -11.16 -7.42 2.24
CA HIS A 88 -9.74 -7.58 2.49
C HIS A 88 -9.11 -6.27 2.94
N LYS A 89 -8.65 -6.24 4.19
CA LYS A 89 -8.02 -5.05 4.75
C LYS A 89 -6.51 -5.22 4.85
N VAL A 90 -5.79 -4.44 4.06
CA VAL A 90 -4.33 -4.50 4.07
C VAL A 90 -3.72 -3.17 4.52
N THR A 91 -2.76 -3.24 5.44
CA THR A 91 -2.10 -2.05 5.95
C THR A 91 -0.68 -1.93 5.42
N VAL A 92 -0.34 -0.76 4.89
CA VAL A 92 1.00 -0.52 4.36
C VAL A 92 1.79 0.44 5.24
N LEU A 93 3.09 0.21 5.33
CA LEU A 93 3.96 1.05 6.15
C LEU A 93 5.11 1.60 5.32
N ALA A 94 5.27 2.92 5.34
CA ALA A 94 6.34 3.57 4.59
C ALA A 94 7.40 4.14 5.53
N SER A 95 8.64 3.65 5.39
CA SER A 95 9.74 4.10 6.23
C SER A 95 10.78 4.84 5.40
N ASP A 96 11.47 5.78 6.03
CA ASP A 96 12.50 6.55 5.36
C ASP A 96 13.89 6.20 5.89
N GLY A 97 14.07 6.38 7.20
CA GLY A 97 15.35 6.08 7.82
C GLY A 97 15.40 6.50 9.28
N SER A 98 15.08 7.75 9.55
CA SER A 98 15.10 8.27 10.91
C SER A 98 13.73 8.84 11.29
N SER A 99 12.68 8.05 11.07
CA SER A 99 11.33 8.47 11.39
C SER A 99 10.38 7.28 11.38
N THR A 100 9.37 7.34 12.26
CA THR A 100 8.40 6.26 12.36
C THR A 100 7.62 6.09 11.06
N PRO A 101 7.30 4.83 10.72
CA PRO A 101 6.56 4.51 9.49
C PRO A 101 5.12 4.98 9.55
N ALA A 102 4.57 5.38 8.40
CA ALA A 102 3.20 5.85 8.32
C ALA A 102 2.23 4.68 8.14
N ARG A 103 1.00 4.85 8.62
CA ARG A 103 -0.01 3.81 8.50
C ARG A 103 -1.03 4.17 7.43
N ALA A 104 -1.36 3.19 6.59
CA ALA A 104 -2.33 3.40 5.52
C ALA A 104 -3.24 2.19 5.35
N THR A 105 -4.54 2.40 5.56
CA THR A 105 -5.51 1.32 5.44
C THR A 105 -6.22 1.36 4.09
N VAL A 106 -6.38 0.20 3.46
CA VAL A 106 -7.04 0.12 2.17
C VAL A 106 -8.14 -0.94 2.19
N THR A 107 -9.38 -0.49 2.02
CA THR A 107 -10.52 -1.40 2.01
C THR A 107 -10.78 -1.96 0.61
N ILE A 108 -10.80 -3.29 0.51
CA ILE A 108 -11.03 -3.95 -0.77
C ILE A 108 -12.32 -4.76 -0.74
N ASN A 109 -13.22 -4.46 -1.68
CA ASN A 109 -14.49 -5.17 -1.75
C ASN A 109 -14.49 -6.16 -2.92
N VAL A 110 -14.94 -7.38 -2.65
CA VAL A 110 -14.99 -8.43 -3.67
C VAL A 110 -16.39 -8.54 -4.25
N THR A 111 -16.51 -8.24 -5.54
CA THR A 111 -17.80 -8.31 -6.22
C THR A 111 -17.93 -9.62 -7.00
N ASP A 112 -19.15 -9.95 -7.39
CA ASP A 112 -19.42 -11.18 -8.14
C ASP A 112 -18.84 -11.08 -9.55
N VAL A 113 -18.95 -12.17 -10.30
CA VAL A 113 -18.44 -12.22 -11.66
C VAL A 113 -19.36 -13.02 -12.57
N ASN A 114 -19.80 -12.40 -13.66
CA ASN A 114 -20.69 -13.05 -14.61
C ASN A 114 -19.89 -13.88 -15.62
N GLY A 1 35.26 8.87 0.63
CA GLY A 1 34.88 10.18 1.13
C GLY A 1 33.76 10.10 2.14
N SER A 2 33.19 11.26 2.48
CA SER A 2 32.10 11.32 3.45
C SER A 2 31.23 12.56 3.22
N SER A 3 29.93 12.41 3.46
CA SER A 3 28.99 13.51 3.26
C SER A 3 27.86 13.44 4.29
N GLY A 4 27.13 14.54 4.42
CA GLY A 4 26.03 14.59 5.37
C GLY A 4 24.80 15.27 4.80
N SER A 5 23.69 15.18 5.52
CA SER A 5 22.44 15.78 5.08
C SER A 5 21.85 16.69 6.15
N SER A 6 21.48 17.90 5.77
CA SER A 6 20.91 18.86 6.71
C SER A 6 19.77 18.23 7.51
N GLY A 7 19.53 18.76 8.70
CA GLY A 7 18.47 18.25 9.54
C GLY A 7 17.09 18.52 8.98
N ASN A 8 16.56 17.55 8.23
CA ASN A 8 15.23 17.70 7.63
C ASN A 8 14.16 17.11 8.54
N ASP A 9 13.02 17.79 8.60
CA ASP A 9 11.91 17.33 9.43
C ASP A 9 10.60 17.29 8.63
N ASN A 10 10.19 16.09 8.26
CA ASN A 10 8.95 15.92 7.48
C ASN A 10 8.56 14.45 7.41
N ARG A 11 7.28 14.17 7.63
CA ARG A 11 6.78 12.80 7.59
C ARG A 11 6.03 12.54 6.29
N PRO A 12 6.19 11.31 5.75
CA PRO A 12 5.54 10.90 4.51
C PRO A 12 4.03 10.75 4.66
N VAL A 13 3.29 11.79 4.26
CA VAL A 13 1.84 11.76 4.35
C VAL A 13 1.22 11.04 3.16
N PHE A 14 0.51 9.95 3.45
CA PHE A 14 -0.13 9.16 2.40
C PHE A 14 -1.18 9.99 1.67
N LYS A 15 -0.92 10.30 0.42
CA LYS A 15 -1.85 11.08 -0.40
C LYS A 15 -3.29 10.69 -0.10
N GLU A 16 -3.55 9.39 -0.06
CA GLU A 16 -4.89 8.88 0.21
C GLU A 16 -4.85 7.80 1.29
N GLY A 17 -5.33 8.15 2.48
CA GLY A 17 -5.35 7.20 3.58
C GLY A 17 -6.25 6.01 3.31
N GLN A 18 -7.49 6.11 3.77
CA GLN A 18 -8.46 5.03 3.58
C GLN A 18 -9.19 5.18 2.24
N VAL A 19 -9.10 4.15 1.41
CA VAL A 19 -9.74 4.16 0.10
C VAL A 19 -10.49 2.86 -0.16
N GLU A 20 -11.70 2.98 -0.69
CA GLU A 20 -12.52 1.81 -0.99
C GLU A 20 -12.53 1.52 -2.49
N VAL A 21 -12.25 0.27 -2.84
CA VAL A 21 -12.22 -0.15 -4.23
C VAL A 21 -13.14 -1.35 -4.46
N HIS A 22 -13.61 -1.49 -5.71
CA HIS A 22 -14.50 -2.58 -6.06
C HIS A 22 -13.89 -3.45 -7.15
N ILE A 23 -13.46 -4.65 -6.78
CA ILE A 23 -12.85 -5.58 -7.72
C ILE A 23 -13.59 -6.92 -7.74
N PRO A 24 -13.84 -7.44 -8.94
CA PRO A 24 -14.54 -8.72 -9.12
C PRO A 24 -13.70 -9.91 -8.66
N GLU A 25 -14.37 -10.91 -8.11
CA GLU A 25 -13.68 -12.11 -7.64
C GLU A 25 -12.98 -12.83 -8.78
N ASN A 26 -13.57 -12.74 -9.97
CA ASN A 26 -12.99 -13.39 -11.15
C ASN A 26 -12.00 -12.47 -11.85
N ALA A 27 -11.54 -11.45 -11.13
CA ALA A 27 -10.58 -10.50 -11.67
C ALA A 27 -9.31 -11.20 -12.14
N PRO A 28 -8.74 -10.73 -13.25
CA PRO A 28 -7.53 -11.31 -13.83
C PRO A 28 -6.29 -11.03 -12.96
N VAL A 29 -5.56 -12.09 -12.65
CA VAL A 29 -4.36 -11.96 -11.83
C VAL A 29 -3.37 -10.98 -12.45
N GLY A 30 -2.89 -10.04 -11.63
CA GLY A 30 -1.95 -9.05 -12.12
C GLY A 30 -2.58 -7.69 -12.35
N THR A 31 -3.79 -7.51 -11.80
CA THR A 31 -4.51 -6.26 -11.94
C THR A 31 -4.14 -5.27 -10.83
N SER A 32 -3.82 -4.05 -11.22
CA SER A 32 -3.46 -3.01 -10.26
C SER A 32 -4.66 -2.60 -9.42
N VAL A 33 -4.58 -2.85 -8.12
CA VAL A 33 -5.66 -2.50 -7.21
C VAL A 33 -5.51 -1.07 -6.69
N ILE A 34 -4.47 -0.84 -5.90
CA ILE A 34 -4.21 0.48 -5.35
C ILE A 34 -2.72 0.80 -5.36
N GLN A 35 -2.40 2.08 -5.55
CA GLN A 35 -1.01 2.52 -5.57
C GLN A 35 -0.74 3.57 -4.50
N LEU A 36 0.39 3.44 -3.82
CA LEU A 36 0.77 4.37 -2.77
C LEU A 36 1.82 5.36 -3.26
N HIS A 37 1.61 6.64 -2.97
CA HIS A 37 2.55 7.68 -3.38
C HIS A 37 2.99 8.51 -2.19
N ALA A 38 4.23 8.29 -1.76
CA ALA A 38 4.78 9.03 -0.62
C ALA A 38 6.05 9.78 -1.01
N THR A 39 5.93 11.08 -1.23
CA THR A 39 7.07 11.90 -1.61
C THR A 39 7.27 13.05 -0.63
N ASP A 40 8.40 13.03 0.08
CA ASP A 40 8.70 14.07 1.05
C ASP A 40 8.98 15.41 0.34
N ALA A 41 9.17 16.45 1.13
CA ALA A 41 9.45 17.78 0.59
C ALA A 41 10.61 17.74 -0.40
N ASP A 42 10.30 17.91 -1.68
CA ASP A 42 11.31 17.89 -2.73
C ASP A 42 12.53 18.70 -2.31
N ILE A 43 12.30 19.92 -1.82
CA ILE A 43 13.38 20.79 -1.39
C ILE A 43 14.06 20.25 -0.13
N GLY A 44 15.31 19.83 -0.27
CA GLY A 44 16.04 19.31 0.86
C GLY A 44 17.05 18.24 0.46
N SER A 45 16.64 16.98 0.56
CA SER A 45 17.52 15.87 0.21
C SER A 45 16.70 14.67 -0.27
N ASN A 46 17.05 14.15 -1.45
CA ASN A 46 16.35 13.00 -2.02
C ASN A 46 16.31 11.84 -1.02
N ALA A 47 15.14 11.24 -0.87
CA ALA A 47 14.97 10.12 0.05
C ALA A 47 14.31 8.93 -0.66
N GLU A 48 14.66 7.73 -0.21
CA GLU A 48 14.10 6.51 -0.81
C GLU A 48 13.14 5.83 0.17
N ILE A 49 11.86 6.15 0.05
CA ILE A 49 10.85 5.56 0.91
C ILE A 49 10.49 4.15 0.46
N ARG A 50 10.58 3.19 1.38
CA ARG A 50 10.26 1.80 1.07
C ARG A 50 9.00 1.36 1.82
N TYR A 51 8.07 0.76 1.08
CA TYR A 51 6.83 0.29 1.66
C TYR A 51 6.87 -1.22 1.90
N ILE A 52 6.39 -1.64 3.07
CA ILE A 52 6.36 -3.06 3.41
C ILE A 52 5.05 -3.45 4.05
N PHE A 53 4.79 -4.76 4.11
CA PHE A 53 3.55 -5.26 4.70
C PHE A 53 3.46 -4.91 6.18
N GLY A 54 2.30 -4.41 6.59
CA GLY A 54 2.10 -4.05 7.98
C GLY A 54 2.39 -5.17 8.93
N ALA A 55 2.05 -4.99 10.20
CA ALA A 55 2.28 -6.01 11.21
C ALA A 55 1.07 -6.94 11.34
N GLN A 56 1.31 -8.16 11.83
CA GLN A 56 0.24 -9.13 11.99
C GLN A 56 -0.59 -9.25 10.72
N VAL A 57 0.09 -9.42 9.59
CA VAL A 57 -0.60 -9.54 8.30
C VAL A 57 -0.80 -11.01 7.93
N ALA A 58 -2.06 -11.42 7.80
CA ALA A 58 -2.39 -12.79 7.44
C ALA A 58 -1.76 -13.18 6.10
N PRO A 59 -1.34 -14.44 5.99
CA PRO A 59 -0.72 -14.96 4.77
C PRO A 59 -1.72 -15.09 3.62
N ALA A 60 -2.89 -15.61 3.93
CA ALA A 60 -3.94 -15.79 2.92
C ALA A 60 -4.13 -14.52 2.10
N THR A 61 -4.08 -13.37 2.77
CA THR A 61 -4.25 -12.09 2.11
C THR A 61 -3.07 -11.78 1.19
N LYS A 62 -1.86 -11.82 1.75
CA LYS A 62 -0.65 -11.55 0.98
C LYS A 62 -0.57 -12.46 -0.25
N ARG A 63 -1.07 -13.69 -0.09
CA ARG A 63 -1.04 -14.65 -1.19
C ARG A 63 -1.80 -14.11 -2.40
N LEU A 64 -3.03 -13.66 -2.17
CA LEU A 64 -3.86 -13.12 -3.24
C LEU A 64 -3.31 -11.79 -3.73
N PHE A 65 -3.09 -10.86 -2.80
CA PHE A 65 -2.56 -9.54 -3.15
C PHE A 65 -1.09 -9.43 -2.76
N ALA A 66 -0.27 -8.95 -3.70
CA ALA A 66 1.15 -8.79 -3.45
C ALA A 66 1.52 -7.32 -3.24
N LEU A 67 2.66 -7.08 -2.63
CA LEU A 67 3.11 -5.72 -2.36
C LEU A 67 4.61 -5.59 -2.64
N ASN A 68 4.96 -4.63 -3.49
CA ASN A 68 6.36 -4.39 -3.84
C ASN A 68 6.96 -3.30 -2.97
N ASN A 69 8.15 -3.57 -2.42
CA ASN A 69 8.82 -2.60 -1.56
C ASN A 69 9.66 -1.63 -2.39
N THR A 70 9.90 -2.00 -3.65
CA THR A 70 10.69 -1.17 -4.55
C THR A 70 9.81 -0.18 -5.30
N THR A 71 8.55 -0.55 -5.50
CA THR A 71 7.60 0.30 -6.20
C THR A 71 6.48 0.76 -5.28
N GLY A 72 6.19 -0.04 -4.26
CA GLY A 72 5.15 0.30 -3.32
C GLY A 72 3.76 0.22 -3.94
N LEU A 73 3.61 -0.64 -4.94
CA LEU A 73 2.33 -0.81 -5.61
C LEU A 73 1.74 -2.18 -5.33
N ILE A 74 0.45 -2.21 -5.02
CA ILE A 74 -0.24 -3.46 -4.73
C ILE A 74 -1.01 -3.96 -5.96
N THR A 75 -0.84 -5.25 -6.26
CA THR A 75 -1.51 -5.84 -7.40
C THR A 75 -2.01 -7.25 -7.07
N VAL A 76 -2.99 -7.72 -7.85
CA VAL A 76 -3.55 -9.05 -7.64
C VAL A 76 -2.53 -10.13 -7.93
N GLN A 77 -1.93 -10.68 -6.89
CA GLN A 77 -0.93 -11.73 -7.04
C GLN A 77 -1.57 -13.02 -7.57
N ARG A 78 -2.66 -13.43 -6.94
CA ARG A 78 -3.36 -14.64 -7.34
C ARG A 78 -4.88 -14.43 -7.33
N SER A 79 -5.60 -15.31 -8.00
CA SER A 79 -7.07 -15.21 -8.06
C SER A 79 -7.65 -14.96 -6.67
N LEU A 80 -8.83 -14.38 -6.64
CA LEU A 80 -9.51 -14.09 -5.38
C LEU A 80 -10.67 -15.05 -5.14
N ASP A 81 -10.86 -15.44 -3.89
CA ASP A 81 -11.94 -16.35 -3.53
C ASP A 81 -12.81 -15.74 -2.43
N ARG A 82 -14.12 -15.72 -2.68
CA ARG A 82 -15.07 -15.17 -1.72
C ARG A 82 -15.51 -16.23 -0.72
N GLU A 83 -15.78 -17.43 -1.22
CA GLU A 83 -16.21 -18.53 -0.37
C GLU A 83 -15.46 -18.53 0.96
N GLU A 84 -14.25 -17.98 0.93
CA GLU A 84 -13.42 -17.91 2.14
C GLU A 84 -13.51 -16.52 2.79
N THR A 85 -13.18 -15.50 2.01
CA THR A 85 -13.22 -14.12 2.51
C THR A 85 -13.80 -13.18 1.46
N ALA A 86 -14.71 -12.32 1.89
CA ALA A 86 -15.34 -11.36 0.99
C ALA A 86 -14.66 -10.00 1.09
N ILE A 87 -14.11 -9.70 2.26
CA ILE A 87 -13.43 -8.42 2.47
C ILE A 87 -11.98 -8.64 2.87
N HIS A 88 -11.07 -7.89 2.24
CA HIS A 88 -9.65 -7.99 2.53
C HIS A 88 -9.13 -6.71 3.16
N LYS A 89 -8.24 -6.86 4.14
CA LYS A 89 -7.66 -5.72 4.84
C LYS A 89 -6.14 -5.78 4.80
N VAL A 90 -5.55 -4.92 3.98
CA VAL A 90 -4.09 -4.87 3.86
C VAL A 90 -3.55 -3.54 4.36
N THR A 91 -2.48 -3.61 5.15
CA THR A 91 -1.85 -2.41 5.70
C THR A 91 -0.43 -2.24 5.18
N VAL A 92 -0.11 -1.04 4.72
CA VAL A 92 1.22 -0.74 4.19
C VAL A 92 1.87 0.41 4.96
N LEU A 93 3.15 0.25 5.26
CA LEU A 93 3.89 1.27 6.00
C LEU A 93 4.79 2.07 5.05
N ALA A 94 5.12 3.30 5.46
CA ALA A 94 5.97 4.16 4.66
C ALA A 94 7.04 4.84 5.51
N SER A 95 8.30 4.49 5.28
CA SER A 95 9.40 5.06 6.04
C SER A 95 10.31 5.90 5.13
N ASP A 96 10.66 7.09 5.59
CA ASP A 96 11.53 7.99 4.83
C ASP A 96 12.89 8.12 5.49
N GLY A 97 12.88 8.36 6.80
CA GLY A 97 14.13 8.51 7.53
C GLY A 97 14.01 9.50 8.68
N SER A 98 14.59 9.15 9.82
CA SER A 98 14.54 10.02 11.00
C SER A 98 13.11 10.42 11.32
N SER A 99 12.21 9.44 11.27
CA SER A 99 10.80 9.69 11.56
C SER A 99 10.01 8.39 11.57
N THR A 100 8.91 8.37 12.32
CA THR A 100 8.06 7.19 12.41
C THR A 100 7.28 6.96 11.13
N PRO A 101 7.20 5.70 10.70
CA PRO A 101 6.49 5.31 9.48
C PRO A 101 4.97 5.45 9.62
N ALA A 102 4.31 5.82 8.54
CA ALA A 102 2.86 5.98 8.54
C ALA A 102 2.16 4.69 8.14
N ARG A 103 0.87 4.59 8.46
CA ARG A 103 0.09 3.41 8.13
C ARG A 103 -1.17 3.79 7.36
N ALA A 104 -1.42 3.08 6.26
CA ALA A 104 -2.59 3.34 5.43
C ALA A 104 -3.44 2.09 5.26
N THR A 105 -4.67 2.13 5.75
CA THR A 105 -5.58 1.00 5.66
C THR A 105 -6.41 1.07 4.39
N VAL A 106 -6.27 0.05 3.54
CA VAL A 106 -7.01 -0.01 2.28
C VAL A 106 -8.02 -1.14 2.30
N THR A 107 -9.28 -0.80 2.03
CA THR A 107 -10.36 -1.79 2.01
C THR A 107 -10.64 -2.27 0.58
N ILE A 108 -10.45 -3.56 0.36
CA ILE A 108 -10.69 -4.15 -0.96
C ILE A 108 -11.95 -5.00 -0.96
N ASN A 109 -13.03 -4.45 -1.49
CA ASN A 109 -14.30 -5.16 -1.55
C ASN A 109 -14.37 -6.03 -2.80
N VAL A 110 -14.64 -7.32 -2.60
CA VAL A 110 -14.73 -8.27 -3.70
C VAL A 110 -16.18 -8.43 -4.16
N THR A 111 -16.45 -8.03 -5.40
CA THR A 111 -17.79 -8.14 -5.96
C THR A 111 -17.93 -9.39 -6.82
N ASP A 112 -19.17 -9.71 -7.20
CA ASP A 112 -19.44 -10.88 -8.02
C ASP A 112 -19.21 -10.57 -9.50
N VAL A 113 -19.47 -11.56 -10.35
CA VAL A 113 -19.29 -11.39 -11.78
C VAL A 113 -20.31 -12.23 -12.57
N ASN A 114 -20.99 -11.59 -13.51
CA ASN A 114 -21.99 -12.27 -14.33
C ASN A 114 -21.33 -13.18 -15.35
N GLY A 1 20.25 26.11 3.91
CA GLY A 1 21.13 25.79 5.02
C GLY A 1 22.42 25.13 4.58
N SER A 2 23.54 25.59 5.13
CA SER A 2 24.84 25.04 4.77
C SER A 2 25.54 24.47 6.01
N SER A 3 26.31 23.41 5.79
CA SER A 3 27.02 22.77 6.89
C SER A 3 26.12 22.58 8.10
N GLY A 4 24.88 22.17 7.85
CA GLY A 4 23.93 21.97 8.94
C GLY A 4 22.71 21.19 8.50
N SER A 5 22.45 20.06 9.15
CA SER A 5 21.31 19.22 8.82
C SER A 5 20.01 19.96 9.08
N SER A 6 19.61 20.79 8.13
CA SER A 6 18.37 21.56 8.26
C SER A 6 17.16 20.69 7.95
N GLY A 7 16.00 21.11 8.44
CA GLY A 7 14.77 20.36 8.21
C GLY A 7 14.63 19.16 9.12
N ASN A 8 13.47 19.03 9.76
CA ASN A 8 13.22 17.94 10.68
C ASN A 8 11.74 17.58 10.71
N ASP A 9 11.41 16.46 11.33
CA ASP A 9 10.03 16.01 11.44
C ASP A 9 9.34 16.04 10.07
N ASN A 10 10.04 15.55 9.06
CA ASN A 10 9.51 15.53 7.70
C ASN A 10 8.82 14.19 7.41
N ARG A 11 7.86 13.83 8.26
CA ARG A 11 7.14 12.58 8.09
C ARG A 11 6.41 12.55 6.75
N PRO A 12 6.39 11.37 6.10
CA PRO A 12 5.75 11.18 4.81
C PRO A 12 4.23 11.24 4.91
N VAL A 13 3.56 11.14 3.76
CA VAL A 13 2.09 11.19 3.73
C VAL A 13 1.55 10.22 2.68
N PHE A 14 0.54 9.45 3.07
CA PHE A 14 -0.08 8.48 2.18
C PHE A 14 -1.35 9.06 1.54
N LYS A 15 -1.16 9.93 0.56
CA LYS A 15 -2.29 10.56 -0.14
C LYS A 15 -3.42 9.55 -0.34
N GLU A 16 -4.64 9.98 -0.02
CA GLU A 16 -5.81 9.12 -0.17
C GLU A 16 -5.70 7.89 0.73
N GLY A 17 -5.32 8.11 1.98
CA GLY A 17 -5.18 7.01 2.91
C GLY A 17 -6.29 5.98 2.77
N GLN A 18 -7.39 6.20 3.48
CA GLN A 18 -8.52 5.29 3.43
C GLN A 18 -9.25 5.40 2.10
N VAL A 19 -9.29 4.29 1.35
CA VAL A 19 -9.95 4.27 0.06
C VAL A 19 -10.70 2.96 -0.16
N GLU A 20 -11.78 3.01 -0.94
CA GLU A 20 -12.58 1.82 -1.21
C GLU A 20 -12.53 1.46 -2.69
N VAL A 21 -12.45 0.17 -2.98
CA VAL A 21 -12.39 -0.31 -4.36
C VAL A 21 -13.32 -1.49 -4.57
N HIS A 22 -13.62 -1.79 -5.83
CA HIS A 22 -14.49 -2.91 -6.17
C HIS A 22 -13.87 -3.77 -7.26
N ILE A 23 -13.35 -4.94 -6.87
CA ILE A 23 -12.72 -5.85 -7.82
C ILE A 23 -13.38 -7.23 -7.77
N PRO A 24 -13.64 -7.80 -8.95
CA PRO A 24 -14.27 -9.12 -9.06
C PRO A 24 -13.35 -10.24 -8.62
N GLU A 25 -13.93 -11.31 -8.06
CA GLU A 25 -13.16 -12.44 -7.59
C GLU A 25 -12.34 -13.06 -8.72
N ASN A 26 -12.95 -13.13 -9.90
CA ASN A 26 -12.28 -13.70 -11.07
C ASN A 26 -11.43 -12.64 -11.78
N ALA A 27 -11.21 -11.52 -11.11
CA ALA A 27 -10.42 -10.44 -11.66
C ALA A 27 -9.14 -10.97 -12.30
N PRO A 28 -8.73 -10.34 -13.42
CA PRO A 28 -7.52 -10.74 -14.16
C PRO A 28 -6.25 -10.41 -13.39
N VAL A 29 -5.37 -11.40 -13.27
CA VAL A 29 -4.11 -11.22 -12.57
C VAL A 29 -3.31 -10.06 -13.17
N GLY A 30 -2.78 -9.21 -12.30
CA GLY A 30 -1.99 -8.08 -12.77
C GLY A 30 -2.77 -6.78 -12.74
N THR A 31 -3.94 -6.80 -12.10
CA THR A 31 -4.78 -5.61 -12.01
C THR A 31 -4.43 -4.78 -10.78
N SER A 32 -4.07 -3.53 -11.02
CA SER A 32 -3.71 -2.62 -9.92
C SER A 32 -4.93 -2.29 -9.06
N VAL A 33 -4.91 -2.77 -7.82
CA VAL A 33 -6.02 -2.52 -6.89
C VAL A 33 -5.89 -1.14 -6.26
N ILE A 34 -4.75 -0.88 -5.64
CA ILE A 34 -4.51 0.41 -4.99
C ILE A 34 -3.08 0.86 -5.18
N GLN A 35 -2.86 2.17 -5.15
CA GLN A 35 -1.53 2.74 -5.33
C GLN A 35 -1.24 3.79 -4.25
N LEU A 36 -0.11 3.64 -3.58
CA LEU A 36 0.29 4.58 -2.53
C LEU A 36 1.43 5.47 -3.01
N HIS A 37 1.38 6.73 -2.60
CA HIS A 37 2.41 7.70 -2.97
C HIS A 37 2.89 8.50 -1.76
N ALA A 38 4.09 8.21 -1.29
CA ALA A 38 4.65 8.91 -0.14
C ALA A 38 6.02 9.49 -0.46
N THR A 39 6.08 10.82 -0.57
CA THR A 39 7.32 11.50 -0.88
C THR A 39 7.62 12.60 0.14
N ASP A 40 8.86 12.65 0.61
CA ASP A 40 9.26 13.66 1.59
C ASP A 40 9.42 15.02 0.93
N ALA A 41 8.39 15.85 1.05
CA ALA A 41 8.41 17.19 0.45
C ALA A 41 9.81 17.78 0.50
N ASP A 42 10.57 17.43 1.54
CA ASP A 42 11.93 17.93 1.70
C ASP A 42 12.89 17.22 0.76
N ILE A 43 12.49 17.10 -0.51
CA ILE A 43 13.32 16.44 -1.51
C ILE A 43 14.69 17.10 -1.62
N GLY A 44 15.72 16.39 -1.16
CA GLY A 44 17.07 16.92 -1.22
C GLY A 44 18.08 16.00 -0.57
N SER A 45 17.71 15.40 0.54
CA SER A 45 18.60 14.49 1.26
C SER A 45 18.38 13.05 0.81
N ASN A 46 19.38 12.20 1.03
CA ASN A 46 19.30 10.80 0.65
C ASN A 46 18.26 10.07 1.50
N ALA A 47 17.04 9.99 0.98
CA ALA A 47 15.95 9.32 1.69
C ALA A 47 15.41 8.16 0.86
N GLU A 48 15.16 7.04 1.52
CA GLU A 48 14.63 5.85 0.85
C GLU A 48 13.39 5.32 1.57
N ILE A 49 12.24 5.44 0.91
CA ILE A 49 10.99 4.98 1.49
C ILE A 49 10.58 3.64 0.90
N ARG A 50 10.46 2.63 1.76
CA ARG A 50 10.09 1.29 1.33
C ARG A 50 8.66 0.97 1.77
N TYR A 51 7.99 0.12 1.00
CA TYR A 51 6.61 -0.27 1.31
C TYR A 51 6.54 -1.73 1.73
N ILE A 52 6.37 -1.95 3.03
CA ILE A 52 6.29 -3.32 3.56
C ILE A 52 4.90 -3.59 4.14
N PHE A 53 4.66 -4.85 4.48
CA PHE A 53 3.37 -5.25 5.04
C PHE A 53 3.14 -4.60 6.40
N GLY A 54 1.90 -4.20 6.66
CA GLY A 54 1.58 -3.56 7.92
C GLY A 54 1.43 -4.56 9.05
N ALA A 55 0.85 -4.12 10.16
CA ALA A 55 0.65 -4.98 11.31
C ALA A 55 -0.71 -5.68 11.25
N GLN A 56 -0.77 -6.89 11.81
CA GLN A 56 -2.01 -7.66 11.82
C GLN A 56 -2.48 -7.95 10.39
N VAL A 57 -1.57 -8.47 9.57
CA VAL A 57 -1.89 -8.79 8.19
C VAL A 57 -1.82 -10.30 7.94
N ALA A 58 -2.97 -10.88 7.60
CA ALA A 58 -3.04 -12.32 7.34
C ALA A 58 -2.02 -12.74 6.29
N PRO A 59 -1.56 -13.99 6.38
CA PRO A 59 -0.58 -14.54 5.44
C PRO A 59 -1.17 -14.76 4.05
N ALA A 60 -2.44 -15.15 4.00
CA ALA A 60 -3.12 -15.38 2.74
C ALA A 60 -3.17 -14.12 1.90
N THR A 61 -3.58 -13.01 2.52
CA THR A 61 -3.67 -11.74 1.83
C THR A 61 -2.33 -11.34 1.22
N LYS A 62 -1.24 -11.75 1.86
CA LYS A 62 0.10 -11.44 1.38
C LYS A 62 0.39 -12.16 0.07
N ARG A 63 -0.11 -13.39 -0.05
CA ARG A 63 0.09 -14.19 -1.25
C ARG A 63 -0.86 -13.75 -2.36
N LEU A 64 -2.16 -13.99 -2.15
CA LEU A 64 -3.17 -13.62 -3.14
C LEU A 64 -2.87 -12.24 -3.73
N PHE A 65 -2.54 -11.29 -2.87
CA PHE A 65 -2.23 -9.94 -3.31
C PHE A 65 -0.74 -9.64 -3.17
N ALA A 66 -0.13 -9.20 -4.26
CA ALA A 66 1.30 -8.88 -4.26
C ALA A 66 1.53 -7.40 -3.95
N LEU A 67 2.62 -7.11 -3.25
CA LEU A 67 2.95 -5.73 -2.90
C LEU A 67 4.38 -5.39 -3.33
N ASN A 68 4.54 -4.20 -3.90
CA ASN A 68 5.85 -3.75 -4.36
C ASN A 68 6.48 -2.81 -3.34
N ASN A 69 7.71 -3.13 -2.93
CA ASN A 69 8.43 -2.30 -1.96
C ASN A 69 9.20 -1.19 -2.65
N THR A 70 9.16 -1.19 -3.98
CA THR A 70 9.85 -0.18 -4.77
C THR A 70 8.88 0.82 -5.37
N THR A 71 7.64 0.38 -5.56
CA THR A 71 6.60 1.24 -6.12
C THR A 71 5.38 1.32 -5.21
N GLY A 72 5.45 0.61 -4.08
CA GLY A 72 4.35 0.61 -3.14
C GLY A 72 3.01 0.38 -3.81
N LEU A 73 3.00 -0.45 -4.85
CA LEU A 73 1.78 -0.76 -5.59
C LEU A 73 1.28 -2.16 -5.24
N ILE A 74 -0.05 -2.32 -5.22
CA ILE A 74 -0.65 -3.61 -4.91
C ILE A 74 -1.38 -4.17 -6.12
N THR A 75 -0.92 -5.32 -6.60
CA THR A 75 -1.53 -5.96 -7.75
C THR A 75 -2.01 -7.38 -7.41
N VAL A 76 -2.93 -7.89 -8.20
CA VAL A 76 -3.47 -9.23 -7.98
C VAL A 76 -2.47 -10.30 -8.39
N GLN A 77 -2.05 -11.12 -7.42
CA GLN A 77 -1.09 -12.19 -7.68
C GLN A 77 -1.78 -13.41 -8.27
N ARG A 78 -2.92 -13.79 -7.68
CA ARG A 78 -3.67 -14.94 -8.15
C ARG A 78 -5.16 -14.77 -7.86
N SER A 79 -5.97 -15.65 -8.43
CA SER A 79 -7.42 -15.59 -8.23
C SER A 79 -7.76 -15.39 -6.75
N LEU A 80 -9.00 -14.98 -6.48
CA LEU A 80 -9.45 -14.76 -5.12
C LEU A 80 -10.69 -15.58 -4.81
N ASP A 81 -11.03 -15.68 -3.53
CA ASP A 81 -12.20 -16.44 -3.10
C ASP A 81 -13.05 -15.62 -2.13
N ARG A 82 -14.33 -15.48 -2.46
CA ARG A 82 -15.25 -14.72 -1.62
C ARG A 82 -15.84 -15.61 -0.53
N GLU A 83 -15.87 -16.92 -0.78
CA GLU A 83 -16.40 -17.86 0.18
C GLU A 83 -15.66 -17.77 1.51
N GLU A 84 -14.41 -17.32 1.45
CA GLU A 84 -13.59 -17.18 2.65
C GLU A 84 -13.72 -15.78 3.24
N THR A 85 -13.30 -14.79 2.47
CA THR A 85 -13.36 -13.39 2.90
C THR A 85 -13.84 -12.48 1.78
N ALA A 86 -14.97 -11.83 2.00
CA ALA A 86 -15.53 -10.91 1.01
C ALA A 86 -14.80 -9.58 1.01
N ILE A 87 -14.43 -9.12 2.20
CA ILE A 87 -13.70 -7.85 2.33
C ILE A 87 -12.26 -8.08 2.74
N HIS A 88 -11.34 -7.42 2.03
CA HIS A 88 -9.92 -7.54 2.32
C HIS A 88 -9.36 -6.23 2.88
N LYS A 89 -8.63 -6.34 3.98
CA LYS A 89 -8.03 -5.16 4.62
C LYS A 89 -6.51 -5.28 4.66
N VAL A 90 -5.82 -4.45 3.90
CA VAL A 90 -4.37 -4.46 3.86
C VAL A 90 -3.79 -3.13 4.35
N THR A 91 -2.74 -3.21 5.17
CA THR A 91 -2.11 -2.02 5.70
C THR A 91 -0.64 -1.96 5.31
N VAL A 92 -0.20 -0.82 4.78
CA VAL A 92 1.18 -0.63 4.37
C VAL A 92 1.88 0.40 5.23
N LEU A 93 3.18 0.24 5.41
CA LEU A 93 3.97 1.17 6.22
C LEU A 93 5.15 1.72 5.43
N ALA A 94 5.39 3.01 5.55
CA ALA A 94 6.48 3.67 4.84
C ALA A 94 7.56 4.14 5.82
N SER A 95 8.70 3.46 5.81
CA SER A 95 9.80 3.80 6.70
C SER A 95 10.94 4.46 5.92
N ASP A 96 11.37 5.63 6.39
CA ASP A 96 12.45 6.35 5.73
C ASP A 96 13.69 6.42 6.64
N GLY A 97 13.47 6.79 7.90
CA GLY A 97 14.57 6.88 8.83
C GLY A 97 14.11 6.81 10.27
N SER A 98 14.59 7.74 11.09
CA SER A 98 14.23 7.77 12.51
C SER A 98 12.72 8.02 12.68
N SER A 99 12.19 8.91 11.85
CA SER A 99 10.77 9.25 11.91
C SER A 99 9.90 8.00 11.75
N THR A 100 9.20 7.63 12.81
CA THR A 100 8.33 6.46 12.78
C THR A 100 7.67 6.30 11.42
N PRO A 101 7.53 5.04 10.98
CA PRO A 101 6.92 4.71 9.68
C PRO A 101 5.42 4.99 9.67
N ALA A 102 4.96 5.68 8.64
CA ALA A 102 3.54 6.02 8.50
C ALA A 102 2.71 4.76 8.25
N ARG A 103 1.42 4.85 8.54
CA ARG A 103 0.51 3.72 8.34
C ARG A 103 -0.64 4.10 7.42
N ALA A 104 -1.15 3.12 6.68
CA ALA A 104 -2.25 3.35 5.76
C ALA A 104 -3.22 2.18 5.76
N THR A 105 -4.48 2.45 5.45
CA THR A 105 -5.51 1.41 5.42
C THR A 105 -6.29 1.46 4.10
N VAL A 106 -6.51 0.29 3.52
CA VAL A 106 -7.24 0.20 2.25
C VAL A 106 -8.34 -0.85 2.34
N THR A 107 -9.54 -0.48 1.91
CA THR A 107 -10.68 -1.40 1.93
C THR A 107 -10.98 -1.95 0.54
N ILE A 108 -10.93 -3.27 0.42
CA ILE A 108 -11.20 -3.92 -0.85
C ILE A 108 -12.48 -4.74 -0.80
N ASN A 109 -13.32 -4.59 -1.82
CA ASN A 109 -14.57 -5.33 -1.89
C ASN A 109 -14.56 -6.35 -3.02
N VAL A 110 -15.17 -7.50 -2.78
CA VAL A 110 -15.23 -8.56 -3.78
C VAL A 110 -16.67 -8.88 -4.18
N THR A 111 -17.05 -8.48 -5.38
CA THR A 111 -18.40 -8.71 -5.87
C THR A 111 -18.42 -9.85 -6.89
N ASP A 112 -19.62 -10.27 -7.28
CA ASP A 112 -19.78 -11.35 -8.25
C ASP A 112 -19.16 -10.96 -9.58
N VAL A 113 -19.05 -11.95 -10.48
CA VAL A 113 -18.46 -11.71 -11.79
C VAL A 113 -19.49 -11.94 -12.89
N ASN A 114 -20.30 -12.98 -12.74
CA ASN A 114 -21.32 -13.31 -13.73
C ASN A 114 -22.56 -12.44 -13.52
N GLY A 1 14.86 34.16 3.70
CA GLY A 1 16.27 34.19 3.99
C GLY A 1 16.63 33.33 5.18
N SER A 2 17.10 32.11 4.91
CA SER A 2 17.48 31.17 5.97
C SER A 2 16.33 30.97 6.94
N SER A 3 15.12 30.86 6.41
CA SER A 3 13.94 30.67 7.24
C SER A 3 13.36 29.26 7.06
N GLY A 4 13.89 28.31 7.82
CA GLY A 4 13.43 26.94 7.73
C GLY A 4 11.93 26.81 7.95
N SER A 5 11.47 25.58 8.07
CA SER A 5 10.04 25.33 8.29
C SER A 5 9.83 24.37 9.46
N SER A 6 8.84 24.69 10.29
CA SER A 6 8.54 23.86 11.46
C SER A 6 8.50 22.39 11.09
N GLY A 7 8.88 21.54 12.03
CA GLY A 7 8.88 20.10 11.79
C GLY A 7 10.20 19.62 11.23
N ASN A 8 10.95 18.86 12.03
CA ASN A 8 12.24 18.33 11.60
C ASN A 8 12.08 16.95 10.98
N ASP A 9 11.38 16.06 11.68
CA ASP A 9 11.15 14.71 11.19
C ASP A 9 10.33 14.72 9.90
N ASN A 10 10.98 14.42 8.79
CA ASN A 10 10.32 14.39 7.49
C ASN A 10 9.72 13.02 7.20
N ARG A 11 8.45 12.85 7.58
CA ARG A 11 7.76 11.58 7.36
C ARG A 11 6.87 11.64 6.13
N PRO A 12 6.83 10.55 5.36
CA PRO A 12 6.01 10.46 4.15
C PRO A 12 4.52 10.42 4.45
N VAL A 13 3.79 11.39 3.92
CA VAL A 13 2.36 11.48 4.13
C VAL A 13 1.61 10.53 3.19
N PHE A 14 0.69 9.75 3.74
CA PHE A 14 -0.09 8.81 2.95
C PHE A 14 -1.40 9.43 2.51
N LYS A 15 -1.46 9.81 1.22
CA LYS A 15 -2.66 10.42 0.66
C LYS A 15 -3.75 9.37 0.42
N GLU A 16 -4.98 9.71 0.78
CA GLU A 16 -6.10 8.80 0.61
C GLU A 16 -5.89 7.51 1.40
N GLY A 17 -5.42 7.65 2.64
CA GLY A 17 -5.19 6.49 3.48
C GLY A 17 -6.27 5.43 3.34
N GLN A 18 -7.49 5.78 3.75
CA GLN A 18 -8.61 4.86 3.66
C GLN A 18 -9.39 5.06 2.36
N VAL A 19 -9.56 3.97 1.61
CA VAL A 19 -10.28 4.02 0.34
C VAL A 19 -10.91 2.68 0.02
N GLU A 20 -12.17 2.71 -0.42
CA GLU A 20 -12.89 1.49 -0.77
C GLU A 20 -12.86 1.25 -2.28
N VAL A 21 -12.31 0.11 -2.68
CA VAL A 21 -12.21 -0.24 -4.09
C VAL A 21 -13.00 -1.51 -4.39
N HIS A 22 -13.44 -1.64 -5.64
CA HIS A 22 -14.21 -2.82 -6.06
C HIS A 22 -13.42 -3.64 -7.07
N ILE A 23 -13.32 -4.93 -6.82
CA ILE A 23 -12.59 -5.84 -7.72
C ILE A 23 -13.19 -7.24 -7.68
N PRO A 24 -13.34 -7.84 -8.88
CA PRO A 24 -13.90 -9.18 -9.02
C PRO A 24 -12.97 -10.26 -8.49
N GLU A 25 -13.55 -11.36 -8.01
CA GLU A 25 -12.76 -12.46 -7.47
C GLU A 25 -11.97 -13.17 -8.56
N ASN A 26 -12.52 -13.16 -9.77
CA ASN A 26 -11.87 -13.80 -10.91
C ASN A 26 -10.94 -12.82 -11.62
N ALA A 27 -10.76 -11.65 -11.02
CA ALA A 27 -9.89 -10.62 -11.59
C ALA A 27 -8.62 -11.25 -12.18
N PRO A 28 -8.16 -10.69 -13.31
CA PRO A 28 -6.96 -11.18 -14.00
C PRO A 28 -5.69 -10.87 -13.22
N VAL A 29 -4.84 -11.89 -13.04
CA VAL A 29 -3.59 -11.72 -12.31
C VAL A 29 -2.79 -10.55 -12.86
N GLY A 30 -2.50 -9.59 -11.99
CA GLY A 30 -1.74 -8.42 -12.40
C GLY A 30 -2.60 -7.18 -12.52
N THR A 31 -3.80 -7.23 -11.93
CA THR A 31 -4.71 -6.10 -11.97
C THR A 31 -4.31 -5.02 -10.97
N SER A 32 -4.45 -3.77 -11.37
CA SER A 32 -4.09 -2.64 -10.51
C SER A 32 -5.21 -2.36 -9.50
N VAL A 33 -4.94 -2.65 -8.23
CA VAL A 33 -5.92 -2.43 -7.18
C VAL A 33 -5.85 -1.00 -6.67
N ILE A 34 -4.81 -0.68 -5.91
CA ILE A 34 -4.64 0.66 -5.37
C ILE A 34 -3.19 1.11 -5.47
N GLN A 35 -2.98 2.39 -5.76
CA GLN A 35 -1.64 2.95 -5.89
C GLN A 35 -1.38 3.99 -4.80
N LEU A 36 -0.58 3.61 -3.81
CA LEU A 36 -0.25 4.51 -2.71
C LEU A 36 0.85 5.49 -3.12
N HIS A 37 0.56 6.78 -2.99
CA HIS A 37 1.53 7.81 -3.34
C HIS A 37 2.02 8.54 -2.09
N ALA A 38 3.27 8.28 -1.71
CA ALA A 38 3.85 8.91 -0.54
C ALA A 38 5.23 9.48 -0.85
N THR A 39 5.28 10.77 -1.17
CA THR A 39 6.54 11.44 -1.50
C THR A 39 6.76 12.66 -0.62
N ASP A 40 7.93 12.75 -0.01
CA ASP A 40 8.27 13.88 0.85
C ASP A 40 9.41 14.69 0.26
N ALA A 41 9.72 15.81 0.90
CA ALA A 41 10.80 16.68 0.44
C ALA A 41 12.00 15.88 -0.04
N ASP A 42 12.23 15.90 -1.35
CA ASP A 42 13.34 15.16 -1.94
C ASP A 42 14.51 16.10 -2.26
N ILE A 43 14.84 16.97 -1.31
CA ILE A 43 15.93 17.92 -1.49
C ILE A 43 17.23 17.37 -0.93
N GLY A 44 18.14 16.98 -1.83
CA GLY A 44 19.43 16.45 -1.41
C GLY A 44 19.63 15.01 -1.85
N SER A 45 19.05 14.08 -1.09
CA SER A 45 19.18 12.66 -1.41
C SER A 45 17.81 12.07 -1.80
N ASN A 46 17.83 11.18 -2.78
CA ASN A 46 16.60 10.54 -3.25
C ASN A 46 16.24 9.34 -2.38
N ALA A 47 15.64 9.61 -1.22
CA ALA A 47 15.25 8.55 -0.31
C ALA A 47 14.32 7.55 -0.99
N GLU A 48 14.69 6.27 -0.92
CA GLU A 48 13.89 5.22 -1.53
C GLU A 48 12.99 4.55 -0.49
N ILE A 49 11.83 5.14 -0.25
CA ILE A 49 10.88 4.60 0.72
C ILE A 49 10.42 3.20 0.32
N ARG A 50 10.59 2.24 1.22
CA ARG A 50 10.19 0.87 0.96
C ARG A 50 8.91 0.52 1.72
N TYR A 51 7.92 0.03 0.99
CA TYR A 51 6.64 -0.34 1.58
C TYR A 51 6.65 -1.80 2.02
N ILE A 52 6.28 -2.02 3.28
CA ILE A 52 6.24 -3.38 3.83
C ILE A 52 4.90 -3.66 4.49
N PHE A 53 4.61 -4.95 4.69
CA PHE A 53 3.36 -5.36 5.32
C PHE A 53 3.27 -4.84 6.74
N GLY A 54 2.06 -4.39 7.13
CA GLY A 54 1.87 -3.87 8.47
C GLY A 54 2.02 -4.94 9.53
N ALA A 55 1.31 -4.77 10.65
CA ALA A 55 1.36 -5.73 11.74
C ALA A 55 0.11 -6.59 11.78
N GLN A 56 0.24 -7.80 12.31
CA GLN A 56 -0.89 -8.72 12.41
C GLN A 56 -1.59 -8.85 11.06
N VAL A 57 -0.82 -9.15 10.02
CA VAL A 57 -1.37 -9.32 8.68
C VAL A 57 -1.57 -10.79 8.34
N ALA A 58 -2.74 -11.11 7.78
CA ALA A 58 -3.05 -12.48 7.40
C ALA A 58 -2.16 -12.96 6.26
N PRO A 59 -1.78 -14.24 6.31
CA PRO A 59 -0.92 -14.85 5.29
C PRO A 59 -1.62 -15.01 3.94
N ALA A 60 -2.87 -15.45 4.00
CA ALA A 60 -3.66 -15.64 2.79
C ALA A 60 -3.57 -14.43 1.88
N THR A 61 -3.86 -13.26 2.42
CA THR A 61 -3.81 -12.02 1.66
C THR A 61 -2.41 -11.78 1.09
N LYS A 62 -1.45 -11.61 1.99
CA LYS A 62 -0.06 -11.37 1.58
C LYS A 62 0.30 -12.22 0.37
N ARG A 63 -0.31 -13.40 0.26
CA ARG A 63 -0.06 -14.30 -0.85
C ARG A 63 -0.89 -13.91 -2.07
N LEU A 64 -2.18 -13.74 -1.87
CA LEU A 64 -3.09 -13.37 -2.95
C LEU A 64 -2.68 -12.04 -3.56
N PHE A 65 -2.53 -11.03 -2.72
CA PHE A 65 -2.15 -9.69 -3.18
C PHE A 65 -0.65 -9.46 -2.97
N ALA A 66 0.02 -8.97 -4.02
CA ALA A 66 1.45 -8.70 -3.95
C ALA A 66 1.72 -7.21 -3.81
N LEU A 67 2.34 -6.82 -2.69
CA LEU A 67 2.65 -5.43 -2.44
C LEU A 67 4.06 -5.08 -2.91
N ASN A 68 4.18 -4.69 -4.17
CA ASN A 68 5.47 -4.34 -4.75
C ASN A 68 6.22 -3.36 -3.84
N ASN A 69 7.45 -3.73 -3.47
CA ASN A 69 8.26 -2.89 -2.60
C ASN A 69 9.17 -1.98 -3.43
N THR A 70 8.74 -1.69 -4.65
CA THR A 70 9.51 -0.83 -5.55
C THR A 70 8.69 0.37 -5.99
N THR A 71 7.37 0.20 -6.05
CA THR A 71 6.48 1.27 -6.47
C THR A 71 5.38 1.51 -5.42
N GLY A 72 5.03 0.46 -4.70
CA GLY A 72 4.01 0.57 -3.68
C GLY A 72 2.60 0.45 -4.26
N LEU A 73 2.46 -0.40 -5.27
CA LEU A 73 1.16 -0.61 -5.90
C LEU A 73 0.64 -2.02 -5.63
N ILE A 74 -0.62 -2.10 -5.23
CA ILE A 74 -1.24 -3.39 -4.94
C ILE A 74 -1.77 -4.05 -6.21
N THR A 75 -1.52 -5.35 -6.34
CA THR A 75 -1.97 -6.10 -7.51
C THR A 75 -2.48 -7.48 -7.11
N VAL A 76 -3.01 -8.20 -8.09
CA VAL A 76 -3.53 -9.54 -7.85
C VAL A 76 -2.55 -10.62 -8.30
N GLN A 77 -1.98 -11.33 -7.33
CA GLN A 77 -1.01 -12.38 -7.62
C GLN A 77 -1.72 -13.68 -7.98
N ARG A 78 -2.82 -13.96 -7.29
CA ARG A 78 -3.58 -15.17 -7.54
C ARG A 78 -5.08 -14.92 -7.37
N SER A 79 -5.89 -15.73 -8.05
CA SER A 79 -7.34 -15.58 -7.99
C SER A 79 -7.80 -15.35 -6.55
N LEU A 80 -8.96 -14.72 -6.41
CA LEU A 80 -9.52 -14.44 -5.09
C LEU A 80 -10.83 -15.18 -4.87
N ASP A 81 -11.26 -15.28 -3.62
CA ASP A 81 -12.49 -15.97 -3.28
C ASP A 81 -13.40 -15.07 -2.45
N ARG A 82 -14.64 -14.92 -2.89
CA ARG A 82 -15.61 -14.08 -2.18
C ARG A 82 -16.28 -14.86 -1.06
N GLU A 83 -16.62 -16.11 -1.34
CA GLU A 83 -17.27 -16.97 -0.34
C GLU A 83 -16.51 -16.95 0.98
N GLU A 84 -15.19 -17.08 0.90
CA GLU A 84 -14.35 -17.07 2.08
C GLU A 84 -14.29 -15.68 2.71
N THR A 85 -13.73 -14.73 1.98
CA THR A 85 -13.62 -13.36 2.46
C THR A 85 -14.25 -12.38 1.49
N ALA A 86 -15.00 -11.41 2.01
CA ALA A 86 -15.66 -10.41 1.18
C ALA A 86 -14.83 -9.13 1.11
N ILE A 87 -14.13 -8.82 2.20
CA ILE A 87 -13.30 -7.62 2.25
C ILE A 87 -11.85 -7.98 2.54
N HIS A 88 -10.93 -7.19 1.99
CA HIS A 88 -9.50 -7.42 2.20
C HIS A 88 -8.81 -6.15 2.70
N LYS A 89 -8.29 -6.21 3.91
CA LYS A 89 -7.60 -5.07 4.51
C LYS A 89 -6.09 -5.24 4.42
N VAL A 90 -5.46 -4.40 3.61
CA VAL A 90 -4.01 -4.46 3.43
C VAL A 90 -3.34 -3.21 3.99
N THR A 91 -2.57 -3.37 5.06
CA THR A 91 -1.89 -2.25 5.68
C THR A 91 -0.52 -2.03 5.05
N VAL A 92 -0.17 -0.77 4.80
CA VAL A 92 1.10 -0.42 4.20
C VAL A 92 1.87 0.57 5.07
N LEU A 93 3.13 0.25 5.35
CA LEU A 93 3.97 1.13 6.17
C LEU A 93 5.13 1.69 5.36
N ALA A 94 5.34 2.99 5.46
CA ALA A 94 6.42 3.65 4.73
C ALA A 94 7.46 4.23 5.70
N SER A 95 8.62 3.61 5.74
CA SER A 95 9.69 4.07 6.63
C SER A 95 10.86 4.64 5.83
N ASP A 96 11.26 5.86 6.17
CA ASP A 96 12.35 6.53 5.48
C ASP A 96 13.49 6.83 6.45
N GLY A 97 13.17 7.48 7.55
CA GLY A 97 14.17 7.83 8.55
C GLY A 97 13.58 8.53 9.75
N SER A 98 12.42 8.06 10.20
CA SER A 98 11.75 8.66 11.35
C SER A 98 11.56 7.62 12.46
N SER A 99 11.05 8.07 13.60
CA SER A 99 10.83 7.19 14.74
C SER A 99 9.89 6.05 14.37
N THR A 100 8.71 6.39 13.86
CA THR A 100 7.73 5.40 13.46
C THR A 100 7.15 5.72 12.09
N PRO A 101 7.04 4.67 11.24
CA PRO A 101 6.50 4.82 9.88
C PRO A 101 5.01 5.11 9.88
N ALA A 102 4.51 5.59 8.75
CA ALA A 102 3.09 5.92 8.61
C ALA A 102 2.27 4.67 8.26
N ARG A 103 1.03 4.63 8.74
CA ARG A 103 0.15 3.50 8.48
C ARG A 103 -1.04 3.92 7.63
N ALA A 104 -1.38 3.10 6.64
CA ALA A 104 -2.50 3.39 5.77
C ALA A 104 -3.24 2.11 5.37
N THR A 105 -4.54 2.08 5.65
CA THR A 105 -5.35 0.91 5.33
C THR A 105 -6.19 1.15 4.07
N VAL A 106 -6.25 0.14 3.22
CA VAL A 106 -7.01 0.23 1.98
C VAL A 106 -8.11 -0.82 1.92
N THR A 107 -9.36 -0.38 1.97
CA THR A 107 -10.50 -1.30 1.93
C THR A 107 -10.72 -1.83 0.52
N ILE A 108 -10.61 -3.15 0.37
CA ILE A 108 -10.80 -3.78 -0.93
C ILE A 108 -12.01 -4.71 -0.91
N ASN A 109 -13.06 -4.32 -1.62
CA ASN A 109 -14.27 -5.12 -1.70
C ASN A 109 -14.18 -6.15 -2.81
N VAL A 110 -14.85 -7.28 -2.61
CA VAL A 110 -14.85 -8.35 -3.60
C VAL A 110 -16.23 -8.55 -4.22
N THR A 111 -16.35 -8.25 -5.51
CA THR A 111 -17.62 -8.39 -6.21
C THR A 111 -17.64 -9.65 -7.06
N ASP A 112 -18.81 -9.97 -7.60
CA ASP A 112 -18.97 -11.16 -8.44
C ASP A 112 -18.99 -10.79 -9.92
N VAL A 113 -18.41 -11.64 -10.75
CA VAL A 113 -18.37 -11.39 -12.19
C VAL A 113 -19.56 -12.03 -12.90
N ASN A 114 -20.17 -13.02 -12.25
CA ASN A 114 -21.32 -13.72 -12.81
C ASN A 114 -22.61 -13.22 -12.18
N GLY A 1 7.59 25.46 -7.72
CA GLY A 1 8.18 26.25 -6.66
C GLY A 1 7.42 27.52 -6.39
N SER A 2 6.38 27.42 -5.57
CA SER A 2 5.55 28.58 -5.23
C SER A 2 5.22 28.59 -3.74
N SER A 3 5.13 29.79 -3.18
CA SER A 3 4.82 29.95 -1.76
C SER A 3 3.33 29.78 -1.50
N GLY A 4 2.99 29.07 -0.44
CA GLY A 4 1.59 28.84 -0.10
C GLY A 4 1.42 28.22 1.27
N SER A 5 2.15 27.15 1.53
CA SER A 5 2.07 26.46 2.81
C SER A 5 2.72 27.29 3.92
N SER A 6 2.13 27.26 5.10
CA SER A 6 2.64 28.01 6.24
C SER A 6 3.78 27.26 6.91
N GLY A 7 3.56 25.99 7.21
CA GLY A 7 4.58 25.17 7.84
C GLY A 7 4.55 23.73 7.38
N ASN A 8 5.71 23.22 6.99
CA ASN A 8 5.81 21.84 6.52
C ASN A 8 6.36 20.93 7.61
N ASP A 9 5.83 19.71 7.69
CA ASP A 9 6.27 18.75 8.69
C ASP A 9 7.33 17.81 8.11
N ASN A 10 8.08 17.16 9.00
CA ASN A 10 9.13 16.23 8.57
C ASN A 10 8.60 14.80 8.57
N ARG A 11 7.51 14.57 7.85
CA ARG A 11 6.92 13.24 7.76
C ARG A 11 6.05 13.12 6.52
N PRO A 12 6.06 11.92 5.91
CA PRO A 12 5.27 11.64 4.70
C PRO A 12 3.78 11.60 4.98
N VAL A 13 2.98 11.54 3.91
CA VAL A 13 1.54 11.49 4.04
C VAL A 13 0.91 10.70 2.90
N PHE A 14 0.03 9.76 3.24
CA PHE A 14 -0.64 8.94 2.25
C PHE A 14 -1.74 9.73 1.53
N LYS A 15 -1.86 9.52 0.23
CA LYS A 15 -2.87 10.21 -0.57
C LYS A 15 -4.21 10.24 0.15
N GLU A 16 -4.62 9.09 0.67
CA GLU A 16 -5.88 8.98 1.39
C GLU A 16 -5.83 7.87 2.43
N GLY A 17 -5.94 8.24 3.71
CA GLY A 17 -5.90 7.27 4.77
C GLY A 17 -6.71 6.02 4.45
N GLN A 18 -8.02 6.17 4.40
CA GLN A 18 -8.90 5.04 4.10
C GLN A 18 -9.53 5.20 2.72
N VAL A 19 -9.53 4.11 1.95
CA VAL A 19 -10.10 4.13 0.61
C VAL A 19 -10.73 2.78 0.27
N GLU A 20 -11.85 2.82 -0.47
CA GLU A 20 -12.53 1.60 -0.86
C GLU A 20 -12.38 1.34 -2.35
N VAL A 21 -12.01 0.11 -2.71
CA VAL A 21 -11.83 -0.26 -4.10
C VAL A 21 -12.73 -1.43 -4.48
N HIS A 22 -13.18 -1.44 -5.73
CA HIS A 22 -14.05 -2.50 -6.22
C HIS A 22 -13.35 -3.32 -7.31
N ILE A 23 -13.09 -4.59 -7.02
CA ILE A 23 -12.44 -5.47 -7.98
C ILE A 23 -13.07 -6.86 -7.97
N PRO A 24 -13.28 -7.42 -9.17
CA PRO A 24 -13.88 -8.74 -9.33
C PRO A 24 -12.94 -9.87 -8.87
N GLU A 25 -13.52 -11.00 -8.50
CA GLU A 25 -12.74 -12.14 -8.04
C GLU A 25 -11.97 -12.77 -9.20
N ASN A 26 -12.60 -12.82 -10.37
CA ASN A 26 -11.96 -13.39 -11.54
C ASN A 26 -10.96 -12.41 -12.16
N ALA A 27 -10.83 -11.24 -11.54
CA ALA A 27 -9.90 -10.23 -12.03
C ALA A 27 -8.62 -10.86 -12.57
N PRO A 28 -8.08 -10.27 -13.64
CA PRO A 28 -6.85 -10.76 -14.28
C PRO A 28 -5.62 -10.54 -13.41
N VAL A 29 -4.84 -11.60 -13.25
CA VAL A 29 -3.62 -11.53 -12.44
C VAL A 29 -2.71 -10.40 -12.91
N GLY A 30 -2.36 -9.51 -11.99
CA GLY A 30 -1.50 -8.39 -12.33
C GLY A 30 -2.21 -7.06 -12.25
N THR A 31 -3.52 -7.10 -12.03
CA THR A 31 -4.32 -5.89 -11.94
C THR A 31 -3.86 -5.01 -10.77
N SER A 32 -3.92 -3.70 -10.97
CA SER A 32 -3.50 -2.75 -9.95
C SER A 32 -4.64 -2.48 -8.97
N VAL A 33 -4.51 -3.00 -7.75
CA VAL A 33 -5.52 -2.81 -6.73
C VAL A 33 -5.50 -1.38 -6.18
N ILE A 34 -4.46 -1.07 -5.41
CA ILE A 34 -4.33 0.26 -4.83
C ILE A 34 -2.88 0.75 -4.91
N GLN A 35 -2.71 2.02 -5.19
CA GLN A 35 -1.36 2.61 -5.28
C GLN A 35 -1.20 3.74 -4.28
N LEU A 36 -0.17 3.62 -3.43
CA LEU A 36 0.11 4.63 -2.41
C LEU A 36 1.25 5.53 -2.84
N HIS A 37 1.00 6.83 -2.87
CA HIS A 37 2.01 7.81 -3.26
C HIS A 37 2.52 8.58 -2.05
N ALA A 38 3.75 8.27 -1.63
CA ALA A 38 4.35 8.92 -0.48
C ALA A 38 5.64 9.64 -0.88
N THR A 39 5.60 10.97 -0.84
CA THR A 39 6.77 11.77 -1.21
C THR A 39 6.98 12.90 -0.20
N ASP A 40 8.09 12.84 0.52
CA ASP A 40 8.42 13.86 1.50
C ASP A 40 8.96 15.12 0.83
N ALA A 41 9.81 14.93 -0.17
CA ALA A 41 10.39 16.06 -0.90
C ALA A 41 10.24 15.88 -2.40
N ASP A 42 9.54 16.82 -3.04
CA ASP A 42 9.32 16.76 -4.48
C ASP A 42 10.17 17.81 -5.20
N ILE A 43 10.91 18.60 -4.43
CA ILE A 43 11.76 19.64 -4.99
C ILE A 43 13.14 19.08 -5.36
N GLY A 44 13.47 19.15 -6.65
CA GLY A 44 14.74 18.65 -7.11
C GLY A 44 14.80 17.14 -7.15
N SER A 45 15.20 16.53 -6.05
CA SER A 45 15.30 15.08 -5.96
C SER A 45 14.43 14.54 -4.84
N ASN A 46 14.45 13.22 -4.66
CA ASN A 46 13.65 12.57 -3.62
C ASN A 46 14.29 11.26 -3.18
N ALA A 47 13.82 10.73 -2.06
CA ALA A 47 14.35 9.48 -1.54
C ALA A 47 13.51 8.29 -2.00
N GLU A 48 14.01 7.08 -1.77
CA GLU A 48 13.30 5.88 -2.17
C GLU A 48 12.65 5.19 -0.97
N ILE A 49 11.35 5.41 -0.81
CA ILE A 49 10.61 4.83 0.31
C ILE A 49 10.15 3.41 -0.03
N ARG A 50 10.47 2.47 0.84
CA ARG A 50 10.09 1.08 0.64
C ARG A 50 8.76 0.78 1.34
N TYR A 51 7.86 0.11 0.63
CA TYR A 51 6.57 -0.24 1.18
C TYR A 51 6.54 -1.71 1.61
N ILE A 52 6.45 -1.93 2.92
CA ILE A 52 6.40 -3.28 3.46
C ILE A 52 5.02 -3.59 4.04
N PHE A 53 4.85 -4.84 4.47
CA PHE A 53 3.57 -5.27 5.04
C PHE A 53 3.44 -4.77 6.48
N GLY A 54 2.22 -4.35 6.83
CA GLY A 54 1.98 -3.84 8.18
C GLY A 54 2.25 -4.88 9.24
N ALA A 55 1.60 -4.74 10.39
CA ALA A 55 1.78 -5.67 11.49
C ALA A 55 0.59 -6.61 11.62
N GLN A 56 0.83 -7.80 12.19
CA GLN A 56 -0.23 -8.78 12.37
C GLN A 56 -1.02 -8.98 11.07
N VAL A 57 -0.30 -9.13 9.97
CA VAL A 57 -0.93 -9.32 8.66
C VAL A 57 -0.91 -10.79 8.26
N ALA A 58 -2.09 -11.38 8.09
CA ALA A 58 -2.20 -12.78 7.70
C ALA A 58 -1.51 -13.03 6.37
N PRO A 59 -0.95 -14.23 6.20
CA PRO A 59 -0.25 -14.63 4.98
C PRO A 59 -1.19 -14.80 3.80
N ALA A 60 -2.34 -15.42 4.04
CA ALA A 60 -3.33 -15.64 3.00
C ALA A 60 -3.59 -14.36 2.20
N THR A 61 -3.79 -13.26 2.92
CA THR A 61 -4.04 -11.97 2.28
C THR A 61 -2.84 -11.53 1.45
N LYS A 62 -1.65 -11.91 1.89
CA LYS A 62 -0.42 -11.55 1.19
C LYS A 62 -0.21 -12.46 -0.02
N ARG A 63 -0.91 -13.57 -0.05
CA ARG A 63 -0.79 -14.53 -1.14
C ARG A 63 -1.53 -14.03 -2.38
N LEU A 64 -2.84 -13.81 -2.23
CA LEU A 64 -3.67 -13.33 -3.33
C LEU A 64 -3.18 -11.98 -3.82
N PHE A 65 -2.96 -11.06 -2.89
CA PHE A 65 -2.49 -9.72 -3.23
C PHE A 65 -0.99 -9.59 -2.99
N ALA A 66 -0.30 -8.93 -3.91
CA ALA A 66 1.14 -8.73 -3.80
C ALA A 66 1.49 -7.25 -3.74
N LEU A 67 2.22 -6.86 -2.70
CA LEU A 67 2.62 -5.47 -2.52
C LEU A 67 4.05 -5.24 -2.99
N ASN A 68 4.23 -4.31 -3.91
CA ASN A 68 5.56 -4.00 -4.44
C ASN A 68 6.34 -3.13 -3.47
N ASN A 69 7.44 -3.67 -2.94
CA ASN A 69 8.27 -2.93 -1.99
C ASN A 69 9.18 -1.95 -2.72
N THR A 70 8.94 -1.78 -4.02
CA THR A 70 9.73 -0.87 -4.83
C THR A 70 8.89 0.28 -5.37
N THR A 71 7.60 0.01 -5.55
CA THR A 71 6.67 1.02 -6.06
C THR A 71 5.42 1.11 -5.20
N GLY A 72 5.50 0.55 -3.99
CA GLY A 72 4.37 0.58 -3.09
C GLY A 72 3.05 0.38 -3.80
N LEU A 73 3.03 -0.55 -4.76
CA LEU A 73 1.82 -0.84 -5.52
C LEU A 73 1.33 -2.26 -5.26
N ILE A 74 0.04 -2.38 -4.97
CA ILE A 74 -0.56 -3.69 -4.70
C ILE A 74 -1.27 -4.24 -5.93
N THR A 75 -0.81 -5.40 -6.40
CA THR A 75 -1.40 -6.03 -7.57
C THR A 75 -1.98 -7.39 -7.21
N VAL A 76 -2.84 -7.90 -8.09
CA VAL A 76 -3.48 -9.20 -7.87
C VAL A 76 -2.53 -10.34 -8.26
N GLN A 77 -2.01 -11.02 -7.25
CA GLN A 77 -1.09 -12.14 -7.48
C GLN A 77 -1.82 -13.32 -8.10
N ARG A 78 -2.91 -13.74 -7.46
CA ARG A 78 -3.70 -14.87 -7.95
C ARG A 78 -5.19 -14.61 -7.76
N SER A 79 -6.01 -15.48 -8.35
CA SER A 79 -7.46 -15.33 -8.25
C SER A 79 -7.89 -15.07 -6.81
N LEU A 80 -9.03 -14.41 -6.64
CA LEU A 80 -9.55 -14.11 -5.31
C LEU A 80 -10.74 -15.00 -4.97
N ASP A 81 -10.91 -15.27 -3.69
CA ASP A 81 -12.01 -16.11 -3.23
C ASP A 81 -12.90 -15.36 -2.25
N ARG A 82 -14.17 -15.74 -2.19
CA ARG A 82 -15.13 -15.09 -1.31
C ARG A 82 -15.64 -16.08 -0.25
N GLU A 83 -15.90 -17.31 -0.68
CA GLU A 83 -16.39 -18.34 0.22
C GLU A 83 -15.70 -18.27 1.57
N GLU A 84 -14.48 -17.75 1.58
CA GLU A 84 -13.71 -17.62 2.80
C GLU A 84 -13.80 -16.20 3.36
N THR A 85 -13.36 -15.23 2.56
CA THR A 85 -13.39 -13.84 2.97
C THR A 85 -13.85 -12.93 1.83
N ALA A 86 -14.71 -11.97 2.16
CA ALA A 86 -15.24 -11.04 1.16
C ALA A 86 -14.47 -9.73 1.18
N ILE A 87 -14.22 -9.22 2.39
CA ILE A 87 -13.49 -7.97 2.55
C ILE A 87 -12.03 -8.21 2.90
N HIS A 88 -11.15 -7.42 2.30
CA HIS A 88 -9.71 -7.55 2.55
C HIS A 88 -9.13 -6.23 3.04
N LYS A 89 -8.62 -6.22 4.26
CA LYS A 89 -8.03 -5.03 4.84
C LYS A 89 -6.50 -5.17 4.95
N VAL A 90 -5.79 -4.48 4.06
CA VAL A 90 -4.34 -4.53 4.06
C VAL A 90 -3.74 -3.19 4.50
N THR A 91 -2.79 -3.26 5.43
CA THR A 91 -2.14 -2.06 5.93
C THR A 91 -0.70 -1.94 5.44
N VAL A 92 -0.45 -0.94 4.61
CA VAL A 92 0.88 -0.72 4.06
C VAL A 92 1.63 0.35 4.84
N LEU A 93 2.94 0.15 4.99
CA LEU A 93 3.78 1.10 5.72
C LEU A 93 4.71 1.85 4.78
N ALA A 94 5.13 3.04 5.19
CA ALA A 94 6.03 3.85 4.37
C ALA A 94 7.06 4.56 5.24
N SER A 95 8.34 4.34 4.94
CA SER A 95 9.42 4.95 5.69
C SER A 95 10.38 5.69 4.77
N ASP A 96 11.00 6.74 5.28
CA ASP A 96 11.94 7.53 4.51
C ASP A 96 13.22 7.80 5.30
N GLY A 97 13.58 6.86 6.16
CA GLY A 97 14.78 7.00 6.96
C GLY A 97 14.56 6.59 8.40
N SER A 98 14.35 7.58 9.27
CA SER A 98 14.14 7.32 10.69
C SER A 98 12.68 7.55 11.07
N SER A 99 12.13 8.69 10.66
CA SER A 99 10.75 9.02 10.96
C SER A 99 9.87 7.78 10.95
N THR A 100 9.07 7.62 12.00
CA THR A 100 8.18 6.47 12.12
C THR A 100 7.48 6.18 10.79
N PRO A 101 7.30 4.88 10.49
CA PRO A 101 6.63 4.45 9.26
C PRO A 101 5.14 4.76 9.27
N ALA A 102 4.70 5.54 8.28
CA ALA A 102 3.29 5.90 8.17
C ALA A 102 2.43 4.69 7.84
N ARG A 103 1.25 4.62 8.45
CA ARG A 103 0.33 3.52 8.22
C ARG A 103 -0.90 3.97 7.45
N ALA A 104 -1.47 3.07 6.66
CA ALA A 104 -2.65 3.38 5.86
C ALA A 104 -3.52 2.14 5.66
N THR A 105 -4.78 2.22 6.10
CA THR A 105 -5.70 1.11 5.96
C THR A 105 -6.44 1.16 4.63
N VAL A 106 -6.54 0.01 3.97
CA VAL A 106 -7.23 -0.07 2.68
C VAL A 106 -8.33 -1.13 2.70
N THR A 107 -9.50 -0.76 2.22
CA THR A 107 -10.63 -1.68 2.18
C THR A 107 -10.91 -2.17 0.76
N ILE A 108 -10.71 -3.46 0.53
CA ILE A 108 -10.95 -4.05 -0.79
C ILE A 108 -12.24 -4.87 -0.80
N ASN A 109 -13.06 -4.64 -1.81
CA ASN A 109 -14.33 -5.36 -1.95
C ASN A 109 -14.32 -6.23 -3.19
N VAL A 110 -14.75 -7.48 -3.04
CA VAL A 110 -14.79 -8.42 -4.16
C VAL A 110 -16.20 -8.50 -4.75
N THR A 111 -16.34 -8.08 -5.99
CA THR A 111 -17.63 -8.11 -6.67
C THR A 111 -17.73 -9.30 -7.61
N ASP A 112 -18.96 -9.75 -7.87
CA ASP A 112 -19.19 -10.88 -8.75
C ASP A 112 -18.61 -10.62 -10.14
N VAL A 113 -18.75 -11.59 -11.03
CA VAL A 113 -18.24 -11.47 -12.39
C VAL A 113 -19.22 -12.06 -13.41
N ASN A 114 -19.69 -11.22 -14.32
CA ASN A 114 -20.64 -11.66 -15.34
C ASN A 114 -19.96 -12.59 -16.34
N GLY A 1 31.71 12.44 9.68
CA GLY A 1 31.28 13.72 9.15
C GLY A 1 30.95 14.72 10.23
N SER A 2 31.57 15.90 10.15
CA SER A 2 31.34 16.95 11.14
C SER A 2 30.18 17.85 10.72
N SER A 3 30.34 18.51 9.58
CA SER A 3 29.31 19.40 9.06
C SER A 3 27.92 18.78 9.21
N GLY A 4 26.90 19.61 9.11
CA GLY A 4 25.53 19.14 9.25
C GLY A 4 24.57 19.86 8.33
N SER A 5 24.06 21.00 8.78
CA SER A 5 23.13 21.79 7.99
C SER A 5 22.11 20.89 7.29
N SER A 6 21.57 19.92 8.04
CA SER A 6 20.60 19.00 7.50
C SER A 6 19.36 18.92 8.40
N GLY A 7 18.20 19.17 7.82
CA GLY A 7 16.96 19.12 8.59
C GLY A 7 15.77 18.70 7.74
N ASN A 8 15.90 17.58 7.05
CA ASN A 8 14.83 17.07 6.20
C ASN A 8 13.46 17.26 6.88
N ASP A 9 13.32 16.69 8.07
CA ASP A 9 12.08 16.79 8.82
C ASP A 9 10.88 16.59 7.90
N ASN A 10 10.99 15.64 6.99
CA ASN A 10 9.92 15.34 6.04
C ASN A 10 9.48 13.89 6.15
N ARG A 11 8.26 13.67 6.63
CA ARG A 11 7.72 12.33 6.77
C ARG A 11 6.91 11.92 5.55
N PRO A 12 7.07 10.67 5.12
CA PRO A 12 6.35 10.13 3.96
C PRO A 12 4.85 9.96 4.23
N VAL A 13 4.07 10.94 3.84
CA VAL A 13 2.63 10.90 4.04
C VAL A 13 1.90 10.50 2.76
N PHE A 14 1.06 9.48 2.85
CA PHE A 14 0.31 8.99 1.70
C PHE A 14 -0.65 10.06 1.19
N LYS A 15 -1.17 9.85 -0.02
CA LYS A 15 -2.10 10.79 -0.62
C LYS A 15 -3.42 10.84 0.16
N GLU A 16 -3.99 9.66 0.40
CA GLU A 16 -5.25 9.57 1.14
C GLU A 16 -5.16 8.49 2.22
N GLY A 17 -5.50 8.87 3.45
CA GLY A 17 -5.45 7.93 4.55
C GLY A 17 -5.92 6.54 4.15
N GLN A 18 -7.18 6.44 3.72
CA GLN A 18 -7.74 5.17 3.31
C GLN A 18 -8.48 5.31 1.98
N VAL A 19 -8.68 4.17 1.30
CA VAL A 19 -9.37 4.17 0.02
C VAL A 19 -10.10 2.85 -0.20
N GLU A 20 -11.34 2.94 -0.65
CA GLU A 20 -12.16 1.75 -0.91
C GLU A 20 -12.19 1.43 -2.40
N VAL A 21 -12.01 0.15 -2.72
CA VAL A 21 -12.04 -0.29 -4.11
C VAL A 21 -12.92 -1.51 -4.29
N HIS A 22 -13.25 -1.83 -5.54
CA HIS A 22 -14.09 -2.98 -5.85
C HIS A 22 -13.49 -3.81 -6.98
N ILE A 23 -13.11 -5.04 -6.66
CA ILE A 23 -12.52 -5.93 -7.66
C ILE A 23 -13.24 -7.28 -7.68
N PRO A 24 -13.51 -7.78 -8.89
CA PRO A 24 -14.19 -9.07 -9.08
C PRO A 24 -13.32 -10.24 -8.68
N GLU A 25 -13.92 -11.21 -7.99
CA GLU A 25 -13.20 -12.40 -7.55
C GLU A 25 -12.45 -13.04 -8.70
N ASN A 26 -13.08 -13.08 -9.87
CA ASN A 26 -12.47 -13.67 -11.05
C ASN A 26 -11.61 -12.65 -11.78
N ALA A 27 -11.14 -11.64 -11.05
CA ALA A 27 -10.30 -10.59 -11.63
C ALA A 27 -9.02 -11.19 -12.21
N PRO A 28 -8.57 -10.62 -13.34
CA PRO A 28 -7.36 -11.07 -14.03
C PRO A 28 -6.09 -10.75 -13.25
N VAL A 29 -5.26 -11.77 -13.03
CA VAL A 29 -4.01 -11.58 -12.30
C VAL A 29 -3.18 -10.44 -12.89
N GLY A 30 -2.87 -9.46 -12.07
CA GLY A 30 -2.08 -8.33 -12.52
C GLY A 30 -2.88 -7.05 -12.60
N THR A 31 -4.05 -7.05 -11.95
CA THR A 31 -4.93 -5.88 -11.95
C THR A 31 -4.56 -4.92 -10.82
N SER A 32 -4.13 -3.72 -11.19
CA SER A 32 -3.76 -2.71 -10.20
C SER A 32 -4.91 -2.40 -9.26
N VAL A 33 -4.82 -2.89 -8.02
CA VAL A 33 -5.86 -2.66 -7.03
C VAL A 33 -5.76 -1.26 -6.45
N ILE A 34 -4.64 -0.96 -5.81
CA ILE A 34 -4.43 0.35 -5.20
C ILE A 34 -2.96 0.77 -5.31
N GLN A 35 -2.74 2.06 -5.46
CA GLN A 35 -1.38 2.60 -5.58
C GLN A 35 -1.15 3.74 -4.59
N LEU A 36 -0.11 3.61 -3.78
CA LEU A 36 0.21 4.62 -2.79
C LEU A 36 1.35 5.53 -3.28
N HIS A 37 1.13 6.84 -3.23
CA HIS A 37 2.12 7.80 -3.66
C HIS A 37 2.65 8.61 -2.48
N ALA A 38 3.87 8.30 -2.06
CA ALA A 38 4.48 9.01 -0.94
C ALA A 38 5.89 9.49 -1.30
N THR A 39 6.02 10.79 -1.56
CA THR A 39 7.30 11.37 -1.92
C THR A 39 7.66 12.52 -0.98
N ASP A 40 8.96 12.67 -0.72
CA ASP A 40 9.43 13.73 0.16
C ASP A 40 10.66 14.41 -0.43
N ALA A 41 10.84 15.69 -0.10
CA ALA A 41 11.97 16.45 -0.60
C ALA A 41 13.25 15.63 -0.55
N ASP A 42 13.81 15.33 -1.72
CA ASP A 42 15.03 14.55 -1.81
C ASP A 42 16.25 15.44 -1.66
N ILE A 43 16.13 16.48 -0.85
CA ILE A 43 17.23 17.42 -0.62
C ILE A 43 17.85 17.20 0.76
N GLY A 44 19.14 16.86 0.76
CA GLY A 44 19.83 16.64 2.03
C GLY A 44 20.46 15.27 2.10
N SER A 45 19.63 14.24 2.27
CA SER A 45 20.11 12.87 2.36
C SER A 45 19.21 11.92 1.58
N ASN A 46 19.79 11.25 0.59
CA ASN A 46 19.04 10.31 -0.24
C ASN A 46 18.53 9.14 0.59
N ALA A 47 17.21 8.97 0.64
CA ALA A 47 16.59 7.89 1.39
C ALA A 47 15.72 7.02 0.50
N GLU A 48 15.78 5.71 0.71
CA GLU A 48 14.99 4.78 -0.08
C GLU A 48 13.80 4.24 0.72
N ILE A 49 12.66 4.89 0.58
CA ILE A 49 11.45 4.48 1.30
C ILE A 49 11.02 3.08 0.89
N ARG A 50 10.88 2.20 1.87
CA ARG A 50 10.47 0.82 1.61
C ARG A 50 9.05 0.58 2.10
N TYR A 51 8.17 0.19 1.19
CA TYR A 51 6.77 -0.07 1.54
C TYR A 51 6.57 -1.55 1.83
N ILE A 52 6.10 -1.86 3.04
CA ILE A 52 5.86 -3.23 3.44
C ILE A 52 4.53 -3.35 4.20
N PHE A 53 4.08 -4.58 4.38
CA PHE A 53 2.83 -4.84 5.09
C PHE A 53 2.96 -4.49 6.56
N GLY A 54 1.85 -4.03 7.15
CA GLY A 54 1.86 -3.65 8.56
C GLY A 54 2.11 -4.84 9.47
N ALA A 55 1.64 -4.74 10.71
CA ALA A 55 1.82 -5.82 11.68
C ALA A 55 0.54 -6.63 11.83
N GLN A 56 0.68 -7.88 12.27
CA GLN A 56 -0.46 -8.76 12.44
C GLN A 56 -1.19 -8.98 11.13
N VAL A 57 -0.43 -9.17 10.06
CA VAL A 57 -1.01 -9.39 8.74
C VAL A 57 -0.99 -10.86 8.37
N ALA A 58 -2.14 -11.37 7.91
CA ALA A 58 -2.26 -12.76 7.53
C ALA A 58 -1.56 -13.03 6.20
N PRO A 59 -1.04 -14.25 6.04
CA PRO A 59 -0.33 -14.66 4.81
C PRO A 59 -1.28 -14.79 3.62
N ALA A 60 -2.37 -15.51 3.82
CA ALA A 60 -3.35 -15.71 2.75
C ALA A 60 -3.57 -14.42 1.97
N THR A 61 -3.77 -13.33 2.68
CA THR A 61 -4.00 -12.04 2.05
C THR A 61 -2.85 -11.66 1.13
N LYS A 62 -1.63 -11.84 1.61
CA LYS A 62 -0.44 -11.53 0.82
C LYS A 62 -0.42 -12.33 -0.47
N ARG A 63 -0.37 -13.66 -0.34
CA ARG A 63 -0.33 -14.53 -1.50
C ARG A 63 -1.24 -14.01 -2.61
N LEU A 64 -2.47 -13.64 -2.24
CA LEU A 64 -3.42 -13.12 -3.20
C LEU A 64 -2.98 -11.76 -3.73
N PHE A 65 -2.80 -10.80 -2.83
CA PHE A 65 -2.37 -9.46 -3.21
C PHE A 65 -0.91 -9.24 -2.85
N ALA A 66 -0.11 -8.90 -3.86
CA ALA A 66 1.31 -8.65 -3.65
C ALA A 66 1.60 -7.15 -3.56
N LEU A 67 2.49 -6.78 -2.65
CA LEU A 67 2.86 -5.38 -2.46
C LEU A 67 4.32 -5.14 -2.84
N ASN A 68 4.56 -4.07 -3.59
CA ASN A 68 5.91 -3.74 -4.02
C ASN A 68 6.50 -2.64 -3.14
N ASN A 69 7.81 -2.73 -2.87
CA ASN A 69 8.49 -1.75 -2.04
C ASN A 69 9.22 -0.72 -2.91
N THR A 70 9.20 -0.95 -4.22
CA THR A 70 9.86 -0.04 -5.16
C THR A 70 8.84 0.82 -5.89
N THR A 71 7.61 0.32 -6.00
CA THR A 71 6.55 1.05 -6.69
C THR A 71 5.36 1.28 -5.76
N GLY A 72 5.33 0.56 -4.64
CA GLY A 72 4.25 0.71 -3.69
C GLY A 72 2.89 0.50 -4.32
N LEU A 73 2.79 -0.47 -5.22
CA LEU A 73 1.55 -0.77 -5.91
C LEU A 73 1.11 -2.20 -5.65
N ILE A 74 -0.13 -2.37 -5.21
CA ILE A 74 -0.66 -3.70 -4.93
C ILE A 74 -1.43 -4.25 -6.13
N THR A 75 -1.03 -5.43 -6.59
CA THR A 75 -1.67 -6.07 -7.73
C THR A 75 -2.11 -7.48 -7.39
N VAL A 76 -3.06 -7.99 -8.17
CA VAL A 76 -3.58 -9.34 -7.95
C VAL A 76 -2.55 -10.40 -8.35
N GLN A 77 -1.94 -11.03 -7.35
CA GLN A 77 -0.94 -12.05 -7.60
C GLN A 77 -1.59 -13.39 -7.93
N ARG A 78 -2.62 -13.75 -7.17
CA ARG A 78 -3.33 -14.99 -7.38
C ARG A 78 -4.84 -14.78 -7.29
N SER A 79 -5.60 -15.75 -7.78
CA SER A 79 -7.06 -15.67 -7.76
C SER A 79 -7.56 -15.29 -6.37
N LEU A 80 -8.73 -14.66 -6.32
CA LEU A 80 -9.32 -14.24 -5.05
C LEU A 80 -10.52 -15.11 -4.70
N ASP A 81 -10.67 -15.39 -3.41
CA ASP A 81 -11.78 -16.22 -2.93
C ASP A 81 -12.74 -15.38 -2.09
N ARG A 82 -14.00 -15.32 -2.53
CA ARG A 82 -15.01 -14.55 -1.82
C ARG A 82 -15.61 -15.37 -0.68
N GLU A 83 -16.04 -16.60 -0.99
CA GLU A 83 -16.63 -17.48 0.00
C GLU A 83 -15.85 -17.42 1.31
N GLU A 84 -14.53 -17.53 1.21
CA GLU A 84 -13.67 -17.49 2.38
C GLU A 84 -13.66 -16.09 3.00
N THR A 85 -13.16 -15.12 2.25
CA THR A 85 -13.10 -13.74 2.73
C THR A 85 -13.67 -12.78 1.69
N ALA A 86 -14.59 -11.92 2.14
CA ALA A 86 -15.22 -10.95 1.26
C ALA A 86 -14.42 -9.66 1.21
N ILE A 87 -14.05 -9.15 2.39
CA ILE A 87 -13.28 -7.92 2.49
C ILE A 87 -11.84 -8.20 2.91
N HIS A 88 -10.90 -7.58 2.21
CA HIS A 88 -9.49 -7.76 2.52
C HIS A 88 -8.88 -6.49 3.11
N LYS A 89 -8.44 -6.57 4.35
CA LYS A 89 -7.85 -5.42 5.03
C LYS A 89 -6.33 -5.52 5.05
N VAL A 90 -5.68 -4.68 4.25
CA VAL A 90 -4.22 -4.67 4.17
C VAL A 90 -3.66 -3.30 4.54
N THR A 91 -2.72 -3.28 5.48
CA THR A 91 -2.10 -2.04 5.92
C THR A 91 -0.67 -1.92 5.41
N VAL A 92 -0.35 -0.76 4.84
CA VAL A 92 0.99 -0.53 4.30
C VAL A 92 1.78 0.41 5.21
N LEU A 93 3.08 0.18 5.29
CA LEU A 93 3.95 1.00 6.12
C LEU A 93 4.99 1.73 5.27
N ALA A 94 5.14 3.03 5.51
CA ALA A 94 6.10 3.84 4.77
C ALA A 94 7.15 4.44 5.69
N SER A 95 8.40 4.07 5.47
CA SER A 95 9.50 4.56 6.29
C SER A 95 10.51 5.34 5.45
N ASP A 96 10.90 6.51 5.94
CA ASP A 96 11.84 7.36 5.23
C ASP A 96 13.19 7.40 5.96
N GLY A 97 13.15 7.67 7.26
CA GLY A 97 14.37 7.73 8.04
C GLY A 97 14.09 7.77 9.52
N SER A 98 14.58 8.83 10.19
CA SER A 98 14.40 8.98 11.62
C SER A 98 13.01 9.53 11.93
N SER A 99 12.00 9.00 11.26
CA SER A 99 10.62 9.45 11.46
C SER A 99 9.67 8.26 11.44
N THR A 100 8.91 8.10 12.53
CA THR A 100 7.95 7.02 12.65
C THR A 100 7.30 6.71 11.30
N PRO A 101 7.15 5.41 11.00
CA PRO A 101 6.54 4.95 9.74
C PRO A 101 5.05 5.24 9.69
N ALA A 102 4.57 5.65 8.52
CA ALA A 102 3.15 5.95 8.34
C ALA A 102 2.37 4.70 7.96
N ARG A 103 1.06 4.72 8.22
CA ARG A 103 0.21 3.58 7.90
C ARG A 103 -1.05 4.04 7.16
N ALA A 104 -1.52 3.21 6.24
CA ALA A 104 -2.72 3.53 5.46
C ALA A 104 -3.60 2.31 5.28
N THR A 105 -4.83 2.39 5.76
CA THR A 105 -5.78 1.29 5.66
C THR A 105 -6.47 1.28 4.30
N VAL A 106 -6.39 0.15 3.62
CA VAL A 106 -7.02 0.00 2.30
C VAL A 106 -8.09 -1.08 2.31
N THR A 107 -9.31 -0.68 1.96
CA THR A 107 -10.44 -1.61 1.94
C THR A 107 -10.70 -2.12 0.52
N ILE A 108 -10.63 -3.43 0.35
CA ILE A 108 -10.86 -4.04 -0.96
C ILE A 108 -12.09 -4.92 -0.94
N ASN A 109 -13.16 -4.45 -1.58
CA ASN A 109 -14.41 -5.19 -1.63
C ASN A 109 -14.44 -6.12 -2.85
N VAL A 110 -15.09 -7.26 -2.70
CA VAL A 110 -15.19 -8.23 -3.78
C VAL A 110 -16.61 -8.30 -4.32
N THR A 111 -16.77 -7.94 -5.60
CA THR A 111 -18.08 -7.97 -6.24
C THR A 111 -18.29 -9.26 -7.02
N ASP A 112 -19.51 -9.47 -7.51
CA ASP A 112 -19.83 -10.66 -8.27
C ASP A 112 -19.40 -10.52 -9.73
N VAL A 113 -19.21 -11.65 -10.40
CA VAL A 113 -18.78 -11.64 -11.79
C VAL A 113 -19.81 -12.35 -12.68
N ASN A 114 -20.42 -11.58 -13.58
CA ASN A 114 -21.42 -12.13 -14.49
C ASN A 114 -20.87 -12.21 -15.92
N GLY A 1 21.93 29.89 2.69
CA GLY A 1 21.66 30.91 3.70
C GLY A 1 20.18 31.19 3.87
N SER A 2 19.45 31.21 2.74
CA SER A 2 18.02 31.47 2.77
C SER A 2 17.23 30.21 2.46
N SER A 3 16.67 29.59 3.49
CA SER A 3 15.89 28.36 3.33
C SER A 3 15.00 28.12 4.55
N GLY A 4 14.07 27.18 4.41
CA GLY A 4 13.17 26.87 5.50
C GLY A 4 12.07 25.91 5.10
N SER A 5 11.16 26.37 4.25
CA SER A 5 10.05 25.55 3.79
C SER A 5 9.26 24.98 4.96
N SER A 6 9.02 25.83 5.96
CA SER A 6 8.28 25.41 7.15
C SER A 6 6.97 24.71 6.76
N GLY A 7 6.33 24.09 7.75
CA GLY A 7 5.09 23.39 7.49
C GLY A 7 5.14 21.94 7.92
N ASN A 8 5.89 21.14 7.18
CA ASN A 8 6.03 19.72 7.47
C ASN A 8 7.15 19.48 8.48
N ASP A 9 6.94 18.51 9.37
CA ASP A 9 7.93 18.18 10.39
C ASP A 9 8.88 17.08 9.89
N ASN A 10 9.25 17.16 8.63
CA ASN A 10 10.15 16.18 8.03
C ASN A 10 9.50 14.79 7.99
N ARG A 11 8.23 14.76 7.61
CA ARG A 11 7.50 13.51 7.53
C ARG A 11 6.60 13.47 6.29
N PRO A 12 6.45 12.28 5.70
CA PRO A 12 5.63 12.08 4.50
C PRO A 12 4.14 12.21 4.80
N VAL A 13 3.32 11.75 3.88
CA VAL A 13 1.86 11.82 4.04
C VAL A 13 1.15 11.06 2.92
N PHE A 14 0.20 10.20 3.31
CA PHE A 14 -0.55 9.43 2.34
C PHE A 14 -1.72 10.23 1.78
N LYS A 15 -1.74 10.39 0.46
CA LYS A 15 -2.80 11.14 -0.21
C LYS A 15 -4.14 10.91 0.47
N GLU A 16 -4.51 9.64 0.61
CA GLU A 16 -5.77 9.28 1.24
C GLU A 16 -5.59 8.12 2.21
N GLY A 17 -6.03 8.32 3.45
CA GLY A 17 -5.89 7.29 4.47
C GLY A 17 -6.66 6.03 4.10
N GLN A 18 -7.96 6.16 3.94
CA GLN A 18 -8.80 5.01 3.59
C GLN A 18 -9.38 5.16 2.18
N VAL A 19 -9.22 4.14 1.37
CA VAL A 19 -9.72 4.15 0.00
C VAL A 19 -10.43 2.85 -0.33
N GLU A 20 -11.73 2.94 -0.64
CA GLU A 20 -12.52 1.77 -0.97
C GLU A 20 -12.48 1.51 -2.48
N VAL A 21 -12.11 0.29 -2.85
CA VAL A 21 -12.04 -0.09 -4.26
C VAL A 21 -13.01 -1.22 -4.58
N HIS A 22 -13.43 -1.29 -5.83
CA HIS A 22 -14.37 -2.33 -6.27
C HIS A 22 -13.72 -3.23 -7.33
N ILE A 23 -13.52 -4.49 -6.98
CA ILE A 23 -12.91 -5.45 -7.89
C ILE A 23 -13.60 -6.82 -7.78
N PRO A 24 -13.82 -7.46 -8.94
CA PRO A 24 -14.45 -8.77 -9.00
C PRO A 24 -13.56 -9.88 -8.45
N GLU A 25 -14.18 -10.92 -7.91
CA GLU A 25 -13.43 -12.05 -7.35
C GLU A 25 -12.65 -12.77 -8.43
N ASN A 26 -13.21 -12.80 -9.64
CA ASN A 26 -12.55 -13.47 -10.77
C ASN A 26 -11.73 -12.48 -11.58
N ALA A 27 -11.26 -11.43 -10.92
CA ALA A 27 -10.45 -10.42 -11.58
C ALA A 27 -9.20 -11.03 -12.21
N PRO A 28 -8.80 -10.49 -13.37
CA PRO A 28 -7.63 -10.97 -14.10
C PRO A 28 -6.32 -10.62 -13.39
N VAL A 29 -5.44 -11.61 -13.27
CA VAL A 29 -4.16 -11.41 -12.61
C VAL A 29 -3.38 -10.26 -13.24
N GLY A 30 -2.92 -9.33 -12.40
CA GLY A 30 -2.17 -8.19 -12.89
C GLY A 30 -2.97 -6.90 -12.81
N THR A 31 -4.18 -6.98 -12.27
CA THR A 31 -5.04 -5.82 -12.14
C THR A 31 -4.63 -4.96 -10.96
N SER A 32 -4.44 -3.66 -11.21
CA SER A 32 -4.03 -2.73 -10.17
C SER A 32 -5.18 -2.50 -9.17
N VAL A 33 -4.96 -2.93 -7.94
CA VAL A 33 -5.97 -2.77 -6.90
C VAL A 33 -5.86 -1.40 -6.23
N ILE A 34 -4.77 -1.19 -5.51
CA ILE A 34 -4.54 0.08 -4.82
C ILE A 34 -3.07 0.49 -4.90
N GLN A 35 -2.83 1.79 -5.09
CA GLN A 35 -1.47 2.31 -5.17
C GLN A 35 -1.30 3.53 -4.28
N LEU A 36 -0.26 3.50 -3.45
CA LEU A 36 0.02 4.61 -2.53
C LEU A 36 1.08 5.54 -3.11
N HIS A 37 0.99 6.82 -2.77
CA HIS A 37 1.95 7.81 -3.25
C HIS A 37 2.39 8.73 -2.12
N ALA A 38 3.62 8.54 -1.65
CA ALA A 38 4.16 9.35 -0.57
C ALA A 38 5.50 9.97 -0.96
N THR A 39 5.61 11.29 -0.81
CA THR A 39 6.83 12.00 -1.15
C THR A 39 7.20 13.01 -0.08
N ASP A 40 8.25 12.72 0.68
CA ASP A 40 8.70 13.60 1.75
C ASP A 40 8.53 15.06 1.34
N ALA A 41 9.15 15.43 0.22
CA ALA A 41 9.07 16.80 -0.29
C ALA A 41 8.76 16.82 -1.78
N ASP A 42 7.57 17.28 -2.12
CA ASP A 42 7.15 17.35 -3.52
C ASP A 42 8.31 17.79 -4.41
N ILE A 43 9.15 18.67 -3.88
CA ILE A 43 10.30 19.17 -4.62
C ILE A 43 11.51 18.24 -4.46
N GLY A 44 11.73 17.39 -5.45
CA GLY A 44 12.86 16.48 -5.40
C GLY A 44 12.93 15.72 -4.08
N SER A 45 12.44 14.48 -4.09
CA SER A 45 12.44 13.66 -2.89
C SER A 45 13.63 12.70 -2.90
N ASN A 46 14.68 13.07 -2.17
CA ASN A 46 15.88 12.24 -2.10
C ASN A 46 15.79 11.25 -0.94
N ALA A 47 14.92 10.26 -1.09
CA ALA A 47 14.73 9.25 -0.05
C ALA A 47 14.04 8.01 -0.61
N GLU A 48 14.74 6.88 -0.56
CA GLU A 48 14.20 5.62 -1.08
C GLU A 48 13.17 5.05 -0.11
N ILE A 49 11.92 5.50 -0.25
CA ILE A 49 10.84 5.02 0.61
C ILE A 49 10.51 3.55 0.33
N ARG A 50 10.78 2.70 1.31
CA ARG A 50 10.51 1.28 1.17
C ARG A 50 9.18 0.90 1.82
N TYR A 51 8.32 0.23 1.07
CA TYR A 51 7.02 -0.18 1.57
C TYR A 51 7.02 -1.66 1.93
N ILE A 52 6.33 -2.00 3.03
CA ILE A 52 6.25 -3.38 3.49
C ILE A 52 4.86 -3.70 4.01
N PHE A 53 4.66 -4.94 4.42
CA PHE A 53 3.37 -5.38 4.95
C PHE A 53 3.20 -4.95 6.40
N GLY A 54 2.00 -4.50 6.74
CA GLY A 54 1.73 -4.06 8.10
C GLY A 54 1.73 -5.20 9.09
N ALA A 55 1.43 -4.89 10.35
CA ALA A 55 1.38 -5.89 11.40
C ALA A 55 0.04 -6.60 11.44
N GLN A 56 0.02 -7.83 11.95
CA GLN A 56 -1.21 -8.61 12.04
C GLN A 56 -1.88 -8.73 10.68
N VAL A 57 -1.11 -9.17 9.69
CA VAL A 57 -1.63 -9.34 8.34
C VAL A 57 -1.65 -10.81 7.93
N ALA A 58 -2.86 -11.36 7.77
CA ALA A 58 -3.02 -12.75 7.38
C ALA A 58 -2.11 -13.10 6.22
N PRO A 59 -1.59 -14.34 6.22
CA PRO A 59 -0.69 -14.83 5.17
C PRO A 59 -1.41 -15.03 3.84
N ALA A 60 -2.70 -15.35 3.91
CA ALA A 60 -3.51 -15.57 2.72
C ALA A 60 -3.65 -14.28 1.91
N THR A 61 -3.74 -13.16 2.62
CA THR A 61 -3.89 -11.86 1.96
C THR A 61 -2.60 -11.45 1.27
N LYS A 62 -1.47 -11.67 1.94
CA LYS A 62 -0.18 -11.32 1.38
C LYS A 62 0.16 -12.21 0.19
N ARG A 63 -0.33 -13.44 0.22
CA ARG A 63 -0.08 -14.40 -0.86
C ARG A 63 -0.95 -14.09 -2.06
N LEU A 64 -2.19 -13.68 -1.81
CA LEU A 64 -3.13 -13.35 -2.87
C LEU A 64 -2.82 -11.99 -3.47
N PHE A 65 -2.35 -11.06 -2.64
CA PHE A 65 -2.00 -9.72 -3.09
C PHE A 65 -0.50 -9.49 -3.00
N ALA A 66 0.09 -9.08 -4.11
CA ALA A 66 1.52 -8.81 -4.16
C ALA A 66 1.82 -7.33 -3.99
N LEU A 67 2.74 -7.00 -3.08
CA LEU A 67 3.11 -5.62 -2.83
C LEU A 67 4.51 -5.33 -3.34
N ASN A 68 4.68 -4.18 -3.97
CA ASN A 68 5.98 -3.77 -4.51
C ASN A 68 6.66 -2.77 -3.59
N ASN A 69 7.82 -3.15 -3.06
CA ASN A 69 8.57 -2.28 -2.16
C ASN A 69 9.39 -1.26 -2.94
N THR A 70 9.25 -1.29 -4.27
CA THR A 70 9.98 -0.38 -5.14
C THR A 70 9.03 0.59 -5.84
N THR A 71 7.78 0.19 -5.97
CA THR A 71 6.77 1.02 -6.62
C THR A 71 5.57 1.26 -5.71
N GLY A 72 5.51 0.49 -4.61
CA GLY A 72 4.41 0.63 -3.67
C GLY A 72 3.06 0.43 -4.33
N LEU A 73 2.98 -0.53 -5.25
CA LEU A 73 1.74 -0.81 -5.96
C LEU A 73 1.29 -2.25 -5.72
N ILE A 74 0.02 -2.43 -5.37
CA ILE A 74 -0.53 -3.75 -5.12
C ILE A 74 -1.34 -4.25 -6.31
N THR A 75 -1.04 -5.45 -6.77
CA THR A 75 -1.74 -6.04 -7.90
C THR A 75 -2.24 -7.45 -7.57
N VAL A 76 -3.23 -7.91 -8.33
CA VAL A 76 -3.79 -9.25 -8.12
C VAL A 76 -2.81 -10.32 -8.58
N GLN A 77 -2.20 -11.01 -7.62
CA GLN A 77 -1.24 -12.07 -7.93
C GLN A 77 -1.96 -13.36 -8.30
N ARG A 78 -3.10 -13.60 -7.65
CA ARG A 78 -3.89 -14.80 -7.91
C ARG A 78 -5.37 -14.52 -7.76
N SER A 79 -6.20 -15.43 -8.27
CA SER A 79 -7.65 -15.28 -8.20
C SER A 79 -8.10 -15.16 -6.75
N LEU A 80 -9.16 -14.37 -6.53
CA LEU A 80 -9.70 -14.17 -5.19
C LEU A 80 -11.06 -14.84 -5.05
N ASP A 81 -11.40 -15.23 -3.82
CA ASP A 81 -12.67 -15.89 -3.54
C ASP A 81 -13.38 -15.22 -2.37
N ARG A 82 -14.69 -15.42 -2.30
CA ARG A 82 -15.49 -14.83 -1.22
C ARG A 82 -15.78 -15.87 -0.14
N GLU A 83 -16.05 -17.10 -0.57
CA GLU A 83 -16.36 -18.19 0.35
C GLU A 83 -15.44 -18.13 1.57
N GLU A 84 -14.26 -17.54 1.38
CA GLU A 84 -13.28 -17.44 2.47
C GLU A 84 -13.34 -16.06 3.12
N THR A 85 -12.98 -15.03 2.34
CA THR A 85 -12.99 -13.67 2.84
C THR A 85 -13.56 -12.71 1.80
N ALA A 86 -14.64 -12.00 2.17
CA ALA A 86 -15.28 -11.05 1.27
C ALA A 86 -14.49 -9.74 1.22
N ILE A 87 -14.07 -9.25 2.38
CA ILE A 87 -13.31 -8.02 2.45
C ILE A 87 -11.86 -8.28 2.84
N HIS A 88 -10.94 -7.58 2.19
CA HIS A 88 -9.52 -7.73 2.46
C HIS A 88 -8.93 -6.45 3.04
N LYS A 89 -8.43 -6.54 4.27
CA LYS A 89 -7.84 -5.38 4.94
C LYS A 89 -6.31 -5.46 4.90
N VAL A 90 -5.71 -4.64 4.05
CA VAL A 90 -4.25 -4.61 3.93
C VAL A 90 -3.68 -3.27 4.39
N THR A 91 -2.69 -3.33 5.26
CA THR A 91 -2.06 -2.11 5.77
C THR A 91 -0.62 -1.99 5.30
N VAL A 92 -0.27 -0.83 4.76
CA VAL A 92 1.09 -0.59 4.26
C VAL A 92 1.84 0.35 5.19
N LEU A 93 3.15 0.13 5.29
CA LEU A 93 3.99 0.96 6.15
C LEU A 93 5.08 1.65 5.33
N ALA A 94 5.20 2.96 5.50
CA ALA A 94 6.20 3.74 4.78
C ALA A 94 7.15 4.45 5.74
N SER A 95 8.43 4.12 5.67
CA SER A 95 9.43 4.72 6.54
C SER A 95 10.49 5.46 5.71
N ASP A 96 10.76 6.70 6.09
CA ASP A 96 11.76 7.51 5.39
C ASP A 96 12.85 7.98 6.36
N GLY A 97 12.44 8.64 7.43
CA GLY A 97 13.39 9.12 8.41
C GLY A 97 12.72 9.69 9.65
N SER A 98 11.78 8.95 10.19
CA SER A 98 11.04 9.39 11.39
C SER A 98 10.95 8.27 12.41
N SER A 99 10.46 8.60 13.60
CA SER A 99 10.32 7.62 14.67
C SER A 99 9.36 6.50 14.27
N THR A 100 8.10 6.87 14.01
CA THR A 100 7.09 5.91 13.62
C THR A 100 6.68 6.10 12.16
N PRO A 101 6.49 4.98 11.44
CA PRO A 101 6.10 5.01 10.03
C PRO A 101 4.66 5.49 9.84
N ALA A 102 4.24 5.59 8.58
CA ALA A 102 2.89 6.03 8.26
C ALA A 102 1.98 4.84 7.98
N ARG A 103 0.82 4.82 8.65
CA ARG A 103 -0.14 3.75 8.47
C ARG A 103 -1.13 4.07 7.35
N ALA A 104 -1.53 3.05 6.61
CA ALA A 104 -2.48 3.23 5.52
C ALA A 104 -3.40 2.02 5.38
N THR A 105 -4.70 2.25 5.56
CA THR A 105 -5.69 1.18 5.46
C THR A 105 -6.42 1.24 4.12
N VAL A 106 -6.55 0.08 3.47
CA VAL A 106 -7.23 0.01 2.18
C VAL A 106 -8.32 -1.05 2.21
N THR A 107 -9.55 -0.65 1.92
CA THR A 107 -10.68 -1.57 1.92
C THR A 107 -10.95 -2.09 0.51
N ILE A 108 -10.63 -3.36 0.29
CA ILE A 108 -10.84 -3.98 -1.02
C ILE A 108 -12.09 -4.85 -1.01
N ASN A 109 -13.17 -4.34 -1.59
CA ASN A 109 -14.42 -5.06 -1.66
C ASN A 109 -14.45 -5.99 -2.86
N VAL A 110 -14.80 -7.25 -2.62
CA VAL A 110 -14.86 -8.25 -3.69
C VAL A 110 -16.28 -8.40 -4.21
N THR A 111 -16.47 -8.10 -5.50
CA THR A 111 -17.78 -8.20 -6.12
C THR A 111 -17.93 -9.53 -6.86
N ASP A 112 -19.17 -9.95 -7.05
CA ASP A 112 -19.46 -11.20 -7.75
C ASP A 112 -19.09 -11.09 -9.22
N VAL A 113 -19.18 -12.22 -9.93
CA VAL A 113 -18.85 -12.25 -11.35
C VAL A 113 -19.73 -13.24 -12.10
N ASN A 114 -20.48 -12.73 -13.07
CA ASN A 114 -21.38 -13.57 -13.87
C ASN A 114 -21.55 -13.00 -15.27
N GLY A 1 5.53 24.44 4.61
CA GLY A 1 6.19 25.20 3.57
C GLY A 1 7.69 24.94 3.54
N SER A 2 8.36 25.24 4.64
CA SER A 2 9.80 25.06 4.73
C SER A 2 10.17 24.21 5.95
N SER A 3 11.45 23.85 6.05
CA SER A 3 11.93 23.04 7.17
C SER A 3 12.15 23.91 8.41
N GLY A 4 11.32 23.70 9.42
CA GLY A 4 11.44 24.46 10.65
C GLY A 4 12.00 23.64 11.79
N SER A 5 12.58 24.32 12.77
CA SER A 5 13.16 23.64 13.93
C SER A 5 12.15 23.55 15.07
N SER A 6 10.94 24.03 14.82
CA SER A 6 9.88 24.00 15.83
C SER A 6 8.62 23.35 15.27
N GLY A 7 8.54 22.03 15.41
CA GLY A 7 7.38 21.30 14.92
C GLY A 7 7.46 21.02 13.43
N ASN A 8 7.83 19.78 13.08
CA ASN A 8 7.95 19.39 11.69
C ASN A 8 7.47 17.95 11.48
N ASP A 9 6.97 17.67 10.29
CA ASP A 9 6.48 16.33 9.97
C ASP A 9 7.64 15.37 9.74
N ASN A 10 8.47 15.68 8.75
CA ASN A 10 9.62 14.84 8.42
C ASN A 10 9.21 13.38 8.32
N ARG A 11 8.04 13.14 7.76
CA ARG A 11 7.53 11.78 7.60
C ARG A 11 6.75 11.64 6.31
N PRO A 12 6.74 10.42 5.74
CA PRO A 12 6.04 10.13 4.49
C PRO A 12 4.52 10.15 4.67
N VAL A 13 3.88 11.19 4.17
CA VAL A 13 2.44 11.33 4.26
C VAL A 13 1.73 10.61 3.12
N PHE A 14 0.66 9.90 3.44
CA PHE A 14 -0.10 9.16 2.44
C PHE A 14 -1.15 10.05 1.78
N LYS A 15 -1.44 9.77 0.52
CA LYS A 15 -2.42 10.55 -0.23
C LYS A 15 -3.81 10.42 0.40
N GLU A 16 -4.23 9.18 0.62
CA GLU A 16 -5.55 8.92 1.21
C GLU A 16 -5.46 7.80 2.24
N GLY A 17 -5.62 8.15 3.51
CA GLY A 17 -5.56 7.17 4.57
C GLY A 17 -6.40 5.94 4.28
N GLN A 18 -7.67 6.15 3.99
CA GLN A 18 -8.58 5.05 3.68
C GLN A 18 -9.16 5.19 2.29
N VAL A 19 -9.21 4.09 1.55
CA VAL A 19 -9.75 4.09 0.20
C VAL A 19 -10.45 2.77 -0.13
N GLU A 20 -11.70 2.86 -0.55
CA GLU A 20 -12.47 1.67 -0.90
C GLU A 20 -12.39 1.38 -2.40
N VAL A 21 -12.13 0.12 -2.73
CA VAL A 21 -12.02 -0.28 -4.14
C VAL A 21 -12.91 -1.50 -4.42
N HIS A 22 -13.40 -1.58 -5.66
CA HIS A 22 -14.26 -2.69 -6.05
C HIS A 22 -13.56 -3.57 -7.08
N ILE A 23 -13.12 -4.75 -6.64
CA ILE A 23 -12.43 -5.69 -7.52
C ILE A 23 -13.17 -7.02 -7.59
N PRO A 24 -13.30 -7.55 -8.81
CA PRO A 24 -13.98 -8.83 -9.04
C PRO A 24 -13.20 -10.03 -8.49
N GLU A 25 -13.87 -11.15 -8.33
CA GLU A 25 -13.24 -12.36 -7.81
C GLU A 25 -12.51 -13.11 -8.93
N ASN A 26 -12.88 -12.82 -10.16
CA ASN A 26 -12.27 -13.47 -11.32
C ASN A 26 -11.30 -12.52 -12.03
N ALA A 27 -10.88 -11.48 -11.32
CA ALA A 27 -9.95 -10.50 -11.88
C ALA A 27 -8.68 -11.17 -12.37
N PRO A 28 -8.13 -10.65 -13.49
CA PRO A 28 -6.91 -11.19 -14.09
C PRO A 28 -5.68 -10.91 -13.24
N VAL A 29 -4.70 -11.81 -13.30
CA VAL A 29 -3.47 -11.67 -12.54
C VAL A 29 -2.63 -10.53 -13.08
N GLY A 30 -2.41 -9.52 -12.24
CA GLY A 30 -1.61 -8.37 -12.65
C GLY A 30 -2.41 -7.08 -12.62
N THR A 31 -3.66 -7.17 -12.21
CA THR A 31 -4.53 -5.99 -12.14
C THR A 31 -4.05 -5.02 -11.07
N SER A 32 -4.36 -3.75 -11.25
CA SER A 32 -3.97 -2.71 -10.30
C SER A 32 -5.07 -2.47 -9.28
N VAL A 33 -4.75 -2.65 -8.01
CA VAL A 33 -5.71 -2.45 -6.93
C VAL A 33 -5.64 -1.02 -6.39
N ILE A 34 -4.55 -0.70 -5.72
CA ILE A 34 -4.37 0.64 -5.15
C ILE A 34 -2.95 1.13 -5.38
N GLN A 35 -2.81 2.42 -5.67
CA GLN A 35 -1.52 3.02 -5.91
C GLN A 35 -1.16 4.03 -4.82
N LEU A 36 -0.38 3.59 -3.84
CA LEU A 36 0.02 4.45 -2.73
C LEU A 36 1.30 5.21 -3.07
N HIS A 37 1.32 6.50 -2.74
CA HIS A 37 2.48 7.33 -3.00
C HIS A 37 2.81 8.21 -1.79
N ALA A 38 4.06 8.16 -1.35
CA ALA A 38 4.50 8.95 -0.21
C ALA A 38 5.81 9.66 -0.51
N THR A 39 5.86 10.96 -0.17
CA THR A 39 7.06 11.76 -0.42
C THR A 39 7.48 12.50 0.85
N ASP A 40 8.73 12.94 0.88
CA ASP A 40 9.26 13.67 2.03
C ASP A 40 10.22 14.77 1.58
N ALA A 41 10.33 15.81 2.39
CA ALA A 41 11.23 16.92 2.08
C ALA A 41 12.68 16.48 2.11
N ASP A 42 13.11 15.78 1.07
CA ASP A 42 14.49 15.30 0.97
C ASP A 42 15.29 16.15 -0.01
N ILE A 43 15.95 17.18 0.52
CA ILE A 43 16.76 18.07 -0.31
C ILE A 43 18.23 17.69 -0.24
N GLY A 44 18.67 16.86 -1.18
CA GLY A 44 20.06 16.44 -1.22
C GLY A 44 20.21 14.96 -1.44
N SER A 45 19.59 14.16 -0.57
CA SER A 45 19.66 12.71 -0.67
C SER A 45 18.26 12.10 -0.71
N ASN A 46 17.94 11.42 -1.80
CA ASN A 46 16.64 10.78 -1.96
C ASN A 46 16.51 9.56 -1.06
N ALA A 47 15.39 9.47 -0.36
CA ALA A 47 15.14 8.35 0.54
C ALA A 47 14.17 7.35 -0.08
N GLU A 48 14.71 6.35 -0.76
CA GLU A 48 13.89 5.33 -1.40
C GLU A 48 12.91 4.71 -0.41
N ILE A 49 11.74 5.34 -0.28
CA ILE A 49 10.72 4.85 0.65
C ILE A 49 10.26 3.44 0.26
N ARG A 50 10.46 2.49 1.16
CA ARG A 50 10.06 1.11 0.91
C ARG A 50 8.70 0.82 1.53
N TYR A 51 7.91 0.00 0.84
CA TYR A 51 6.57 -0.36 1.32
C TYR A 51 6.51 -1.84 1.67
N ILE A 52 6.32 -2.12 2.96
CA ILE A 52 6.24 -3.50 3.43
C ILE A 52 4.90 -3.76 4.12
N PHE A 53 4.54 -5.04 4.23
CA PHE A 53 3.29 -5.41 4.87
C PHE A 53 3.31 -5.11 6.36
N GLY A 54 2.25 -4.47 6.85
CA GLY A 54 2.18 -4.12 8.25
C GLY A 54 2.29 -5.33 9.16
N ALA A 55 1.97 -5.15 10.43
CA ALA A 55 2.03 -6.24 11.39
C ALA A 55 0.66 -6.87 11.60
N GLN A 56 0.65 -8.13 12.03
CA GLN A 56 -0.59 -8.86 12.26
C GLN A 56 -1.41 -8.96 10.97
N VAL A 57 -0.72 -9.26 9.87
CA VAL A 57 -1.37 -9.39 8.58
C VAL A 57 -1.44 -10.85 8.15
N ALA A 58 -2.66 -11.37 8.00
CA ALA A 58 -2.86 -12.75 7.59
C ALA A 58 -2.00 -13.09 6.38
N PRO A 59 -1.54 -14.35 6.31
CA PRO A 59 -0.71 -14.84 5.21
C PRO A 59 -1.48 -14.95 3.91
N ALA A 60 -2.74 -15.35 4.00
CA ALA A 60 -3.59 -15.49 2.82
C ALA A 60 -3.70 -14.17 2.06
N THR A 61 -3.97 -13.09 2.80
CA THR A 61 -4.11 -11.77 2.19
C THR A 61 -2.84 -11.36 1.46
N LYS A 62 -1.69 -11.65 2.07
CA LYS A 62 -0.40 -11.31 1.49
C LYS A 62 -0.14 -12.16 0.25
N ARG A 63 -0.73 -13.35 0.21
CA ARG A 63 -0.55 -14.25 -0.93
C ARG A 63 -1.35 -13.76 -2.14
N LEU A 64 -2.64 -13.51 -1.93
CA LEU A 64 -3.50 -13.04 -3.00
C LEU A 64 -2.99 -11.72 -3.57
N PHE A 65 -2.74 -10.75 -2.70
CA PHE A 65 -2.25 -9.46 -3.12
C PHE A 65 -0.76 -9.30 -2.81
N ALA A 66 0.00 -8.79 -3.79
CA ALA A 66 1.43 -8.61 -3.62
C ALA A 66 1.78 -7.13 -3.47
N LEU A 67 2.58 -6.81 -2.46
CA LEU A 67 2.98 -5.43 -2.21
C LEU A 67 4.32 -5.13 -2.87
N ASN A 68 4.32 -4.14 -3.75
CA ASN A 68 5.54 -3.74 -4.45
C ASN A 68 6.40 -2.81 -3.59
N ASN A 69 7.54 -3.31 -3.14
CA ASN A 69 8.46 -2.54 -2.31
C ASN A 69 9.34 -1.64 -3.16
N THR A 70 8.93 -1.42 -4.40
CA THR A 70 9.69 -0.58 -5.33
C THR A 70 8.90 0.65 -5.74
N THR A 71 7.58 0.52 -5.75
CA THR A 71 6.70 1.62 -6.13
C THR A 71 5.65 1.89 -5.05
N GLY A 72 5.33 0.85 -4.28
CA GLY A 72 4.35 1.00 -3.22
C GLY A 72 2.94 0.71 -3.70
N LEU A 73 2.83 -0.09 -4.75
CA LEU A 73 1.51 -0.44 -5.31
C LEU A 73 1.19 -1.90 -5.06
N ILE A 74 -0.09 -2.21 -4.92
CA ILE A 74 -0.54 -3.58 -4.68
C ILE A 74 -1.30 -4.12 -5.87
N THR A 75 -0.85 -5.25 -6.41
CA THR A 75 -1.49 -5.87 -7.55
C THR A 75 -1.99 -7.27 -7.21
N VAL A 76 -2.73 -7.88 -8.13
CA VAL A 76 -3.26 -9.21 -7.93
C VAL A 76 -2.20 -10.28 -8.21
N GLN A 77 -1.79 -10.99 -7.17
CA GLN A 77 -0.77 -12.03 -7.31
C GLN A 77 -1.39 -13.31 -7.88
N ARG A 78 -2.59 -13.63 -7.43
CA ARG A 78 -3.28 -14.82 -7.89
C ARG A 78 -4.79 -14.65 -7.83
N SER A 79 -5.53 -15.61 -8.36
CA SER A 79 -6.99 -15.55 -8.36
C SER A 79 -7.53 -15.45 -6.94
N LEU A 80 -8.49 -14.54 -6.75
CA LEU A 80 -9.09 -14.33 -5.44
C LEU A 80 -10.30 -15.23 -5.25
N ASP A 81 -10.64 -15.51 -4.00
CA ASP A 81 -11.78 -16.36 -3.68
C ASP A 81 -12.77 -15.62 -2.79
N ARG A 82 -13.96 -15.36 -3.32
CA ARG A 82 -15.00 -14.67 -2.57
C ARG A 82 -15.59 -15.56 -1.48
N GLU A 83 -15.96 -16.78 -1.87
CA GLU A 83 -16.54 -17.73 -0.93
C GLU A 83 -15.74 -17.75 0.39
N GLU A 84 -14.43 -17.56 0.28
CA GLU A 84 -13.57 -17.56 1.45
C GLU A 84 -13.64 -16.21 2.17
N THR A 85 -13.20 -15.16 1.49
CA THR A 85 -13.21 -13.82 2.06
C THR A 85 -13.82 -12.81 1.10
N ALA A 86 -14.72 -11.98 1.60
CA ALA A 86 -15.37 -10.97 0.79
C ALA A 86 -14.69 -9.62 0.94
N ILE A 87 -14.10 -9.38 2.10
CA ILE A 87 -13.42 -8.12 2.37
C ILE A 87 -11.97 -8.36 2.80
N HIS A 88 -11.05 -7.63 2.20
CA HIS A 88 -9.63 -7.76 2.51
C HIS A 88 -9.10 -6.51 3.21
N LYS A 89 -8.18 -6.69 4.13
CA LYS A 89 -7.60 -5.57 4.87
C LYS A 89 -6.07 -5.60 4.78
N VAL A 90 -5.51 -4.66 4.03
CA VAL A 90 -4.06 -4.58 3.86
C VAL A 90 -3.53 -3.22 4.32
N THR A 91 -2.40 -3.23 5.01
CA THR A 91 -1.79 -2.00 5.51
C THR A 91 -0.39 -1.81 4.93
N VAL A 92 -0.21 -0.73 4.17
CA VAL A 92 1.07 -0.43 3.57
C VAL A 92 1.85 0.61 4.38
N LEU A 93 2.89 0.16 5.05
CA LEU A 93 3.71 1.04 5.87
C LEU A 93 4.77 1.74 5.02
N ALA A 94 5.04 3.00 5.34
CA ALA A 94 6.03 3.79 4.61
C ALA A 94 7.17 4.21 5.53
N SER A 95 8.36 3.67 5.30
CA SER A 95 9.53 4.01 6.10
C SER A 95 10.71 4.39 5.23
N ASP A 96 11.42 5.44 5.62
CA ASP A 96 12.57 5.92 4.87
C ASP A 96 13.75 6.19 5.80
N GLY A 97 13.55 5.92 7.09
CA GLY A 97 14.61 6.14 8.05
C GLY A 97 14.16 6.97 9.23
N SER A 98 13.01 6.60 9.81
CA SER A 98 12.47 7.33 10.94
C SER A 98 11.61 6.42 11.81
N SER A 99 10.97 6.99 12.82
CA SER A 99 10.13 6.23 13.74
C SER A 99 9.11 5.41 12.96
N THR A 100 8.22 4.73 13.69
CA THR A 100 7.19 3.91 13.06
C THR A 100 6.72 4.51 11.75
N PRO A 101 6.57 3.66 10.73
CA PRO A 101 6.11 4.09 9.40
C PRO A 101 4.65 4.51 9.39
N ALA A 102 4.25 5.22 8.34
CA ALA A 102 2.88 5.68 8.21
C ALA A 102 1.93 4.51 7.99
N ARG A 103 0.79 4.55 8.68
CA ARG A 103 -0.21 3.50 8.55
C ARG A 103 -1.32 3.89 7.57
N ALA A 104 -1.53 3.06 6.56
CA ALA A 104 -2.56 3.33 5.56
C ALA A 104 -3.38 2.07 5.27
N THR A 105 -4.67 2.14 5.59
CA THR A 105 -5.57 1.01 5.36
C THR A 105 -6.30 1.14 4.03
N VAL A 106 -6.40 0.04 3.30
CA VAL A 106 -7.08 0.04 2.01
C VAL A 106 -8.10 -1.10 1.93
N THR A 107 -9.38 -0.76 2.08
CA THR A 107 -10.45 -1.74 2.02
C THR A 107 -10.67 -2.23 0.60
N ILE A 108 -10.67 -3.55 0.43
CA ILE A 108 -10.87 -4.15 -0.89
C ILE A 108 -12.11 -5.04 -0.90
N ASN A 109 -13.20 -4.52 -1.46
CA ASN A 109 -14.44 -5.28 -1.53
C ASN A 109 -14.46 -6.17 -2.77
N VAL A 110 -14.86 -7.43 -2.57
CA VAL A 110 -14.92 -8.39 -3.67
C VAL A 110 -16.31 -8.43 -4.28
N THR A 111 -16.39 -8.15 -5.58
CA THR A 111 -17.66 -8.15 -6.29
C THR A 111 -17.78 -9.36 -7.21
N ASP A 112 -19.00 -9.85 -7.38
CA ASP A 112 -19.25 -11.00 -8.23
C ASP A 112 -18.97 -10.67 -9.70
N VAL A 113 -18.75 -11.71 -10.51
CA VAL A 113 -18.47 -11.52 -11.93
C VAL A 113 -19.55 -12.18 -12.79
N ASN A 114 -20.24 -13.15 -12.21
CA ASN A 114 -21.30 -13.87 -12.93
C ASN A 114 -22.67 -13.53 -12.36
N GLY A 1 14.26 37.55 11.98
CA GLY A 1 14.09 37.11 10.60
C GLY A 1 12.67 37.29 10.10
N SER A 2 12.14 36.28 9.42
CA SER A 2 10.80 36.32 8.89
C SER A 2 9.78 35.88 9.95
N SER A 3 8.52 36.27 9.76
CA SER A 3 7.46 35.92 10.69
C SER A 3 6.87 34.55 10.33
N GLY A 4 7.73 33.60 10.01
CA GLY A 4 7.28 32.27 9.66
C GLY A 4 7.32 31.31 10.83
N SER A 5 6.61 30.20 10.70
CA SER A 5 6.57 29.20 11.77
C SER A 5 7.39 27.98 11.40
N SER A 6 7.70 27.15 12.40
CA SER A 6 8.49 25.95 12.19
C SER A 6 7.83 24.74 12.86
N GLY A 7 8.35 23.56 12.55
CA GLY A 7 7.81 22.34 13.13
C GLY A 7 7.20 21.41 12.08
N ASN A 8 8.05 20.73 11.34
CA ASN A 8 7.60 19.81 10.30
C ASN A 8 8.50 18.58 10.23
N ASP A 9 7.96 17.43 10.63
CA ASP A 9 8.71 16.18 10.62
C ASP A 9 8.93 15.70 9.19
N ASN A 10 9.95 14.88 9.00
CA ASN A 10 10.27 14.35 7.67
C ASN A 10 9.64 12.99 7.47
N ARG A 11 8.49 12.77 8.11
CA ARG A 11 7.78 11.49 7.99
C ARG A 11 6.94 11.46 6.71
N PRO A 12 6.95 10.30 6.03
CA PRO A 12 6.20 10.10 4.79
C PRO A 12 4.69 10.06 5.04
N VAL A 13 3.96 10.90 4.30
CA VAL A 13 2.51 10.96 4.43
C VAL A 13 1.82 10.26 3.26
N PHE A 14 0.93 9.32 3.57
CA PHE A 14 0.21 8.58 2.55
C PHE A 14 -0.90 9.44 1.93
N LYS A 15 -0.78 9.71 0.64
CA LYS A 15 -1.76 10.51 -0.08
C LYS A 15 -3.16 10.25 0.46
N GLU A 16 -3.56 8.98 0.47
CA GLU A 16 -4.88 8.59 0.96
C GLU A 16 -4.77 7.50 2.01
N GLY A 17 -5.38 7.74 3.17
CA GLY A 17 -5.34 6.76 4.24
C GLY A 17 -6.27 5.58 3.99
N GLN A 18 -7.56 5.82 4.06
CA GLN A 18 -8.55 4.77 3.84
C GLN A 18 -9.22 4.93 2.47
N VAL A 19 -9.07 3.91 1.63
CA VAL A 19 -9.67 3.94 0.30
C VAL A 19 -10.42 2.64 0.01
N GLU A 20 -11.61 2.77 -0.57
CA GLU A 20 -12.43 1.62 -0.90
C GLU A 20 -12.43 1.36 -2.40
N VAL A 21 -12.11 0.13 -2.79
CA VAL A 21 -12.08 -0.25 -4.20
C VAL A 21 -12.92 -1.50 -4.46
N HIS A 22 -13.51 -1.56 -5.64
CA HIS A 22 -14.34 -2.70 -6.02
C HIS A 22 -13.67 -3.53 -7.11
N ILE A 23 -13.35 -4.78 -6.78
CA ILE A 23 -12.71 -5.68 -7.72
C ILE A 23 -13.38 -7.05 -7.72
N PRO A 24 -13.59 -7.61 -8.93
CA PRO A 24 -14.20 -8.92 -9.09
C PRO A 24 -13.31 -10.05 -8.61
N GLU A 25 -13.93 -11.08 -8.03
CA GLU A 25 -13.18 -12.23 -7.53
C GLU A 25 -12.39 -12.90 -8.64
N ASN A 26 -12.96 -12.91 -9.84
CA ASN A 26 -12.31 -13.51 -10.99
C ASN A 26 -11.47 -12.49 -11.75
N ALA A 27 -10.96 -11.50 -11.03
CA ALA A 27 -10.14 -10.46 -11.62
C ALA A 27 -8.85 -11.03 -12.20
N PRO A 28 -8.40 -10.47 -13.33
CA PRO A 28 -7.17 -10.92 -14.01
C PRO A 28 -5.92 -10.57 -13.22
N VAL A 29 -5.00 -11.54 -13.13
CA VAL A 29 -3.76 -11.33 -12.39
C VAL A 29 -2.95 -10.19 -13.01
N GLY A 30 -2.57 -9.22 -12.17
CA GLY A 30 -1.80 -8.09 -12.65
C GLY A 30 -2.61 -6.81 -12.68
N THR A 31 -3.77 -6.83 -12.04
CA THR A 31 -4.65 -5.67 -12.00
C THR A 31 -4.30 -4.77 -10.82
N SER A 32 -3.97 -3.51 -11.12
CA SER A 32 -3.61 -2.56 -10.09
C SER A 32 -4.84 -2.15 -9.27
N VAL A 33 -4.92 -2.68 -8.05
CA VAL A 33 -6.04 -2.38 -7.16
C VAL A 33 -5.94 -0.97 -6.60
N ILE A 34 -4.81 -0.68 -5.96
CA ILE A 34 -4.59 0.63 -5.38
C ILE A 34 -3.12 1.04 -5.47
N GLN A 35 -2.88 2.31 -5.71
CA GLN A 35 -1.51 2.83 -5.82
C GLN A 35 -1.20 3.80 -4.68
N LEU A 36 -0.37 3.34 -3.75
CA LEU A 36 0.01 4.16 -2.61
C LEU A 36 1.29 4.95 -2.91
N HIS A 37 1.20 6.28 -2.82
CA HIS A 37 2.34 7.14 -3.08
C HIS A 37 2.66 7.99 -1.85
N ALA A 38 3.76 7.66 -1.18
CA ALA A 38 4.18 8.41 0.01
C ALA A 38 5.40 9.28 -0.29
N THR A 39 5.16 10.56 -0.51
CA THR A 39 6.23 11.50 -0.81
C THR A 39 6.55 12.38 0.39
N ASP A 40 7.79 12.86 0.46
CA ASP A 40 8.22 13.71 1.56
C ASP A 40 8.85 15.00 1.05
N ALA A 41 9.84 14.86 0.17
CA ALA A 41 10.53 16.01 -0.40
C ALA A 41 11.26 15.63 -1.68
N ASP A 42 11.77 16.63 -2.38
CA ASP A 42 12.49 16.41 -3.63
C ASP A 42 13.82 15.70 -3.37
N ILE A 43 13.75 14.43 -2.98
CA ILE A 43 14.96 13.65 -2.70
C ILE A 43 15.32 12.78 -3.89
N GLY A 44 16.13 13.32 -4.78
CA GLY A 44 16.56 12.57 -5.95
C GLY A 44 17.25 11.27 -5.60
N SER A 45 16.46 10.22 -5.38
CA SER A 45 17.00 8.92 -5.02
C SER A 45 17.95 9.03 -3.84
N ASN A 46 17.48 9.65 -2.76
CA ASN A 46 18.29 9.82 -1.57
C ASN A 46 17.93 8.79 -0.51
N ALA A 47 16.63 8.59 -0.32
CA ALA A 47 16.15 7.62 0.66
C ALA A 47 15.13 6.67 0.04
N GLU A 48 15.61 5.59 -0.55
CA GLU A 48 14.74 4.60 -1.17
C GLU A 48 13.62 4.19 -0.22
N ILE A 49 12.52 4.94 -0.24
CA ILE A 49 11.38 4.65 0.61
C ILE A 49 10.88 3.22 0.39
N ARG A 50 11.05 2.39 1.41
CA ARG A 50 10.61 1.00 1.34
C ARG A 50 9.16 0.85 1.81
N TYR A 51 8.47 -0.14 1.27
CA TYR A 51 7.07 -0.38 1.62
C TYR A 51 6.87 -1.83 2.06
N ILE A 52 6.34 -2.01 3.26
CA ILE A 52 6.09 -3.34 3.80
C ILE A 52 4.69 -3.45 4.40
N PHE A 53 4.29 -4.66 4.75
CA PHE A 53 2.98 -4.89 5.34
C PHE A 53 2.96 -4.52 6.82
N GLY A 54 1.84 -3.97 7.27
CA GLY A 54 1.72 -3.58 8.66
C GLY A 54 1.58 -4.76 9.60
N ALA A 55 1.23 -4.49 10.85
CA ALA A 55 1.07 -5.55 11.84
C ALA A 55 -0.36 -6.08 11.86
N GLN A 56 -0.54 -7.30 12.37
CA GLN A 56 -1.86 -7.91 12.44
C GLN A 56 -2.45 -8.08 11.04
N VAL A 57 -1.62 -8.49 10.09
CA VAL A 57 -2.06 -8.70 8.72
C VAL A 57 -2.10 -10.19 8.37
N ALA A 58 -3.24 -10.63 7.83
CA ALA A 58 -3.41 -12.03 7.45
C ALA A 58 -2.46 -12.40 6.32
N PRO A 59 -1.97 -13.66 6.34
CA PRO A 59 -1.06 -14.16 5.32
C PRO A 59 -1.74 -14.36 3.97
N ALA A 60 -2.94 -14.93 4.00
CA ALA A 60 -3.70 -15.17 2.78
C ALA A 60 -3.81 -13.90 1.94
N THR A 61 -4.18 -12.80 2.59
CA THR A 61 -4.31 -11.52 1.91
C THR A 61 -2.99 -11.10 1.25
N LYS A 62 -1.89 -11.37 1.94
CA LYS A 62 -0.57 -11.02 1.44
C LYS A 62 -0.17 -11.93 0.28
N ARG A 63 -0.68 -13.16 0.30
CA ARG A 63 -0.38 -14.12 -0.75
C ARG A 63 -1.14 -13.80 -2.04
N LEU A 64 -2.44 -13.58 -1.90
CA LEU A 64 -3.28 -13.25 -3.04
C LEU A 64 -2.92 -11.88 -3.62
N PHE A 65 -2.58 -10.95 -2.73
CA PHE A 65 -2.22 -9.60 -3.14
C PHE A 65 -0.72 -9.35 -2.94
N ALA A 66 -0.03 -9.01 -4.02
CA ALA A 66 1.39 -8.75 -3.96
C ALA A 66 1.67 -7.28 -3.69
N LEU A 67 2.63 -7.02 -2.81
CA LEU A 67 3.00 -5.65 -2.45
C LEU A 67 4.39 -5.31 -2.97
N ASN A 68 4.51 -4.14 -3.60
CA ASN A 68 5.79 -3.69 -4.15
C ASN A 68 6.50 -2.76 -3.17
N ASN A 69 7.80 -2.94 -3.03
CA ASN A 69 8.60 -2.11 -2.13
C ASN A 69 9.37 -1.04 -2.90
N THR A 70 9.11 -0.97 -4.20
CA THR A 70 9.77 0.02 -5.05
C THR A 70 8.77 0.98 -5.67
N THR A 71 7.52 0.51 -5.83
CA THR A 71 6.46 1.33 -6.42
C THR A 71 5.28 1.44 -5.47
N GLY A 72 5.20 0.52 -4.51
CA GLY A 72 4.11 0.53 -3.56
C GLY A 72 2.77 0.30 -4.22
N LEU A 73 2.78 -0.35 -5.39
CA LEU A 73 1.56 -0.63 -6.12
C LEU A 73 1.07 -2.04 -5.83
N ILE A 74 -0.16 -2.16 -5.33
CA ILE A 74 -0.75 -3.46 -5.02
C ILE A 74 -1.49 -4.02 -6.23
N THR A 75 -1.13 -5.25 -6.61
CA THR A 75 -1.76 -5.91 -7.74
C THR A 75 -2.19 -7.32 -7.39
N VAL A 76 -3.02 -7.91 -8.24
CA VAL A 76 -3.50 -9.28 -8.02
C VAL A 76 -2.44 -10.31 -8.38
N GLN A 77 -2.13 -11.20 -7.44
CA GLN A 77 -1.13 -12.23 -7.66
C GLN A 77 -1.79 -13.54 -8.09
N ARG A 78 -2.91 -13.86 -7.46
CA ARG A 78 -3.64 -15.09 -7.78
C ARG A 78 -5.15 -14.86 -7.70
N SER A 79 -5.91 -15.81 -8.23
CA SER A 79 -7.36 -15.71 -8.23
C SER A 79 -7.88 -15.39 -6.82
N LEU A 80 -9.03 -14.73 -6.76
CA LEU A 80 -9.63 -14.36 -5.48
C LEU A 80 -10.91 -15.16 -5.23
N ASP A 81 -11.21 -15.41 -3.96
CA ASP A 81 -12.40 -16.17 -3.60
C ASP A 81 -13.28 -15.35 -2.65
N ARG A 82 -14.59 -15.39 -2.89
CA ARG A 82 -15.54 -14.65 -2.07
C ARG A 82 -16.21 -15.58 -1.06
N GLU A 83 -16.59 -16.76 -1.52
CA GLU A 83 -17.24 -17.75 -0.65
C GLU A 83 -16.62 -17.75 0.73
N GLU A 84 -15.35 -17.39 0.81
CA GLU A 84 -14.63 -17.36 2.07
C GLU A 84 -14.63 -15.94 2.67
N THR A 85 -14.06 -15.00 1.91
CA THR A 85 -13.99 -13.62 2.35
C THR A 85 -14.34 -12.66 1.22
N ALA A 86 -15.23 -11.72 1.49
CA ALA A 86 -15.65 -10.74 0.49
C ALA A 86 -14.92 -9.42 0.69
N ILE A 87 -14.22 -9.30 1.81
CA ILE A 87 -13.48 -8.08 2.11
C ILE A 87 -12.04 -8.39 2.53
N HIS A 88 -11.11 -7.57 2.07
CA HIS A 88 -9.69 -7.76 2.39
C HIS A 88 -9.10 -6.48 2.98
N LYS A 89 -8.37 -6.63 4.08
CA LYS A 89 -7.74 -5.50 4.74
C LYS A 89 -6.21 -5.63 4.72
N VAL A 90 -5.55 -4.63 4.16
CA VAL A 90 -4.08 -4.64 4.09
C VAL A 90 -3.51 -3.29 4.49
N THR A 91 -2.43 -3.32 5.28
CA THR A 91 -1.78 -2.09 5.73
C THR A 91 -0.35 -2.01 5.22
N VAL A 92 0.04 -0.82 4.77
CA VAL A 92 1.40 -0.61 4.26
C VAL A 92 2.18 0.32 5.17
N LEU A 93 3.49 0.08 5.26
CA LEU A 93 4.36 0.91 6.10
C LEU A 93 5.37 1.67 5.25
N ALA A 94 5.34 2.99 5.35
CA ALA A 94 6.26 3.84 4.59
C ALA A 94 7.37 4.37 5.48
N SER A 95 8.60 4.31 4.98
CA SER A 95 9.76 4.78 5.73
C SER A 95 10.80 5.40 4.80
N ASP A 96 11.30 6.57 5.18
CA ASP A 96 12.30 7.27 4.38
C ASP A 96 13.47 7.72 5.25
N GLY A 97 13.17 8.12 6.48
CA GLY A 97 14.20 8.58 7.38
C GLY A 97 13.65 8.97 8.74
N SER A 98 12.55 8.32 9.14
CA SER A 98 11.93 8.60 10.42
C SER A 98 11.98 7.38 11.34
N SER A 99 11.38 7.51 12.52
CA SER A 99 11.37 6.41 13.48
C SER A 99 10.39 5.33 13.07
N THR A 100 9.10 5.60 13.22
CA THR A 100 8.06 4.64 12.86
C THR A 100 7.42 5.01 11.53
N PRO A 101 7.16 4.00 10.69
CA PRO A 101 6.54 4.19 9.38
C PRO A 101 5.08 4.60 9.49
N ALA A 102 4.49 5.01 8.37
CA ALA A 102 3.10 5.42 8.33
C ALA A 102 2.17 4.23 8.15
N ARG A 103 0.92 4.39 8.57
CA ARG A 103 -0.07 3.31 8.45
C ARG A 103 -1.25 3.75 7.59
N ALA A 104 -1.64 2.89 6.65
CA ALA A 104 -2.75 3.18 5.76
C ALA A 104 -3.53 1.92 5.40
N THR A 105 -4.78 1.87 5.85
CA THR A 105 -5.64 0.71 5.58
C THR A 105 -6.31 0.82 4.22
N VAL A 106 -6.41 -0.29 3.51
CA VAL A 106 -7.04 -0.32 2.20
C VAL A 106 -8.16 -1.35 2.15
N THR A 107 -9.40 -0.87 2.11
CA THR A 107 -10.55 -1.75 2.06
C THR A 107 -10.85 -2.19 0.63
N ILE A 108 -10.66 -3.47 0.35
CA ILE A 108 -10.90 -4.03 -0.97
C ILE A 108 -12.14 -4.91 -0.98
N ASN A 109 -13.20 -4.44 -1.65
CA ASN A 109 -14.44 -5.19 -1.74
C ASN A 109 -14.39 -6.21 -2.87
N VAL A 110 -14.86 -7.42 -2.60
CA VAL A 110 -14.88 -8.49 -3.60
C VAL A 110 -16.27 -8.67 -4.18
N THR A 111 -16.36 -8.58 -5.50
CA THR A 111 -17.64 -8.74 -6.20
C THR A 111 -17.66 -10.02 -7.02
N ASP A 112 -18.80 -10.31 -7.63
CA ASP A 112 -18.95 -11.50 -8.45
C ASP A 112 -18.50 -11.24 -9.89
N VAL A 113 -18.65 -12.25 -10.74
CA VAL A 113 -18.28 -12.12 -12.15
C VAL A 113 -19.27 -12.83 -13.05
N ASN A 114 -19.91 -12.06 -13.93
CA ASN A 114 -20.89 -12.62 -14.86
C ASN A 114 -20.24 -13.00 -16.18
N GLY A 1 34.15 11.13 12.49
CA GLY A 1 32.82 10.86 11.99
C GLY A 1 32.75 10.93 10.47
N SER A 2 31.81 10.19 9.90
CA SER A 2 31.64 10.17 8.45
C SER A 2 30.32 10.81 8.05
N SER A 3 29.27 10.53 8.82
CA SER A 3 27.94 11.08 8.54
C SER A 3 28.01 12.58 8.31
N GLY A 4 27.37 13.03 7.24
CA GLY A 4 27.37 14.45 6.92
C GLY A 4 26.06 14.91 6.33
N SER A 5 24.95 14.55 6.97
CA SER A 5 23.63 14.93 6.50
C SER A 5 23.10 16.15 7.25
N SER A 6 22.18 16.86 6.63
CA SER A 6 21.59 18.05 7.23
C SER A 6 20.37 17.70 8.08
N GLY A 7 20.01 18.61 8.98
CA GLY A 7 18.87 18.37 9.85
C GLY A 7 17.55 18.74 9.18
N ASN A 8 17.09 17.88 8.29
CA ASN A 8 15.82 18.12 7.58
C ASN A 8 14.90 16.91 7.67
N ASP A 9 14.84 16.32 8.86
CA ASP A 9 13.99 15.15 9.08
C ASP A 9 12.56 15.42 8.62
N ASN A 10 11.89 14.37 8.14
CA ASN A 10 10.52 14.49 7.67
C ASN A 10 9.91 13.12 7.40
N ARG A 11 8.70 12.91 7.90
CA ARG A 11 8.01 11.64 7.73
C ARG A 11 7.16 11.66 6.45
N PRO A 12 7.10 10.51 5.76
CA PRO A 12 6.33 10.37 4.52
C PRO A 12 4.83 10.42 4.77
N VAL A 13 4.10 11.06 3.86
CA VAL A 13 2.66 11.19 3.98
C VAL A 13 1.96 10.45 2.84
N PHE A 14 0.76 9.94 3.11
CA PHE A 14 -0.01 9.22 2.10
C PHE A 14 -1.06 10.14 1.46
N LYS A 15 -1.19 10.05 0.14
CA LYS A 15 -2.14 10.87 -0.59
C LYS A 15 -3.56 10.63 -0.08
N GLU A 16 -3.89 9.37 0.17
CA GLU A 16 -5.21 9.01 0.67
C GLU A 16 -5.14 7.87 1.68
N GLY A 17 -5.88 8.01 2.78
CA GLY A 17 -5.88 6.99 3.80
C GLY A 17 -6.85 5.86 3.51
N GLN A 18 -8.02 5.92 4.12
CA GLN A 18 -9.04 4.90 3.91
C GLN A 18 -9.73 5.08 2.57
N VAL A 19 -9.57 4.09 1.68
CA VAL A 19 -10.17 4.14 0.36
C VAL A 19 -10.75 2.79 -0.03
N GLU A 20 -12.03 2.77 -0.37
CA GLU A 20 -12.69 1.53 -0.77
C GLU A 20 -12.56 1.30 -2.26
N VAL A 21 -12.39 0.04 -2.65
CA VAL A 21 -12.25 -0.32 -4.06
C VAL A 21 -13.14 -1.51 -4.42
N HIS A 22 -13.44 -1.64 -5.71
CA HIS A 22 -14.28 -2.73 -6.18
C HIS A 22 -13.55 -3.59 -7.21
N ILE A 23 -13.33 -4.86 -6.88
CA ILE A 23 -12.64 -5.78 -7.78
C ILE A 23 -13.29 -7.15 -7.76
N PRO A 24 -13.47 -7.73 -8.96
CA PRO A 24 -14.08 -9.05 -9.12
C PRO A 24 -13.18 -10.17 -8.59
N GLU A 25 -13.80 -11.19 -7.99
CA GLU A 25 -13.05 -12.31 -7.44
C GLU A 25 -12.27 -13.03 -8.53
N ASN A 26 -12.80 -13.00 -9.75
CA ASN A 26 -12.14 -13.64 -10.89
C ASN A 26 -11.21 -12.66 -11.60
N ALA A 27 -10.88 -11.56 -10.93
CA ALA A 27 -9.99 -10.56 -11.50
C ALA A 27 -8.70 -11.18 -12.00
N PRO A 28 -8.18 -10.67 -13.11
CA PRO A 28 -6.94 -11.16 -13.72
C PRO A 28 -5.72 -10.82 -12.88
N VAL A 29 -4.85 -11.81 -12.68
CA VAL A 29 -3.63 -11.61 -11.89
C VAL A 29 -2.74 -10.55 -12.52
N GLY A 30 -2.52 -9.46 -11.79
CA GLY A 30 -1.68 -8.39 -12.31
C GLY A 30 -2.44 -7.09 -12.46
N THR A 31 -3.61 -7.00 -11.84
CA THR A 31 -4.43 -5.80 -11.92
C THR A 31 -4.08 -4.82 -10.81
N SER A 32 -3.91 -3.56 -11.17
CA SER A 32 -3.58 -2.51 -10.19
C SER A 32 -4.80 -2.14 -9.36
N VAL A 33 -4.74 -2.42 -8.07
CA VAL A 33 -5.83 -2.12 -7.16
C VAL A 33 -5.74 -0.69 -6.65
N ILE A 34 -4.67 -0.38 -5.94
CA ILE A 34 -4.46 0.96 -5.40
C ILE A 34 -2.98 1.34 -5.45
N GLN A 35 -2.72 2.65 -5.51
CA GLN A 35 -1.36 3.15 -5.56
C GLN A 35 -1.14 4.25 -4.52
N LEU A 36 -0.09 4.10 -3.73
CA LEU A 36 0.23 5.09 -2.70
C LEU A 36 1.46 5.91 -3.09
N HIS A 37 1.41 7.20 -2.81
CA HIS A 37 2.50 8.11 -3.12
C HIS A 37 2.93 8.90 -1.90
N ALA A 38 4.17 8.72 -1.48
CA ALA A 38 4.70 9.43 -0.33
C ALA A 38 5.94 10.25 -0.69
N THR A 39 5.75 11.52 -0.97
CA THR A 39 6.85 12.40 -1.34
C THR A 39 7.43 13.11 -0.11
N ASP A 40 8.68 12.81 0.20
CA ASP A 40 9.35 13.42 1.35
C ASP A 40 10.10 14.68 0.94
N ALA A 41 10.99 14.55 -0.04
CA ALA A 41 11.76 15.69 -0.53
C ALA A 41 12.15 15.50 -1.99
N ASP A 42 11.60 16.35 -2.85
CA ASP A 42 11.89 16.27 -4.28
C ASP A 42 13.06 17.20 -4.65
N ILE A 43 12.93 18.47 -4.27
CA ILE A 43 13.97 19.45 -4.56
C ILE A 43 15.17 19.26 -3.64
N GLY A 44 16.18 18.55 -4.13
CA GLY A 44 17.37 18.31 -3.34
C GLY A 44 17.82 16.86 -3.39
N SER A 45 17.43 16.09 -2.39
CA SER A 45 17.81 14.67 -2.31
C SER A 45 16.59 13.78 -2.51
N ASN A 46 16.83 12.50 -2.72
CA ASN A 46 15.76 11.53 -2.93
C ASN A 46 16.06 10.21 -2.23
N ALA A 47 15.23 9.86 -1.24
CA ALA A 47 15.41 8.63 -0.49
C ALA A 47 14.60 7.48 -1.11
N GLU A 48 14.90 6.27 -0.71
CA GLU A 48 14.21 5.09 -1.21
C GLU A 48 13.19 4.58 -0.20
N ILE A 49 11.96 5.07 -0.30
CA ILE A 49 10.89 4.65 0.61
C ILE A 49 10.46 3.22 0.33
N ARG A 50 10.57 2.36 1.32
CA ARG A 50 10.19 0.96 1.19
C ARG A 50 8.80 0.73 1.75
N TYR A 51 8.00 -0.08 1.05
CA TYR A 51 6.64 -0.38 1.48
C TYR A 51 6.53 -1.84 1.91
N ILE A 52 6.46 -2.06 3.22
CA ILE A 52 6.34 -3.41 3.77
C ILE A 52 4.91 -3.69 4.25
N PHE A 53 4.68 -4.91 4.70
CA PHE A 53 3.37 -5.30 5.20
C PHE A 53 3.16 -4.84 6.64
N GLY A 54 1.92 -4.52 6.97
CA GLY A 54 1.60 -4.07 8.33
C GLY A 54 1.76 -5.18 9.35
N ALA A 55 1.26 -4.94 10.55
CA ALA A 55 1.34 -5.91 11.63
C ALA A 55 0.03 -6.67 11.78
N GLN A 56 0.11 -7.90 12.28
CA GLN A 56 -1.07 -8.73 12.47
C GLN A 56 -1.77 -9.00 11.14
N VAL A 57 -0.99 -9.03 10.07
CA VAL A 57 -1.53 -9.29 8.74
C VAL A 57 -1.45 -10.77 8.38
N ALA A 58 -2.59 -11.36 8.05
CA ALA A 58 -2.64 -12.77 7.68
C ALA A 58 -1.80 -13.04 6.44
N PRO A 59 -1.29 -14.29 6.33
CA PRO A 59 -0.46 -14.70 5.20
C PRO A 59 -1.27 -14.80 3.90
N ALA A 60 -2.38 -15.51 3.95
CA ALA A 60 -3.24 -15.68 2.78
C ALA A 60 -3.45 -14.36 2.07
N THR A 61 -3.51 -13.27 2.82
CA THR A 61 -3.71 -11.94 2.26
C THR A 61 -2.46 -11.47 1.52
N LYS A 62 -1.30 -11.77 2.08
CA LYS A 62 -0.03 -11.38 1.49
C LYS A 62 0.26 -12.21 0.24
N ARG A 63 -0.21 -13.45 0.25
CA ARG A 63 0.01 -14.35 -0.88
C ARG A 63 -0.91 -14.01 -2.04
N LEU A 64 -2.22 -14.16 -1.81
CA LEU A 64 -3.21 -13.87 -2.85
C LEU A 64 -2.86 -12.59 -3.58
N PHE A 65 -2.51 -11.56 -2.83
CA PHE A 65 -2.14 -10.26 -3.42
C PHE A 65 -0.63 -10.14 -3.58
N ALA A 66 -0.20 -9.05 -4.19
CA ALA A 66 1.24 -8.82 -4.41
C ALA A 66 1.59 -7.36 -4.17
N LEU A 67 2.36 -7.10 -3.13
CA LEU A 67 2.78 -5.74 -2.80
C LEU A 67 4.20 -5.47 -3.26
N ASN A 68 4.42 -4.29 -3.83
CA ASN A 68 5.74 -3.92 -4.32
C ASN A 68 6.42 -2.95 -3.37
N ASN A 69 7.68 -3.22 -3.06
CA ASN A 69 8.45 -2.37 -2.15
C ASN A 69 9.29 -1.36 -2.93
N THR A 70 9.09 -1.30 -4.24
CA THR A 70 9.83 -0.38 -5.09
C THR A 70 8.90 0.62 -5.78
N THR A 71 7.64 0.21 -5.96
CA THR A 71 6.66 1.06 -6.61
C THR A 71 5.45 1.29 -5.71
N GLY A 72 5.37 0.51 -4.63
CA GLY A 72 4.26 0.65 -3.71
C GLY A 72 2.92 0.47 -4.38
N LEU A 73 2.82 -0.51 -5.27
CA LEU A 73 1.58 -0.76 -5.99
C LEU A 73 1.06 -2.18 -5.71
N ILE A 74 -0.12 -2.26 -5.12
CA ILE A 74 -0.72 -3.55 -4.80
C ILE A 74 -1.52 -4.10 -5.98
N THR A 75 -1.14 -5.30 -6.43
CA THR A 75 -1.83 -5.93 -7.56
C THR A 75 -2.14 -7.39 -7.25
N VAL A 76 -3.14 -7.93 -7.94
CA VAL A 76 -3.56 -9.31 -7.75
C VAL A 76 -2.40 -10.26 -8.03
N GLN A 77 -2.21 -11.24 -7.14
CA GLN A 77 -1.15 -12.22 -7.30
C GLN A 77 -1.72 -13.60 -7.60
N ARG A 78 -2.94 -13.84 -7.14
CA ARG A 78 -3.60 -15.12 -7.36
C ARG A 78 -5.11 -15.00 -7.20
N SER A 79 -5.85 -15.96 -7.74
CA SER A 79 -7.30 -15.95 -7.67
C SER A 79 -7.77 -15.64 -6.24
N LEU A 80 -8.76 -14.77 -6.13
CA LEU A 80 -9.30 -14.38 -4.83
C LEU A 80 -10.48 -15.26 -4.44
N ASP A 81 -10.73 -15.37 -3.14
CA ASP A 81 -11.84 -16.19 -2.64
C ASP A 81 -12.73 -15.37 -1.70
N ARG A 82 -13.97 -15.14 -2.14
CA ARG A 82 -14.92 -14.38 -1.34
C ARG A 82 -15.51 -15.24 -0.22
N GLU A 83 -15.86 -16.47 -0.56
CA GLU A 83 -16.44 -17.39 0.41
C GLU A 83 -15.75 -17.27 1.77
N GLU A 84 -14.42 -17.19 1.74
CA GLU A 84 -13.64 -17.07 2.97
C GLU A 84 -13.69 -15.63 3.50
N THR A 85 -13.29 -14.68 2.67
CA THR A 85 -13.29 -13.28 3.05
C THR A 85 -13.77 -12.39 1.90
N ALA A 86 -14.80 -11.60 2.18
CA ALA A 86 -15.37 -10.70 1.17
C ALA A 86 -14.70 -9.33 1.23
N ILE A 87 -14.07 -9.03 2.36
CA ILE A 87 -13.40 -7.75 2.54
C ILE A 87 -11.94 -7.95 2.93
N HIS A 88 -11.03 -7.50 2.07
CA HIS A 88 -9.60 -7.63 2.33
C HIS A 88 -9.02 -6.31 2.84
N LYS A 89 -8.59 -6.31 4.09
CA LYS A 89 -8.01 -5.12 4.71
C LYS A 89 -6.49 -5.22 4.78
N VAL A 90 -5.82 -4.49 3.89
CA VAL A 90 -4.35 -4.50 3.85
C VAL A 90 -3.78 -3.14 4.26
N THR A 91 -2.80 -3.16 5.15
CA THR A 91 -2.17 -1.93 5.62
C THR A 91 -0.71 -1.87 5.19
N VAL A 92 -0.33 -0.76 4.54
CA VAL A 92 1.04 -0.57 4.08
C VAL A 92 1.79 0.40 4.98
N LEU A 93 3.08 0.15 5.17
CA LEU A 93 3.91 1.01 5.99
C LEU A 93 4.93 1.78 5.15
N ALA A 94 5.19 3.02 5.53
CA ALA A 94 6.15 3.85 4.82
C ALA A 94 7.29 4.29 5.72
N SER A 95 8.48 3.74 5.47
CA SER A 95 9.65 4.06 6.27
C SER A 95 10.72 4.73 5.41
N ASP A 96 10.88 6.04 5.58
CA ASP A 96 11.87 6.81 4.82
C ASP A 96 13.01 7.25 5.73
N GLY A 97 13.20 6.54 6.83
CA GLY A 97 14.27 6.89 7.75
C GLY A 97 13.74 7.60 9.00
N SER A 98 12.67 7.07 9.57
CA SER A 98 12.07 7.65 10.76
C SER A 98 11.79 6.58 11.81
N SER A 99 11.60 7.02 13.05
CA SER A 99 11.33 6.11 14.15
C SER A 99 10.32 5.03 13.73
N THR A 100 9.13 5.48 13.35
CA THR A 100 8.08 4.58 12.93
C THR A 100 7.45 5.02 11.61
N PRO A 101 7.18 4.05 10.72
CA PRO A 101 6.58 4.32 9.41
C PRO A 101 5.13 4.78 9.52
N ALA A 102 4.55 5.17 8.39
CA ALA A 102 3.16 5.62 8.35
C ALA A 102 2.21 4.44 8.24
N ARG A 103 0.93 4.70 8.46
CA ARG A 103 -0.09 3.66 8.38
C ARG A 103 -1.22 4.07 7.43
N ALA A 104 -1.52 3.21 6.47
CA ALA A 104 -2.57 3.48 5.50
C ALA A 104 -3.44 2.24 5.27
N THR A 105 -4.72 2.36 5.60
CA THR A 105 -5.65 1.25 5.43
C THR A 105 -6.32 1.30 4.06
N VAL A 106 -6.43 0.14 3.41
CA VAL A 106 -7.05 0.05 2.09
C VAL A 106 -8.10 -1.06 2.05
N THR A 107 -9.36 -0.68 2.16
CA THR A 107 -10.46 -1.65 2.13
C THR A 107 -10.75 -2.11 0.70
N ILE A 108 -10.76 -3.42 0.51
CA ILE A 108 -11.03 -4.00 -0.80
C ILE A 108 -12.36 -4.74 -0.81
N ASN A 109 -13.28 -4.28 -1.66
CA ASN A 109 -14.60 -4.91 -1.76
C ASN A 109 -14.63 -5.90 -2.93
N VAL A 110 -14.82 -7.17 -2.62
CA VAL A 110 -14.88 -8.21 -3.65
C VAL A 110 -16.28 -8.32 -4.24
N THR A 111 -16.38 -8.10 -5.54
CA THR A 111 -17.67 -8.18 -6.23
C THR A 111 -17.78 -9.47 -7.03
N ASP A 112 -19.01 -9.82 -7.41
CA ASP A 112 -19.25 -11.03 -8.19
C ASP A 112 -18.89 -10.81 -9.66
N VAL A 113 -18.88 -11.90 -10.43
CA VAL A 113 -18.55 -11.83 -11.84
C VAL A 113 -19.56 -12.61 -12.68
N ASN A 114 -20.29 -11.90 -13.54
CA ASN A 114 -21.29 -12.52 -14.40
C ASN A 114 -20.69 -12.89 -15.75
N GLY A 1 21.04 25.33 -15.76
CA GLY A 1 20.72 24.93 -14.40
C GLY A 1 20.44 26.11 -13.50
N SER A 2 19.84 25.84 -12.35
CA SER A 2 19.51 26.89 -11.39
C SER A 2 19.67 26.39 -9.96
N SER A 3 19.74 27.34 -9.02
CA SER A 3 19.90 26.99 -7.61
C SER A 3 18.60 27.22 -6.85
N GLY A 4 17.87 26.13 -6.59
CA GLY A 4 16.62 26.22 -5.87
C GLY A 4 16.15 24.88 -5.35
N SER A 5 16.11 24.75 -4.02
CA SER A 5 15.68 23.51 -3.40
C SER A 5 14.93 23.78 -2.11
N SER A 6 14.03 22.86 -1.74
CA SER A 6 13.24 23.02 -0.53
C SER A 6 13.04 21.66 0.16
N GLY A 7 12.84 21.70 1.47
CA GLY A 7 12.63 20.48 2.22
C GLY A 7 11.68 20.67 3.39
N ASN A 8 10.54 21.29 3.12
CA ASN A 8 9.54 21.53 4.15
C ASN A 8 9.09 20.22 4.80
N ASP A 9 8.56 19.31 3.98
CA ASP A 9 8.10 18.02 4.46
C ASP A 9 9.25 17.02 4.51
N ASN A 10 9.57 16.55 5.73
CA ASN A 10 10.64 15.59 5.91
C ASN A 10 10.11 14.17 5.92
N ARG A 11 8.89 14.00 6.42
CA ARG A 11 8.26 12.69 6.49
C ARG A 11 7.29 12.50 5.34
N PRO A 12 7.22 11.26 4.81
CA PRO A 12 6.33 10.92 3.70
C PRO A 12 4.86 10.93 4.11
N VAL A 13 3.99 11.17 3.13
CA VAL A 13 2.55 11.21 3.39
C VAL A 13 1.79 10.41 2.34
N PHE A 14 0.80 9.64 2.80
CA PHE A 14 -0.01 8.83 1.90
C PHE A 14 -1.12 9.65 1.28
N LYS A 15 -1.28 9.52 -0.04
CA LYS A 15 -2.31 10.26 -0.76
C LYS A 15 -3.70 9.89 -0.25
N GLU A 16 -3.92 8.60 -0.01
CA GLU A 16 -5.20 8.12 0.49
C GLU A 16 -5.02 7.04 1.55
N GLY A 17 -5.70 7.20 2.67
CA GLY A 17 -5.59 6.25 3.76
C GLY A 17 -6.68 5.20 3.71
N GLN A 18 -7.87 5.56 4.21
CA GLN A 18 -9.00 4.65 4.24
C GLN A 18 -9.87 4.84 3.00
N VAL A 19 -9.76 3.91 2.06
CA VAL A 19 -10.55 3.98 0.83
C VAL A 19 -11.14 2.61 0.48
N GLU A 20 -12.19 2.62 -0.33
CA GLU A 20 -12.84 1.39 -0.75
C GLU A 20 -12.74 1.19 -2.25
N VAL A 21 -12.49 -0.05 -2.68
CA VAL A 21 -12.37 -0.36 -4.09
C VAL A 21 -13.21 -1.59 -4.45
N HIS A 22 -13.75 -1.59 -5.68
CA HIS A 22 -14.57 -2.70 -6.14
C HIS A 22 -13.84 -3.49 -7.23
N ILE A 23 -13.56 -4.76 -6.94
CA ILE A 23 -12.87 -5.63 -7.89
C ILE A 23 -13.41 -7.05 -7.83
N PRO A 24 -13.61 -7.66 -9.00
CA PRO A 24 -14.13 -9.03 -9.10
C PRO A 24 -13.10 -10.07 -8.64
N GLU A 25 -13.60 -11.17 -8.09
CA GLU A 25 -12.73 -12.23 -7.60
C GLU A 25 -12.02 -12.93 -8.76
N ASN A 26 -12.57 -12.78 -9.96
CA ASN A 26 -11.99 -13.39 -11.15
C ASN A 26 -11.03 -12.42 -11.84
N ALA A 27 -10.91 -11.21 -11.30
CA ALA A 27 -10.04 -10.20 -11.87
C ALA A 27 -8.77 -10.84 -12.43
N PRO A 28 -8.28 -10.28 -13.55
CA PRO A 28 -7.07 -10.78 -14.22
C PRO A 28 -5.80 -10.50 -13.40
N VAL A 29 -5.00 -11.54 -13.19
CA VAL A 29 -3.77 -11.42 -12.43
C VAL A 29 -2.85 -10.36 -13.05
N GLY A 30 -2.34 -9.47 -12.20
CA GLY A 30 -1.45 -8.42 -12.68
C GLY A 30 -2.13 -7.08 -12.76
N THR A 31 -3.35 -7.00 -12.21
CA THR A 31 -4.11 -5.76 -12.23
C THR A 31 -3.67 -4.82 -11.11
N SER A 32 -3.67 -3.51 -11.40
CA SER A 32 -3.27 -2.52 -10.41
C SER A 32 -4.44 -2.12 -9.53
N VAL A 33 -4.42 -2.57 -8.29
CA VAL A 33 -5.48 -2.26 -7.34
C VAL A 33 -5.36 -0.83 -6.83
N ILE A 34 -4.31 -0.57 -6.05
CA ILE A 34 -4.08 0.75 -5.50
C ILE A 34 -2.62 1.18 -5.68
N GLN A 35 -2.41 2.49 -5.82
CA GLN A 35 -1.06 3.01 -6.00
C GLN A 35 -0.75 4.07 -4.93
N LEU A 36 0.30 3.81 -4.15
CA LEU A 36 0.71 4.73 -3.09
C LEU A 36 1.92 5.53 -3.51
N HIS A 37 1.76 6.85 -3.61
CA HIS A 37 2.84 7.73 -4.01
C HIS A 37 3.24 8.65 -2.86
N ALA A 38 4.39 8.36 -2.24
CA ALA A 38 4.88 9.16 -1.13
C ALA A 38 6.11 9.97 -1.53
N THR A 39 6.26 11.14 -0.94
CA THR A 39 7.39 12.01 -1.24
C THR A 39 8.23 12.27 0.01
N ASP A 40 9.52 12.52 -0.20
CA ASP A 40 10.44 12.78 0.90
C ASP A 40 11.52 13.77 0.49
N ALA A 41 12.43 14.05 1.42
CA ALA A 41 13.52 14.98 1.14
C ALA A 41 14.05 14.82 -0.28
N ASP A 42 13.59 15.69 -1.18
CA ASP A 42 14.01 15.64 -2.57
C ASP A 42 15.53 15.49 -2.67
N ILE A 43 16.24 16.04 -1.70
CA ILE A 43 17.69 15.97 -1.67
C ILE A 43 18.18 14.52 -1.66
N GLY A 44 18.87 14.12 -2.73
CA GLY A 44 19.38 12.77 -2.82
C GLY A 44 20.39 12.44 -1.73
N SER A 45 19.90 11.99 -0.59
CA SER A 45 20.76 11.65 0.54
C SER A 45 20.43 10.27 1.08
N ASN A 46 20.94 9.24 0.41
CA ASN A 46 20.69 7.86 0.83
C ASN A 46 19.26 7.68 1.31
N ALA A 47 18.32 8.26 0.58
CA ALA A 47 16.90 8.17 0.93
C ALA A 47 16.20 7.13 0.07
N GLU A 48 15.65 6.10 0.72
CA GLU A 48 14.94 5.03 0.01
C GLU A 48 13.66 4.66 0.75
N ILE A 49 12.52 5.06 0.18
CA ILE A 49 11.22 4.76 0.78
C ILE A 49 10.74 3.37 0.38
N ARG A 50 10.60 2.49 1.37
CA ARG A 50 10.14 1.13 1.12
C ARG A 50 8.78 0.88 1.77
N TYR A 51 8.05 -0.10 1.25
CA TYR A 51 6.74 -0.43 1.79
C TYR A 51 6.71 -1.86 2.32
N ILE A 52 6.08 -2.04 3.48
CA ILE A 52 5.98 -3.35 4.09
C ILE A 52 4.64 -3.54 4.79
N PHE A 53 4.17 -4.78 4.86
CA PHE A 53 2.89 -5.09 5.50
C PHE A 53 2.95 -4.76 6.98
N GLY A 54 1.85 -4.21 7.50
CA GLY A 54 1.79 -3.86 8.90
C GLY A 54 1.73 -5.08 9.81
N ALA A 55 1.22 -4.89 11.02
CA ALA A 55 1.12 -5.98 11.98
C ALA A 55 -0.27 -6.62 11.92
N GLN A 56 -0.36 -7.85 12.43
CA GLN A 56 -1.62 -8.58 12.44
C GLN A 56 -2.21 -8.67 11.04
N VAL A 57 -1.38 -9.05 10.07
CA VAL A 57 -1.81 -9.16 8.68
C VAL A 57 -1.87 -10.62 8.26
N ALA A 58 -3.06 -11.09 7.89
CA ALA A 58 -3.24 -12.47 7.44
C ALA A 58 -2.31 -12.80 6.29
N PRO A 59 -1.82 -14.04 6.28
CA PRO A 59 -0.90 -14.53 5.23
C PRO A 59 -1.59 -14.66 3.87
N ALA A 60 -2.74 -15.33 3.87
CA ALA A 60 -3.50 -15.53 2.64
C ALA A 60 -3.59 -14.24 1.83
N THR A 61 -3.94 -13.15 2.51
CA THR A 61 -4.07 -11.86 1.85
C THR A 61 -2.78 -11.50 1.10
N LYS A 62 -1.65 -11.80 1.70
CA LYS A 62 -0.36 -11.51 1.10
C LYS A 62 -0.11 -12.41 -0.11
N ARG A 63 -0.80 -13.55 -0.14
CA ARG A 63 -0.64 -14.50 -1.24
C ARG A 63 -1.44 -14.04 -2.46
N LEU A 64 -2.75 -13.90 -2.30
CA LEU A 64 -3.62 -13.46 -3.39
C LEU A 64 -3.09 -12.19 -4.03
N PHE A 65 -2.85 -11.17 -3.20
CA PHE A 65 -2.35 -9.90 -3.69
C PHE A 65 -0.83 -9.80 -3.50
N ALA A 66 -0.20 -8.96 -4.30
CA ALA A 66 1.24 -8.77 -4.23
C ALA A 66 1.60 -7.31 -3.99
N LEU A 67 2.09 -7.01 -2.79
CA LEU A 67 2.46 -5.64 -2.44
C LEU A 67 3.95 -5.41 -2.71
N ASN A 68 4.23 -4.58 -3.71
CA ASN A 68 5.60 -4.27 -4.07
C ASN A 68 6.29 -3.47 -2.97
N ASN A 69 7.35 -4.03 -2.41
CA ASN A 69 8.10 -3.37 -1.34
C ASN A 69 9.10 -2.37 -1.91
N THR A 70 8.89 -1.99 -3.17
CA THR A 70 9.77 -1.03 -3.83
C THR A 70 8.98 0.19 -4.32
N THR A 71 7.71 -0.02 -4.62
CA THR A 71 6.85 1.06 -5.10
C THR A 71 5.58 1.16 -4.26
N GLY A 72 5.19 0.05 -3.64
CA GLY A 72 3.99 0.04 -2.82
C GLY A 72 2.73 -0.17 -3.63
N LEU A 73 2.89 -0.67 -4.84
CA LEU A 73 1.75 -0.93 -5.72
C LEU A 73 1.20 -2.33 -5.50
N ILE A 74 -0.06 -2.42 -5.12
CA ILE A 74 -0.71 -3.70 -4.90
C ILE A 74 -1.36 -4.24 -6.17
N THR A 75 -1.02 -5.47 -6.53
CA THR A 75 -1.58 -6.10 -7.73
C THR A 75 -1.96 -7.55 -7.46
N VAL A 76 -3.04 -7.99 -8.10
CA VAL A 76 -3.51 -9.36 -7.94
C VAL A 76 -2.45 -10.36 -8.41
N GLN A 77 -1.94 -11.15 -7.48
CA GLN A 77 -0.93 -12.16 -7.80
C GLN A 77 -1.57 -13.47 -8.23
N ARG A 78 -2.61 -13.87 -7.51
CA ARG A 78 -3.32 -15.10 -7.82
C ARG A 78 -4.83 -14.93 -7.64
N SER A 79 -5.60 -15.74 -8.37
CA SER A 79 -7.05 -15.67 -8.30
C SER A 79 -7.52 -15.51 -6.86
N LEU A 80 -8.45 -14.59 -6.65
CA LEU A 80 -8.99 -14.32 -5.32
C LEU A 80 -10.15 -15.26 -5.00
N ASP A 81 -10.44 -15.43 -3.71
CA ASP A 81 -11.53 -16.30 -3.28
C ASP A 81 -12.39 -15.60 -2.23
N ARG A 82 -13.64 -15.31 -2.59
CA ARG A 82 -14.57 -14.65 -1.68
C ARG A 82 -15.08 -15.62 -0.62
N GLU A 83 -15.36 -16.85 -1.04
CA GLU A 83 -15.86 -17.87 -0.12
C GLU A 83 -15.15 -17.79 1.22
N GLU A 84 -13.90 -17.32 1.20
CA GLU A 84 -13.11 -17.20 2.42
C GLU A 84 -13.39 -15.87 3.12
N THR A 85 -13.09 -14.77 2.44
CA THR A 85 -13.30 -13.44 2.98
C THR A 85 -13.86 -12.49 1.92
N ALA A 86 -14.84 -11.69 2.31
CA ALA A 86 -15.45 -10.73 1.40
C ALA A 86 -14.66 -9.43 1.37
N ILE A 87 -14.00 -9.11 2.47
CA ILE A 87 -13.22 -7.88 2.56
C ILE A 87 -11.76 -8.19 2.92
N HIS A 88 -10.84 -7.38 2.42
CA HIS A 88 -9.42 -7.57 2.68
C HIS A 88 -8.80 -6.29 3.22
N LYS A 89 -8.23 -6.35 4.42
CA LYS A 89 -7.60 -5.20 5.04
C LYS A 89 -6.08 -5.28 4.94
N VAL A 90 -5.48 -4.34 4.22
CA VAL A 90 -4.04 -4.30 4.06
C VAL A 90 -3.44 -3.00 4.56
N THR A 91 -2.42 -3.11 5.41
CA THR A 91 -1.76 -1.93 5.97
C THR A 91 -0.39 -1.72 5.37
N VAL A 92 -0.12 -0.50 4.92
CA VAL A 92 1.17 -0.17 4.32
C VAL A 92 1.96 0.77 5.21
N LEU A 93 3.25 0.46 5.40
CA LEU A 93 4.12 1.29 6.23
C LEU A 93 5.27 1.85 5.40
N ALA A 94 5.37 3.18 5.35
CA ALA A 94 6.43 3.85 4.62
C ALA A 94 7.55 4.28 5.53
N SER A 95 8.78 3.97 5.15
CA SER A 95 9.96 4.32 5.95
C SER A 95 11.07 4.85 5.06
N ASP A 96 11.44 6.12 5.26
CA ASP A 96 12.50 6.75 4.48
C ASP A 96 13.83 6.63 5.19
N GLY A 97 13.86 7.05 6.46
CA GLY A 97 15.08 6.99 7.25
C GLY A 97 14.83 7.03 8.73
N SER A 98 15.01 8.20 9.34
CA SER A 98 14.80 8.37 10.76
C SER A 98 13.50 9.13 11.04
N SER A 99 12.39 8.40 11.08
CA SER A 99 11.09 9.01 11.34
C SER A 99 10.01 7.93 11.48
N THR A 100 8.92 8.29 12.13
CA THR A 100 7.81 7.36 12.35
C THR A 100 7.14 7.00 11.03
N PRO A 101 6.96 5.70 10.79
CA PRO A 101 6.32 5.19 9.57
C PRO A 101 4.83 5.51 9.51
N ALA A 102 4.33 5.79 8.31
CA ALA A 102 2.92 6.11 8.12
C ALA A 102 2.08 4.85 8.04
N ARG A 103 0.80 4.97 8.39
CA ARG A 103 -0.11 3.83 8.36
C ARG A 103 -1.32 4.13 7.48
N ALA A 104 -1.68 3.19 6.62
CA ALA A 104 -2.82 3.36 5.73
C ALA A 104 -3.46 2.01 5.40
N THR A 105 -4.73 1.87 5.73
CA THR A 105 -5.46 0.63 5.48
C THR A 105 -6.35 0.76 4.25
N VAL A 106 -6.13 -0.10 3.26
CA VAL A 106 -6.92 -0.08 2.04
C VAL A 106 -7.98 -1.17 2.05
N THR A 107 -9.24 -0.76 1.95
CA THR A 107 -10.35 -1.69 1.95
C THR A 107 -10.67 -2.17 0.54
N ILE A 108 -10.54 -3.47 0.31
CA ILE A 108 -10.82 -4.04 -1.01
C ILE A 108 -12.08 -4.90 -0.97
N ASN A 109 -13.13 -4.42 -1.63
CA ASN A 109 -14.40 -5.14 -1.67
C ASN A 109 -14.41 -6.16 -2.81
N VAL A 110 -14.77 -7.39 -2.48
CA VAL A 110 -14.82 -8.46 -3.48
C VAL A 110 -16.22 -8.61 -4.05
N THR A 111 -16.35 -8.44 -5.36
CA THR A 111 -17.63 -8.56 -6.04
C THR A 111 -17.71 -9.85 -6.85
N ASP A 112 -18.92 -10.39 -6.98
CA ASP A 112 -19.14 -11.62 -7.73
C ASP A 112 -18.86 -11.41 -9.21
N VAL A 113 -18.60 -12.50 -9.92
CA VAL A 113 -18.32 -12.43 -11.36
C VAL A 113 -19.42 -13.10 -12.16
N ASN A 114 -20.04 -14.12 -11.58
CA ASN A 114 -21.12 -14.85 -12.24
C ASN A 114 -22.15 -13.89 -12.83
N GLY A 1 11.90 24.36 -15.36
CA GLY A 1 11.04 24.65 -14.23
C GLY A 1 11.69 25.58 -13.22
N SER A 2 10.99 26.65 -12.87
CA SER A 2 11.51 27.62 -11.92
C SER A 2 10.81 27.49 -10.56
N SER A 3 9.48 27.56 -10.58
CA SER A 3 8.70 27.45 -9.36
C SER A 3 9.20 26.28 -8.50
N GLY A 4 9.94 26.60 -7.44
CA GLY A 4 10.46 25.58 -6.56
C GLY A 4 10.25 25.91 -5.09
N SER A 5 9.18 25.36 -4.51
CA SER A 5 8.86 25.60 -3.11
C SER A 5 8.56 24.29 -2.39
N SER A 6 8.59 24.34 -1.06
CA SER A 6 8.32 23.15 -0.25
C SER A 6 8.06 23.54 1.20
N GLY A 7 7.25 22.74 1.89
CA GLY A 7 6.95 23.01 3.28
C GLY A 7 7.95 22.37 4.23
N ASN A 8 7.43 21.71 5.26
CA ASN A 8 8.29 21.06 6.25
C ASN A 8 7.53 19.96 6.98
N ASP A 9 8.22 18.87 7.28
CA ASP A 9 7.60 17.75 8.00
C ASP A 9 8.67 16.73 8.41
N ASN A 10 8.31 15.87 9.37
CA ASN A 10 9.22 14.85 9.87
C ASN A 10 8.79 13.47 9.40
N ARG A 11 7.52 13.34 9.04
CA ARG A 11 6.98 12.07 8.58
C ARG A 11 6.18 12.25 7.29
N PRO A 12 6.27 11.25 6.40
CA PRO A 12 5.56 11.28 5.11
C PRO A 12 4.06 11.13 5.28
N VAL A 13 3.30 11.70 4.34
CA VAL A 13 1.85 11.62 4.38
C VAL A 13 1.29 11.00 3.11
N PHE A 14 0.26 10.18 3.27
CA PHE A 14 -0.36 9.51 2.13
C PHE A 14 -1.48 10.38 1.52
N LYS A 15 -1.91 10.02 0.32
CA LYS A 15 -2.97 10.76 -0.35
C LYS A 15 -4.26 10.72 0.44
N GLU A 16 -4.58 9.55 1.00
CA GLU A 16 -5.80 9.38 1.78
C GLU A 16 -5.62 8.29 2.84
N GLY A 17 -5.91 8.62 4.09
CA GLY A 17 -5.78 7.67 5.16
C GLY A 17 -6.27 6.28 4.78
N GLN A 18 -7.44 6.23 4.15
CA GLN A 18 -8.03 4.97 3.74
C GLN A 18 -8.76 5.11 2.41
N VAL A 19 -8.58 4.14 1.52
CA VAL A 19 -9.23 4.16 0.22
C VAL A 19 -10.09 2.91 0.01
N GLU A 20 -11.24 3.10 -0.62
CA GLU A 20 -12.15 1.99 -0.88
C GLU A 20 -12.19 1.65 -2.37
N VAL A 21 -11.63 0.50 -2.72
CA VAL A 21 -11.59 0.05 -4.11
C VAL A 21 -12.61 -1.05 -4.37
N HIS A 22 -12.99 -1.21 -5.63
CA HIS A 22 -13.96 -2.24 -6.00
C HIS A 22 -13.39 -3.15 -7.08
N ILE A 23 -12.98 -4.35 -6.69
CA ILE A 23 -12.41 -5.32 -7.61
C ILE A 23 -13.18 -6.64 -7.57
N PRO A 24 -13.47 -7.21 -8.75
CA PRO A 24 -14.19 -8.47 -8.87
C PRO A 24 -13.35 -9.66 -8.39
N GLU A 25 -14.04 -10.71 -7.97
CA GLU A 25 -13.36 -11.91 -7.49
C GLU A 25 -12.64 -12.63 -8.62
N ASN A 26 -13.23 -12.58 -9.82
CA ASN A 26 -12.65 -13.22 -10.99
C ASN A 26 -11.72 -12.26 -11.72
N ALA A 27 -11.18 -11.29 -11.00
CA ALA A 27 -10.27 -10.31 -11.58
C ALA A 27 -9.02 -10.99 -12.13
N PRO A 28 -8.52 -10.47 -13.26
CA PRO A 28 -7.33 -11.01 -13.91
C PRO A 28 -6.05 -10.73 -13.11
N VAL A 29 -5.20 -11.75 -12.99
CA VAL A 29 -3.96 -11.61 -12.25
C VAL A 29 -3.07 -10.52 -12.86
N GLY A 30 -2.47 -9.70 -12.00
CA GLY A 30 -1.62 -8.63 -12.46
C GLY A 30 -2.29 -7.27 -12.39
N THR A 31 -3.58 -7.27 -12.11
CA THR A 31 -4.35 -6.03 -12.01
C THR A 31 -3.90 -5.21 -10.80
N SER A 32 -3.72 -3.91 -11.01
CA SER A 32 -3.29 -3.02 -9.94
C SER A 32 -4.49 -2.53 -9.14
N VAL A 33 -4.64 -3.06 -7.93
CA VAL A 33 -5.74 -2.67 -7.06
C VAL A 33 -5.60 -1.23 -6.59
N ILE A 34 -4.60 -0.99 -5.74
CA ILE A 34 -4.36 0.35 -5.21
C ILE A 34 -2.86 0.65 -5.15
N GLN A 35 -2.49 1.88 -5.49
CA GLN A 35 -1.09 2.29 -5.47
C GLN A 35 -0.92 3.57 -4.65
N LEU A 36 -0.26 3.41 -3.50
CA LEU A 36 -0.02 4.55 -2.61
C LEU A 36 1.03 5.48 -3.20
N HIS A 37 0.81 6.78 -3.04
CA HIS A 37 1.75 7.79 -3.55
C HIS A 37 2.41 8.54 -2.41
N ALA A 38 3.70 8.28 -2.21
CA ALA A 38 4.46 8.94 -1.15
C ALA A 38 5.79 9.46 -1.67
N THR A 39 5.90 10.77 -1.82
CA THR A 39 7.11 11.40 -2.31
C THR A 39 7.89 12.05 -1.17
N ASP A 40 9.19 12.24 -1.39
CA ASP A 40 10.04 12.86 -0.38
C ASP A 40 10.94 13.92 -1.01
N ALA A 41 10.49 15.16 -1.01
CA ALA A 41 11.25 16.26 -1.59
C ALA A 41 12.24 16.82 -0.58
N ASP A 42 11.72 17.41 0.50
CA ASP A 42 12.56 17.98 1.54
C ASP A 42 12.94 16.93 2.58
N ILE A 43 11.94 16.15 3.01
CA ILE A 43 12.17 15.10 4.00
C ILE A 43 13.34 14.21 3.60
N GLY A 44 14.44 14.31 4.35
CA GLY A 44 15.61 13.51 4.06
C GLY A 44 16.06 13.65 2.62
N SER A 45 17.07 14.48 2.40
CA SER A 45 17.60 14.71 1.06
C SER A 45 17.57 13.42 0.24
N ASN A 46 18.17 12.37 0.79
CA ASN A 46 18.21 11.08 0.12
C ASN A 46 17.51 10.01 0.94
N ALA A 47 16.32 9.60 0.50
CA ALA A 47 15.55 8.58 1.19
C ALA A 47 14.71 7.77 0.22
N GLU A 48 14.79 6.44 0.33
CA GLU A 48 14.04 5.55 -0.55
C GLU A 48 12.79 5.02 0.16
N ILE A 49 11.74 5.85 0.17
CA ILE A 49 10.48 5.46 0.81
C ILE A 49 10.04 4.08 0.36
N ARG A 50 10.28 3.08 1.20
CA ARG A 50 9.89 1.71 0.89
C ARG A 50 8.62 1.31 1.62
N TYR A 51 7.78 0.52 0.96
CA TYR A 51 6.53 0.07 1.56
C TYR A 51 6.57 -1.41 1.90
N ILE A 52 5.93 -1.78 2.99
CA ILE A 52 5.89 -3.17 3.42
C ILE A 52 4.54 -3.53 4.02
N PHE A 53 4.37 -4.80 4.39
CA PHE A 53 3.13 -5.27 4.98
C PHE A 53 3.00 -4.82 6.42
N GLY A 54 1.76 -4.54 6.84
CA GLY A 54 1.52 -4.10 8.20
C GLY A 54 1.81 -5.18 9.23
N ALA A 55 1.25 -5.04 10.42
CA ALA A 55 1.45 -6.00 11.48
C ALA A 55 0.23 -6.90 11.64
N GLN A 56 0.45 -8.12 12.12
CA GLN A 56 -0.63 -9.08 12.31
C GLN A 56 -1.42 -9.29 11.02
N VAL A 57 -0.69 -9.38 9.91
CA VAL A 57 -1.33 -9.58 8.61
C VAL A 57 -1.34 -11.05 8.23
N ALA A 58 -2.52 -11.55 7.88
CA ALA A 58 -2.67 -12.96 7.49
C ALA A 58 -1.83 -13.27 6.26
N PRO A 59 -1.33 -14.52 6.20
CA PRO A 59 -0.49 -14.97 5.08
C PRO A 59 -1.29 -15.13 3.79
N ALA A 60 -2.50 -15.66 3.90
CA ALA A 60 -3.36 -15.85 2.74
C ALA A 60 -3.49 -14.56 1.94
N THR A 61 -3.73 -13.45 2.64
CA THR A 61 -3.88 -12.15 1.98
C THR A 61 -2.62 -11.79 1.20
N LYS A 62 -1.47 -12.08 1.78
CA LYS A 62 -0.20 -11.79 1.13
C LYS A 62 0.03 -12.70 -0.07
N ARG A 63 -0.72 -13.80 -0.12
CA ARG A 63 -0.59 -14.76 -1.21
C ARG A 63 -1.54 -14.41 -2.36
N LEU A 64 -2.63 -13.73 -2.02
CA LEU A 64 -3.62 -13.33 -3.02
C LEU A 64 -3.26 -11.99 -3.64
N PHE A 65 -2.72 -11.09 -2.83
CA PHE A 65 -2.33 -9.77 -3.30
C PHE A 65 -0.82 -9.58 -3.20
N ALA A 66 -0.21 -9.19 -4.32
CA ALA A 66 1.24 -8.98 -4.37
C ALA A 66 1.58 -7.50 -4.26
N LEU A 67 2.23 -7.12 -3.17
CA LEU A 67 2.61 -5.74 -2.94
C LEU A 67 4.10 -5.54 -3.19
N ASN A 68 4.46 -4.40 -3.78
CA ASN A 68 5.85 -4.08 -4.07
C ASN A 68 6.43 -3.18 -3.00
N ASN A 69 7.74 -3.31 -2.76
CA ASN A 69 8.43 -2.51 -1.76
C ASN A 69 9.27 -1.43 -2.41
N THR A 70 9.14 -1.30 -3.74
CA THR A 70 9.88 -0.30 -4.48
C THR A 70 8.95 0.72 -5.12
N THR A 71 7.73 0.31 -5.39
CA THR A 71 6.74 1.19 -6.01
C THR A 71 5.55 1.41 -5.07
N GLY A 72 5.33 0.48 -4.15
CA GLY A 72 4.24 0.59 -3.22
C GLY A 72 2.89 0.34 -3.87
N LEU A 73 2.87 -0.58 -4.82
CA LEU A 73 1.64 -0.93 -5.53
C LEU A 73 1.16 -2.31 -5.12
N ILE A 74 -0.17 -2.47 -5.06
CA ILE A 74 -0.77 -3.75 -4.70
C ILE A 74 -1.56 -4.33 -5.85
N THR A 75 -1.04 -5.42 -6.42
CA THR A 75 -1.71 -6.08 -7.54
C THR A 75 -2.39 -7.36 -7.09
N VAL A 76 -3.00 -8.07 -8.03
CA VAL A 76 -3.70 -9.32 -7.74
C VAL A 76 -2.78 -10.52 -7.97
N GLN A 77 -2.29 -11.10 -6.88
CA GLN A 77 -1.41 -12.26 -6.97
C GLN A 77 -2.13 -13.47 -7.56
N ARG A 78 -3.36 -13.68 -7.11
CA ARG A 78 -4.18 -14.79 -7.59
C ARG A 78 -5.65 -14.52 -7.40
N SER A 79 -6.49 -15.36 -8.01
CA SER A 79 -7.94 -15.19 -7.91
C SER A 79 -8.38 -15.08 -6.45
N LEU A 80 -9.30 -14.17 -6.19
CA LEU A 80 -9.81 -13.95 -4.83
C LEU A 80 -11.16 -14.64 -4.64
N ASP A 81 -11.28 -15.41 -3.55
CA ASP A 81 -12.52 -16.10 -3.25
C ASP A 81 -13.34 -15.35 -2.22
N ARG A 82 -14.59 -15.05 -2.57
CA ARG A 82 -15.48 -14.31 -1.68
C ARG A 82 -16.12 -15.25 -0.66
N GLU A 83 -16.20 -16.53 -1.01
CA GLU A 83 -16.79 -17.53 -0.12
C GLU A 83 -15.97 -17.67 1.16
N GLU A 84 -14.78 -17.08 1.15
CA GLU A 84 -13.90 -17.15 2.33
C GLU A 84 -13.65 -15.75 2.88
N THR A 85 -13.19 -14.85 2.02
CA THR A 85 -12.90 -13.48 2.44
C THR A 85 -13.52 -12.47 1.48
N ALA A 86 -14.74 -12.04 1.79
CA ALA A 86 -15.44 -11.07 0.95
C ALA A 86 -14.72 -9.73 0.93
N ILE A 87 -14.02 -9.44 2.02
CA ILE A 87 -13.28 -8.18 2.12
C ILE A 87 -11.84 -8.43 2.61
N HIS A 88 -10.91 -7.64 2.07
CA HIS A 88 -9.51 -7.77 2.45
C HIS A 88 -9.00 -6.50 3.12
N LYS A 89 -8.19 -6.65 4.15
CA LYS A 89 -7.64 -5.52 4.88
C LYS A 89 -6.12 -5.58 4.91
N VAL A 90 -5.48 -4.74 4.11
CA VAL A 90 -4.02 -4.69 4.04
C VAL A 90 -3.49 -3.33 4.47
N THR A 91 -2.69 -3.31 5.53
CA THR A 91 -2.12 -2.07 6.03
C THR A 91 -0.72 -1.84 5.47
N VAL A 92 -0.57 -0.73 4.73
CA VAL A 92 0.71 -0.39 4.13
C VAL A 92 1.45 0.65 4.97
N LEU A 93 2.75 0.44 5.17
CA LEU A 93 3.56 1.36 5.94
C LEU A 93 4.63 2.03 5.07
N ALA A 94 4.72 3.35 5.17
CA ALA A 94 5.69 4.10 4.39
C ALA A 94 6.75 4.73 5.28
N SER A 95 7.96 4.20 5.22
CA SER A 95 9.06 4.70 6.04
C SER A 95 10.02 5.54 5.19
N ASP A 96 10.18 6.80 5.58
CA ASP A 96 11.08 7.71 4.86
C ASP A 96 12.48 7.68 5.47
N GLY A 97 12.57 7.97 6.76
CA GLY A 97 13.85 7.98 7.43
C GLY A 97 13.85 8.85 8.68
N SER A 98 14.67 8.47 9.65
CA SER A 98 14.76 9.21 10.91
C SER A 98 13.37 9.62 11.39
N SER A 99 12.36 8.82 11.04
CA SER A 99 10.99 9.09 11.43
C SER A 99 10.14 7.83 11.36
N THR A 100 9.11 7.77 12.20
CA THR A 100 8.21 6.61 12.22
C THR A 100 7.37 6.55 10.96
N PRO A 101 7.13 5.32 10.47
CA PRO A 101 6.32 5.08 9.26
C PRO A 101 4.84 5.40 9.48
N ALA A 102 4.14 5.68 8.38
CA ALA A 102 2.72 6.00 8.46
C ALA A 102 1.88 4.72 8.38
N ARG A 103 0.57 4.87 8.59
CA ARG A 103 -0.34 3.75 8.54
C ARG A 103 -1.45 3.98 7.52
N ALA A 104 -1.51 3.12 6.51
CA ALA A 104 -2.51 3.23 5.47
C ALA A 104 -3.38 1.98 5.40
N THR A 105 -4.69 2.16 5.56
CA THR A 105 -5.62 1.04 5.53
C THR A 105 -6.32 0.95 4.17
N VAL A 106 -6.07 -0.14 3.45
CA VAL A 106 -6.67 -0.36 2.14
C VAL A 106 -7.83 -1.34 2.22
N THR A 107 -9.03 -0.87 1.90
CA THR A 107 -10.22 -1.69 1.93
C THR A 107 -10.56 -2.22 0.54
N ILE A 108 -10.32 -3.51 0.32
CA ILE A 108 -10.60 -4.12 -0.97
C ILE A 108 -11.89 -4.95 -0.91
N ASN A 109 -12.94 -4.44 -1.53
CA ASN A 109 -14.23 -5.13 -1.54
C ASN A 109 -14.32 -6.07 -2.74
N VAL A 110 -14.79 -7.29 -2.50
CA VAL A 110 -14.93 -8.29 -3.55
C VAL A 110 -16.36 -8.33 -4.08
N THR A 111 -16.56 -7.76 -5.26
CA THR A 111 -17.88 -7.73 -5.88
C THR A 111 -18.06 -8.91 -6.83
N ASP A 112 -19.32 -9.22 -7.13
CA ASP A 112 -19.63 -10.32 -8.03
C ASP A 112 -19.14 -10.03 -9.44
N VAL A 113 -19.16 -11.06 -10.30
CA VAL A 113 -18.71 -10.92 -11.67
C VAL A 113 -19.80 -11.32 -12.65
N ASN A 114 -20.61 -12.29 -12.27
CA ASN A 114 -21.70 -12.77 -13.11
C ASN A 114 -23.04 -12.29 -12.58
N GLY A 1 24.10 30.72 -4.97
CA GLY A 1 22.70 30.38 -4.86
C GLY A 1 22.44 29.41 -3.71
N SER A 2 22.05 29.94 -2.57
CA SER A 2 21.77 29.12 -1.39
C SER A 2 20.31 28.69 -1.37
N SER A 3 20.02 27.58 -2.05
CA SER A 3 18.66 27.06 -2.11
C SER A 3 18.54 25.75 -1.33
N GLY A 4 17.31 25.26 -1.18
CA GLY A 4 17.09 24.02 -0.46
C GLY A 4 15.86 24.08 0.43
N SER A 5 14.68 24.00 -0.19
CA SER A 5 13.43 24.05 0.56
C SER A 5 13.48 23.14 1.78
N SER A 6 12.51 23.30 2.67
CA SER A 6 12.44 22.50 3.88
C SER A 6 11.13 22.72 4.62
N GLY A 7 10.49 21.63 5.03
CA GLY A 7 9.23 21.73 5.73
C GLY A 7 9.40 21.67 7.24
N ASN A 8 8.29 21.65 7.96
CA ASN A 8 8.32 21.59 9.42
C ASN A 8 8.32 20.14 9.91
N ASP A 9 7.37 19.36 9.40
CA ASP A 9 7.27 17.94 9.79
C ASP A 9 7.75 17.04 8.66
N ASN A 10 8.70 16.17 8.97
CA ASN A 10 9.24 15.25 7.98
C ASN A 10 8.68 13.84 8.16
N ARG A 11 7.56 13.56 7.50
CA ARG A 11 6.93 12.26 7.60
C ARG A 11 6.35 11.83 6.25
N PRO A 12 6.43 10.53 5.96
CA PRO A 12 5.92 9.96 4.69
C PRO A 12 4.40 9.98 4.63
N VAL A 13 3.85 11.10 4.17
CA VAL A 13 2.40 11.24 4.05
C VAL A 13 1.85 10.42 2.89
N PHE A 14 0.71 9.79 3.10
CA PHE A 14 0.08 8.98 2.07
C PHE A 14 -0.97 9.77 1.31
N LYS A 15 -1.16 9.43 0.04
CA LYS A 15 -2.13 10.11 -0.81
C LYS A 15 -3.40 10.41 -0.03
N GLU A 16 -4.02 9.37 0.52
CA GLU A 16 -5.25 9.53 1.29
C GLU A 16 -5.28 8.57 2.48
N GLY A 17 -6.25 8.76 3.37
CA GLY A 17 -6.35 7.91 4.54
C GLY A 17 -6.96 6.55 4.20
N GLN A 18 -8.27 6.54 3.95
CA GLN A 18 -8.97 5.30 3.62
C GLN A 18 -9.60 5.39 2.24
N VAL A 19 -9.30 4.42 1.39
CA VAL A 19 -9.85 4.38 0.04
C VAL A 19 -10.48 3.03 -0.26
N GLU A 20 -11.80 3.03 -0.44
CA GLU A 20 -12.53 1.80 -0.73
C GLU A 20 -12.54 1.52 -2.24
N VAL A 21 -12.24 0.27 -2.60
CA VAL A 21 -12.21 -0.13 -3.99
C VAL A 21 -13.08 -1.36 -4.22
N HIS A 22 -13.55 -1.52 -5.46
CA HIS A 22 -14.39 -2.66 -5.81
C HIS A 22 -13.74 -3.50 -6.92
N ILE A 23 -13.40 -4.74 -6.58
CA ILE A 23 -12.76 -5.64 -7.54
C ILE A 23 -13.42 -7.01 -7.51
N PRO A 24 -13.65 -7.58 -8.71
CA PRO A 24 -14.26 -8.90 -8.85
C PRO A 24 -13.35 -10.03 -8.38
N GLU A 25 -13.95 -11.12 -7.91
CA GLU A 25 -13.19 -12.26 -7.42
C GLU A 25 -12.39 -12.89 -8.56
N ASN A 26 -13.01 -12.97 -9.73
CA ASN A 26 -12.35 -13.56 -10.91
C ASN A 26 -11.50 -12.53 -11.62
N ALA A 27 -11.13 -11.47 -10.91
CA ALA A 27 -10.31 -10.41 -11.49
C ALA A 27 -9.07 -10.99 -12.17
N PRO A 28 -8.69 -10.37 -13.31
CA PRO A 28 -7.52 -10.81 -14.09
C PRO A 28 -6.21 -10.53 -13.36
N VAL A 29 -5.31 -11.49 -13.38
CA VAL A 29 -4.00 -11.35 -12.72
C VAL A 29 -3.22 -10.19 -13.32
N GLY A 30 -2.84 -9.24 -12.48
CA GLY A 30 -2.09 -8.09 -12.94
C GLY A 30 -2.89 -6.81 -12.89
N THR A 31 -3.99 -6.83 -12.14
CA THR A 31 -4.85 -5.65 -12.00
C THR A 31 -4.42 -4.80 -10.81
N SER A 32 -3.92 -3.61 -11.10
CA SER A 32 -3.47 -2.70 -10.05
C SER A 32 -4.65 -2.24 -9.19
N VAL A 33 -4.71 -2.74 -7.96
CA VAL A 33 -5.78 -2.38 -7.04
C VAL A 33 -5.55 -1.01 -6.44
N ILE A 34 -4.43 -0.85 -5.74
CA ILE A 34 -4.09 0.41 -5.09
C ILE A 34 -2.59 0.69 -5.20
N GLN A 35 -2.25 1.97 -5.38
CA GLN A 35 -0.86 2.37 -5.50
C GLN A 35 -0.50 3.43 -4.47
N LEU A 36 0.14 3.01 -3.39
CA LEU A 36 0.52 3.94 -2.33
C LEU A 36 1.66 4.84 -2.79
N HIS A 37 1.36 6.14 -2.91
CA HIS A 37 2.36 7.11 -3.34
C HIS A 37 2.73 8.05 -2.19
N ALA A 38 3.92 7.86 -1.63
CA ALA A 38 4.39 8.69 -0.52
C ALA A 38 5.60 9.51 -0.94
N THR A 39 5.36 10.77 -1.28
CA THR A 39 6.43 11.68 -1.71
C THR A 39 6.40 12.97 -0.90
N ASP A 40 7.58 13.41 -0.46
CA ASP A 40 7.68 14.64 0.31
C ASP A 40 7.90 15.84 -0.61
N ALA A 41 8.90 15.74 -1.47
CA ALA A 41 9.21 16.82 -2.40
C ALA A 41 9.32 16.30 -3.83
N ASP A 42 8.36 15.48 -4.22
CA ASP A 42 8.34 14.91 -5.58
C ASP A 42 9.75 14.55 -6.03
N ILE A 43 10.56 14.05 -5.10
CA ILE A 43 11.93 13.67 -5.39
C ILE A 43 12.06 12.16 -5.52
N GLY A 44 12.10 11.67 -6.76
CA GLY A 44 12.23 10.24 -6.99
C GLY A 44 13.68 9.77 -6.95
N SER A 45 14.57 10.56 -7.55
CA SER A 45 15.98 10.21 -7.58
C SER A 45 16.40 9.50 -6.29
N ASN A 46 16.22 10.19 -5.17
CA ASN A 46 16.58 9.63 -3.86
C ASN A 46 15.35 9.57 -2.95
N ALA A 47 15.59 9.15 -1.70
CA ALA A 47 14.51 9.04 -0.73
C ALA A 47 13.56 7.90 -1.07
N GLU A 48 14.08 6.90 -1.77
CA GLU A 48 13.27 5.75 -2.17
C GLU A 48 12.67 5.06 -0.95
N ILE A 49 11.53 5.57 -0.49
CA ILE A 49 10.86 5.00 0.67
C ILE A 49 10.48 3.55 0.43
N ARG A 50 10.64 2.71 1.45
CA ARG A 50 10.31 1.30 1.35
C ARG A 50 8.94 1.00 1.95
N TYR A 51 8.19 0.12 1.31
CA TYR A 51 6.86 -0.24 1.79
C TYR A 51 6.80 -1.71 2.17
N ILE A 52 6.28 -1.98 3.37
CA ILE A 52 6.16 -3.35 3.86
C ILE A 52 4.76 -3.62 4.39
N PHE A 53 4.47 -4.89 4.64
CA PHE A 53 3.17 -5.29 5.15
C PHE A 53 3.07 -5.02 6.65
N GLY A 54 1.89 -4.56 7.07
CA GLY A 54 1.68 -4.25 8.48
C GLY A 54 1.76 -5.50 9.36
N ALA A 55 1.40 -5.35 10.62
CA ALA A 55 1.43 -6.46 11.56
C ALA A 55 0.04 -7.11 11.69
N GLN A 56 0.03 -8.37 12.12
CA GLN A 56 -1.22 -9.11 12.28
C GLN A 56 -1.92 -9.28 10.94
N VAL A 57 -1.14 -9.43 9.88
CA VAL A 57 -1.69 -9.61 8.54
C VAL A 57 -1.60 -11.06 8.09
N ALA A 58 -2.75 -11.69 7.90
CA ALA A 58 -2.80 -13.09 7.47
C ALA A 58 -1.94 -13.31 6.23
N PRO A 59 -1.52 -14.56 6.02
CA PRO A 59 -0.68 -14.94 4.87
C PRO A 59 -1.45 -14.86 3.56
N ALA A 60 -2.67 -15.38 3.55
CA ALA A 60 -3.51 -15.37 2.36
C ALA A 60 -3.52 -13.99 1.71
N THR A 61 -4.10 -13.02 2.41
CA THR A 61 -4.18 -11.66 1.90
C THR A 61 -2.88 -11.24 1.22
N LYS A 62 -1.79 -11.87 1.62
CA LYS A 62 -0.48 -11.59 1.05
C LYS A 62 -0.17 -12.51 -0.12
N ARG A 63 -0.66 -13.74 -0.04
CA ARG A 63 -0.43 -14.74 -1.09
C ARG A 63 -1.22 -14.38 -2.34
N LEU A 64 -2.38 -13.74 -2.15
CA LEU A 64 -3.22 -13.34 -3.26
C LEU A 64 -2.76 -12.01 -3.86
N PHE A 65 -2.58 -11.02 -3.00
CA PHE A 65 -2.13 -9.70 -3.44
C PHE A 65 -0.64 -9.52 -3.20
N ALA A 66 0.06 -9.01 -4.21
CA ALA A 66 1.50 -8.78 -4.11
C ALA A 66 1.81 -7.29 -4.00
N LEU A 67 2.62 -6.94 -3.00
CA LEU A 67 3.00 -5.55 -2.78
C LEU A 67 4.49 -5.35 -3.05
N ASN A 68 4.81 -4.26 -3.74
CA ASN A 68 6.21 -3.95 -4.05
C ASN A 68 6.80 -2.98 -3.04
N ASN A 69 7.96 -3.32 -2.50
CA ASN A 69 8.63 -2.49 -1.51
C ASN A 69 9.48 -1.42 -2.19
N THR A 70 9.43 -1.38 -3.52
CA THR A 70 10.20 -0.41 -4.29
C THR A 70 9.28 0.57 -5.00
N THR A 71 8.07 0.12 -5.33
CA THR A 71 7.10 0.96 -6.01
C THR A 71 5.86 1.18 -5.16
N GLY A 72 5.65 0.29 -4.19
CA GLY A 72 4.49 0.40 -3.32
C GLY A 72 3.18 0.25 -4.06
N LEU A 73 3.07 -0.82 -4.83
CA LEU A 73 1.86 -1.08 -5.60
C LEU A 73 1.31 -2.48 -5.30
N ILE A 74 -0.02 -2.59 -5.24
CA ILE A 74 -0.66 -3.86 -4.96
C ILE A 74 -1.45 -4.35 -6.17
N THR A 75 -1.11 -5.53 -6.67
CA THR A 75 -1.80 -6.10 -7.82
C THR A 75 -2.30 -7.51 -7.51
N VAL A 76 -3.13 -8.04 -8.41
CA VAL A 76 -3.68 -9.38 -8.24
C VAL A 76 -2.68 -10.45 -8.65
N GLN A 77 -2.13 -11.15 -7.66
CA GLN A 77 -1.15 -12.21 -7.94
C GLN A 77 -1.84 -13.48 -8.40
N ARG A 78 -2.97 -13.80 -7.77
CA ARG A 78 -3.73 -14.99 -8.11
C ARG A 78 -5.23 -14.77 -7.94
N SER A 79 -6.03 -15.72 -8.40
CA SER A 79 -7.48 -15.61 -8.30
C SER A 79 -7.91 -15.43 -6.85
N LEU A 80 -9.10 -14.86 -6.66
CA LEU A 80 -9.63 -14.63 -5.32
C LEU A 80 -10.91 -15.43 -5.10
N ASP A 81 -11.21 -15.71 -3.85
CA ASP A 81 -12.40 -16.47 -3.49
C ASP A 81 -13.14 -15.81 -2.33
N ARG A 82 -14.46 -15.69 -2.47
CA ARG A 82 -15.28 -15.07 -1.43
C ARG A 82 -15.65 -16.10 -0.36
N GLU A 83 -15.84 -17.34 -0.77
CA GLU A 83 -16.19 -18.41 0.16
C GLU A 83 -15.28 -18.38 1.39
N GLU A 84 -14.09 -17.82 1.23
CA GLU A 84 -13.13 -17.73 2.31
C GLU A 84 -13.13 -16.33 2.93
N THR A 85 -12.84 -15.32 2.10
CA THR A 85 -12.81 -13.95 2.56
C THR A 85 -13.51 -13.02 1.57
N ALA A 86 -14.46 -12.24 2.07
CA ALA A 86 -15.20 -11.31 1.22
C ALA A 86 -14.54 -9.93 1.21
N ILE A 87 -13.96 -9.55 2.34
CA ILE A 87 -13.29 -8.26 2.46
C ILE A 87 -11.80 -8.44 2.74
N HIS A 88 -10.98 -7.66 2.05
CA HIS A 88 -9.53 -7.72 2.23
C HIS A 88 -9.00 -6.44 2.87
N LYS A 89 -8.32 -6.59 4.00
CA LYS A 89 -7.76 -5.45 4.71
C LYS A 89 -6.24 -5.46 4.66
N VAL A 90 -5.67 -4.56 3.87
CA VAL A 90 -4.22 -4.47 3.74
C VAL A 90 -3.70 -3.12 4.24
N THR A 91 -2.67 -3.18 5.08
CA THR A 91 -2.07 -1.96 5.63
C THR A 91 -0.65 -1.76 5.13
N VAL A 92 -0.42 -0.63 4.48
CA VAL A 92 0.91 -0.32 3.95
C VAL A 92 1.65 0.64 4.87
N LEU A 93 2.92 0.32 5.14
CA LEU A 93 3.75 1.15 6.01
C LEU A 93 4.90 1.78 5.22
N ALA A 94 5.18 3.04 5.50
CA ALA A 94 6.26 3.76 4.83
C ALA A 94 7.16 4.46 5.83
N SER A 95 8.46 4.17 5.76
CA SER A 95 9.42 4.78 6.66
C SER A 95 10.66 5.25 5.91
N ASP A 96 11.12 6.45 6.22
CA ASP A 96 12.30 7.02 5.57
C ASP A 96 13.35 7.41 6.60
N GLY A 97 12.90 8.01 7.69
CA GLY A 97 13.82 8.42 8.74
C GLY A 97 13.11 9.02 9.94
N SER A 98 11.93 8.49 10.25
CA SER A 98 11.14 8.98 11.37
C SER A 98 11.01 7.90 12.44
N SER A 99 10.55 8.31 13.62
CA SER A 99 10.38 7.39 14.74
C SER A 99 9.19 6.46 14.51
N THR A 100 8.07 7.05 14.07
CA THR A 100 6.86 6.28 13.82
C THR A 100 6.48 6.34 12.33
N PRO A 101 6.39 5.17 11.69
CA PRO A 101 6.03 5.07 10.28
C PRO A 101 4.58 5.43 10.02
N ALA A 102 4.24 5.66 8.75
CA ALA A 102 2.88 6.01 8.37
C ALA A 102 2.08 4.77 7.97
N ARG A 103 0.82 4.72 8.40
CA ARG A 103 -0.05 3.59 8.08
C ARG A 103 -1.20 4.02 7.19
N ALA A 104 -1.50 3.20 6.19
CA ALA A 104 -2.59 3.51 5.26
C ALA A 104 -3.48 2.29 5.06
N THR A 105 -4.74 2.40 5.48
CA THR A 105 -5.69 1.31 5.33
C THR A 105 -6.44 1.39 4.01
N VAL A 106 -6.39 0.31 3.24
CA VAL A 106 -7.06 0.27 1.95
C VAL A 106 -8.11 -0.85 1.91
N THR A 107 -9.37 -0.48 2.07
CA THR A 107 -10.46 -1.44 2.06
C THR A 107 -10.71 -1.96 0.64
N ILE A 108 -10.80 -3.29 0.52
CA ILE A 108 -11.04 -3.91 -0.77
C ILE A 108 -12.25 -4.83 -0.72
N ASN A 109 -13.35 -4.40 -1.32
CA ASN A 109 -14.58 -5.20 -1.34
C ASN A 109 -14.60 -6.14 -2.55
N VAL A 110 -14.77 -7.43 -2.29
CA VAL A 110 -14.81 -8.42 -3.34
C VAL A 110 -16.24 -8.65 -3.83
N THR A 111 -16.45 -8.46 -5.12
CA THR A 111 -17.78 -8.64 -5.71
C THR A 111 -17.81 -9.86 -6.62
N ASP A 112 -19.02 -10.33 -6.93
CA ASP A 112 -19.18 -11.50 -7.78
C ASP A 112 -18.79 -11.18 -9.23
N VAL A 113 -18.96 -12.16 -10.11
CA VAL A 113 -18.63 -11.99 -11.52
C VAL A 113 -19.76 -12.47 -12.41
N ASN A 114 -20.34 -11.55 -13.17
CA ASN A 114 -21.44 -11.87 -14.07
C ASN A 114 -21.06 -13.02 -15.00
N GLY A 1 24.18 6.12 17.75
CA GLY A 1 24.05 7.03 16.64
C GLY A 1 22.62 7.47 16.41
N SER A 2 22.44 8.51 15.60
CA SER A 2 21.11 9.03 15.30
C SER A 2 20.54 9.76 16.51
N SER A 3 21.38 10.54 17.18
CA SER A 3 20.95 11.28 18.37
C SER A 3 20.76 12.76 18.04
N GLY A 4 19.72 13.36 18.62
CA GLY A 4 19.44 14.76 18.37
C GLY A 4 19.37 15.09 16.90
N SER A 5 18.20 14.92 16.31
CA SER A 5 18.00 15.20 14.89
C SER A 5 17.37 16.56 14.67
N SER A 6 18.19 17.54 14.30
CA SER A 6 17.70 18.90 14.08
C SER A 6 16.55 18.90 13.07
N GLY A 7 15.33 18.91 13.58
CA GLY A 7 14.16 18.92 12.71
C GLY A 7 14.01 17.62 11.93
N ASN A 8 14.29 17.68 10.63
CA ASN A 8 14.17 16.51 9.78
C ASN A 8 13.01 15.61 10.22
N ASP A 9 11.90 16.24 10.60
CA ASP A 9 10.73 15.50 11.04
C ASP A 9 9.61 15.58 9.99
N ASN A 10 9.99 15.39 8.73
CA ASN A 10 9.02 15.44 7.64
C ASN A 10 8.55 14.04 7.27
N ARG A 11 7.56 13.54 8.03
CA ARG A 11 7.02 12.21 7.79
C ARG A 11 6.17 12.19 6.52
N PRO A 12 6.16 11.04 5.83
CA PRO A 12 5.40 10.87 4.59
C PRO A 12 3.89 10.85 4.84
N VAL A 13 3.13 11.26 3.82
CA VAL A 13 1.68 11.30 3.93
C VAL A 13 1.03 10.70 2.68
N PHE A 14 0.31 9.60 2.88
CA PHE A 14 -0.37 8.93 1.76
C PHE A 14 -1.47 9.82 1.19
N LYS A 15 -1.84 9.56 -0.07
CA LYS A 15 -2.88 10.33 -0.73
C LYS A 15 -4.07 10.56 0.19
N GLU A 16 -4.62 9.48 0.72
CA GLU A 16 -5.76 9.57 1.62
C GLU A 16 -5.74 8.43 2.64
N GLY A 17 -6.16 8.74 3.87
CA GLY A 17 -6.18 7.72 4.91
C GLY A 17 -6.87 6.45 4.47
N GLN A 18 -8.16 6.33 4.77
CA GLN A 18 -8.93 5.16 4.40
C GLN A 18 -9.52 5.31 3.01
N VAL A 19 -9.25 4.32 2.15
CA VAL A 19 -9.74 4.34 0.78
C VAL A 19 -10.28 2.97 0.37
N GLU A 20 -11.54 2.94 -0.08
CA GLU A 20 -12.18 1.71 -0.50
C GLU A 20 -12.07 1.53 -2.01
N VAL A 21 -11.78 0.30 -2.43
CA VAL A 21 -11.65 -0.01 -3.85
C VAL A 21 -12.59 -1.15 -4.25
N HIS A 22 -12.77 -1.31 -5.56
CA HIS A 22 -13.64 -2.36 -6.08
C HIS A 22 -12.88 -3.28 -7.03
N ILE A 23 -13.00 -4.58 -6.82
CA ILE A 23 -12.33 -5.57 -7.67
C ILE A 23 -13.10 -6.87 -7.72
N PRO A 24 -13.23 -7.44 -8.93
CA PRO A 24 -13.94 -8.71 -9.14
C PRO A 24 -13.20 -9.89 -8.55
N GLU A 25 -13.94 -10.95 -8.21
CA GLU A 25 -13.36 -12.15 -7.64
C GLU A 25 -12.52 -12.90 -8.67
N ASN A 26 -13.00 -12.89 -9.92
CA ASN A 26 -12.30 -13.57 -11.00
C ASN A 26 -11.43 -12.59 -11.78
N ALA A 27 -10.68 -11.76 -11.07
CA ALA A 27 -9.81 -10.78 -11.70
C ALA A 27 -8.57 -11.44 -12.28
N PRO A 28 -8.10 -10.93 -13.43
CA PRO A 28 -6.92 -11.46 -14.11
C PRO A 28 -5.63 -11.16 -13.35
N VAL A 29 -4.82 -12.18 -13.15
CA VAL A 29 -3.55 -12.03 -12.44
C VAL A 29 -2.71 -10.92 -13.05
N GLY A 30 -2.56 -9.83 -12.30
CA GLY A 30 -1.77 -8.71 -12.79
C GLY A 30 -2.57 -7.42 -12.82
N THR A 31 -3.73 -7.43 -12.18
CA THR A 31 -4.59 -6.25 -12.14
C THR A 31 -4.19 -5.32 -11.00
N SER A 32 -4.15 -4.03 -11.28
CA SER A 32 -3.78 -3.03 -10.28
C SER A 32 -4.93 -2.79 -9.31
N VAL A 33 -4.78 -3.28 -8.08
CA VAL A 33 -5.80 -3.12 -7.06
C VAL A 33 -5.81 -1.71 -6.51
N ILE A 34 -4.69 -1.32 -5.89
CA ILE A 34 -4.57 0.02 -5.31
C ILE A 34 -3.14 0.54 -5.46
N GLN A 35 -3.01 1.86 -5.64
CA GLN A 35 -1.70 2.48 -5.79
C GLN A 35 -1.56 3.67 -4.84
N LEU A 36 -0.59 3.58 -3.94
CA LEU A 36 -0.34 4.64 -2.97
C LEU A 36 0.78 5.56 -3.44
N HIS A 37 0.45 6.83 -3.66
CA HIS A 37 1.43 7.82 -4.11
C HIS A 37 2.06 8.54 -2.93
N ALA A 38 3.30 8.18 -2.62
CA ALA A 38 4.02 8.80 -1.51
C ALA A 38 5.35 9.38 -1.97
N THR A 39 5.33 10.64 -2.39
CA THR A 39 6.54 11.31 -2.86
C THR A 39 6.86 12.52 -2.00
N ASP A 40 7.97 12.45 -1.28
CA ASP A 40 8.39 13.54 -0.41
C ASP A 40 9.70 14.16 -0.92
N ALA A 41 9.58 15.05 -1.90
CA ALA A 41 10.74 15.72 -2.47
C ALA A 41 11.63 14.72 -3.22
N ASP A 42 11.01 13.96 -4.11
CA ASP A 42 11.73 12.97 -4.91
C ASP A 42 12.42 13.63 -6.10
N ILE A 43 13.11 14.73 -5.84
CA ILE A 43 13.80 15.47 -6.90
C ILE A 43 15.20 14.88 -7.13
N GLY A 44 15.37 14.17 -8.24
CA GLY A 44 16.65 13.58 -8.55
C GLY A 44 16.90 12.31 -7.78
N SER A 45 17.09 12.44 -6.47
CA SER A 45 17.36 11.29 -5.62
C SER A 45 16.23 10.26 -5.72
N ASN A 46 16.58 8.99 -5.53
CA ASN A 46 15.59 7.91 -5.61
C ASN A 46 14.65 7.96 -4.41
N ALA A 47 15.15 7.53 -3.25
CA ALA A 47 14.35 7.52 -2.03
C ALA A 47 13.13 6.61 -2.17
N GLU A 48 13.25 5.61 -3.05
CA GLU A 48 12.16 4.68 -3.29
C GLU A 48 11.68 4.06 -1.97
N ILE A 49 10.76 4.75 -1.30
CA ILE A 49 10.23 4.27 -0.03
C ILE A 49 9.75 2.82 -0.15
N ARG A 50 10.25 1.98 0.74
CA ARG A 50 9.88 0.56 0.74
C ARG A 50 8.56 0.34 1.49
N TYR A 51 7.54 -0.09 0.76
CA TYR A 51 6.23 -0.34 1.35
C TYR A 51 6.12 -1.77 1.88
N ILE A 52 6.07 -1.91 3.20
CA ILE A 52 5.97 -3.22 3.83
C ILE A 52 4.57 -3.45 4.38
N PHE A 53 4.20 -4.72 4.52
CA PHE A 53 2.88 -5.08 5.04
C PHE A 53 2.77 -4.74 6.53
N GLY A 54 1.60 -4.27 6.93
CA GLY A 54 1.38 -3.91 8.32
C GLY A 54 1.63 -5.06 9.27
N ALA A 55 1.16 -4.92 10.51
CA ALA A 55 1.35 -5.96 11.51
C ALA A 55 0.09 -6.81 11.67
N GLN A 56 0.24 -8.02 12.19
CA GLN A 56 -0.89 -8.92 12.39
C GLN A 56 -1.69 -9.07 11.11
N VAL A 57 -1.01 -9.43 10.02
CA VAL A 57 -1.66 -9.61 8.73
C VAL A 57 -1.60 -11.06 8.28
N ALA A 58 -2.75 -11.61 7.91
CA ALA A 58 -2.82 -13.00 7.46
C ALA A 58 -1.88 -13.24 6.28
N PRO A 59 -1.39 -14.48 6.16
CA PRO A 59 -0.47 -14.87 5.07
C PRO A 59 -1.16 -14.90 3.72
N ALA A 60 -2.37 -15.47 3.68
CA ALA A 60 -3.13 -15.56 2.44
C ALA A 60 -3.17 -14.23 1.73
N THR A 61 -3.40 -13.15 2.47
CA THR A 61 -3.47 -11.81 1.90
C THR A 61 -2.17 -11.46 1.19
N LYS A 62 -1.05 -11.85 1.78
CA LYS A 62 0.26 -11.57 1.20
C LYS A 62 0.47 -12.38 -0.08
N ARG A 63 0.03 -13.63 -0.06
CA ARG A 63 0.16 -14.51 -1.22
C ARG A 63 -0.74 -14.05 -2.36
N LEU A 64 -2.05 -14.09 -2.12
CA LEU A 64 -3.02 -13.68 -3.13
C LEU A 64 -2.70 -12.29 -3.67
N PHE A 65 -2.45 -11.35 -2.76
CA PHE A 65 -2.14 -9.98 -3.14
C PHE A 65 -0.64 -9.71 -2.96
N ALA A 66 0.01 -9.29 -4.04
CA ALA A 66 1.43 -8.99 -4.00
C ALA A 66 1.68 -7.50 -3.85
N LEU A 67 2.49 -7.12 -2.87
CA LEU A 67 2.81 -5.72 -2.62
C LEU A 67 4.26 -5.42 -2.98
N ASN A 68 4.45 -4.44 -3.86
CA ASN A 68 5.79 -4.05 -4.28
C ASN A 68 6.37 -2.99 -3.35
N ASN A 69 7.68 -3.06 -3.12
CA ASN A 69 8.35 -2.11 -2.25
C ASN A 69 9.09 -1.05 -3.06
N THR A 70 9.13 -1.25 -4.37
CA THR A 70 9.80 -0.32 -5.27
C THR A 70 8.80 0.54 -6.03
N THR A 71 7.59 0.02 -6.20
CA THR A 71 6.54 0.73 -6.91
C THR A 71 5.37 1.05 -5.99
N GLY A 72 5.25 0.30 -4.90
CA GLY A 72 4.17 0.51 -3.95
C GLY A 72 2.81 0.29 -4.57
N LEU A 73 2.71 -0.70 -5.44
CA LEU A 73 1.44 -1.02 -6.10
C LEU A 73 1.00 -2.44 -5.79
N ILE A 74 -0.25 -2.59 -5.37
CA ILE A 74 -0.79 -3.89 -5.04
C ILE A 74 -1.57 -4.49 -6.21
N THR A 75 -1.16 -5.68 -6.64
CA THR A 75 -1.81 -6.36 -7.75
C THR A 75 -2.25 -7.76 -7.36
N VAL A 76 -3.10 -8.36 -8.18
CA VAL A 76 -3.60 -9.71 -7.93
C VAL A 76 -2.60 -10.76 -8.38
N GLN A 77 -2.00 -11.46 -7.41
CA GLN A 77 -1.02 -12.49 -7.71
C GLN A 77 -1.70 -13.81 -8.06
N ARG A 78 -2.84 -14.06 -7.43
CA ARG A 78 -3.59 -15.28 -7.67
C ARG A 78 -5.09 -15.02 -7.61
N SER A 79 -5.87 -15.92 -8.19
CA SER A 79 -7.32 -15.79 -8.22
C SER A 79 -7.86 -15.54 -6.80
N LEU A 80 -8.87 -14.67 -6.71
CA LEU A 80 -9.48 -14.34 -5.42
C LEU A 80 -10.69 -15.22 -5.15
N ASP A 81 -10.99 -15.43 -3.88
CA ASP A 81 -12.14 -16.25 -3.49
C ASP A 81 -13.01 -15.51 -2.47
N ARG A 82 -14.29 -15.38 -2.79
CA ARG A 82 -15.23 -14.69 -1.91
C ARG A 82 -15.72 -15.62 -0.81
N GLU A 83 -15.97 -16.88 -1.17
CA GLU A 83 -16.46 -17.87 -0.21
C GLU A 83 -15.71 -17.75 1.11
N GLU A 84 -14.40 -17.59 1.03
CA GLU A 84 -13.56 -17.47 2.22
C GLU A 84 -13.68 -16.08 2.83
N THR A 85 -13.27 -15.06 2.06
CA THR A 85 -13.34 -13.68 2.53
C THR A 85 -13.78 -12.75 1.41
N ALA A 86 -14.65 -11.80 1.73
CA ALA A 86 -15.15 -10.84 0.76
C ALA A 86 -14.35 -9.55 0.80
N ILE A 87 -14.03 -9.09 2.01
CA ILE A 87 -13.28 -7.86 2.19
C ILE A 87 -11.84 -8.16 2.61
N HIS A 88 -10.90 -7.39 2.07
CA HIS A 88 -9.48 -7.58 2.39
C HIS A 88 -8.87 -6.27 2.89
N LYS A 89 -8.44 -6.28 4.16
CA LYS A 89 -7.83 -5.10 4.76
C LYS A 89 -6.32 -5.21 4.77
N VAL A 90 -5.66 -4.40 3.95
CA VAL A 90 -4.20 -4.41 3.87
C VAL A 90 -3.61 -3.08 4.34
N THR A 91 -2.74 -3.14 5.34
CA THR A 91 -2.10 -1.95 5.87
C THR A 91 -0.69 -1.77 5.31
N VAL A 92 -0.42 -0.58 4.79
CA VAL A 92 0.90 -0.28 4.23
C VAL A 92 1.68 0.68 5.13
N LEU A 93 2.97 0.39 5.29
CA LEU A 93 3.83 1.23 6.12
C LEU A 93 4.97 1.83 5.30
N ALA A 94 4.99 3.15 5.19
CA ALA A 94 6.02 3.85 4.45
C ALA A 94 7.05 4.47 5.37
N SER A 95 8.32 4.16 5.16
CA SER A 95 9.40 4.69 5.99
C SER A 95 10.54 5.21 5.12
N ASP A 96 11.03 6.40 5.45
CA ASP A 96 12.12 7.01 4.70
C ASP A 96 13.24 7.46 5.64
N GLY A 97 13.79 6.51 6.40
CA GLY A 97 14.86 6.83 7.32
C GLY A 97 14.39 7.70 8.48
N SER A 98 13.31 7.29 9.12
CA SER A 98 12.75 8.05 10.24
C SER A 98 12.06 7.12 11.23
N SER A 99 11.43 7.72 12.24
CA SER A 99 10.73 6.95 13.26
C SER A 99 9.59 6.14 12.65
N THR A 100 8.81 5.48 13.49
CA THR A 100 7.70 4.67 13.03
C THR A 100 7.04 5.28 11.80
N PRO A 101 6.88 4.45 10.75
CA PRO A 101 6.27 4.89 9.49
C PRO A 101 4.78 5.17 9.64
N ALA A 102 4.19 5.78 8.60
CA ALA A 102 2.77 6.09 8.62
C ALA A 102 1.92 4.84 8.53
N ARG A 103 0.60 5.00 8.64
CA ARG A 103 -0.32 3.87 8.58
C ARG A 103 -1.53 4.21 7.74
N ALA A 104 -1.93 3.28 6.87
CA ALA A 104 -3.08 3.49 6.01
C ALA A 104 -3.80 2.17 5.73
N THR A 105 -5.07 2.10 6.12
CA THR A 105 -5.87 0.90 5.93
C THR A 105 -6.62 0.95 4.60
N VAL A 106 -6.32 0.01 3.72
CA VAL A 106 -6.97 -0.05 2.41
C VAL A 106 -8.06 -1.12 2.39
N THR A 107 -9.30 -0.68 2.24
CA THR A 107 -10.43 -1.60 2.21
C THR A 107 -10.73 -2.05 0.78
N ILE A 108 -10.65 -3.36 0.54
CA ILE A 108 -10.91 -3.91 -0.78
C ILE A 108 -12.24 -4.67 -0.80
N ASN A 109 -13.22 -4.10 -1.49
CA ASN A 109 -14.53 -4.73 -1.61
C ASN A 109 -14.64 -5.56 -2.87
N VAL A 110 -14.84 -6.86 -2.71
CA VAL A 110 -14.97 -7.76 -3.85
C VAL A 110 -16.41 -7.80 -4.36
N THR A 111 -16.56 -7.58 -5.67
CA THR A 111 -17.88 -7.59 -6.28
C THR A 111 -17.94 -8.57 -7.45
N ASP A 112 -19.13 -8.75 -8.01
CA ASP A 112 -19.31 -9.66 -9.13
C ASP A 112 -18.31 -9.38 -10.25
N VAL A 113 -17.99 -10.40 -11.03
CA VAL A 113 -17.03 -10.26 -12.11
C VAL A 113 -17.75 -10.14 -13.46
N ASN A 114 -18.95 -10.72 -13.54
CA ASN A 114 -19.73 -10.67 -14.76
C ASN A 114 -19.91 -9.25 -15.25
N GLY A 1 23.56 9.32 16.37
CA GLY A 1 23.54 9.97 15.08
C GLY A 1 23.13 11.43 15.16
N SER A 2 22.84 12.03 14.01
CA SER A 2 22.44 13.43 13.96
C SER A 2 21.79 13.76 12.62
N SER A 3 21.30 14.99 12.50
CA SER A 3 20.65 15.43 11.27
C SER A 3 21.43 16.59 10.63
N GLY A 4 21.55 17.69 11.38
CA GLY A 4 22.26 18.85 10.86
C GLY A 4 21.46 20.13 11.00
N SER A 5 21.38 20.65 12.22
CA SER A 5 20.64 21.88 12.48
C SER A 5 19.26 21.83 11.81
N SER A 6 18.61 20.69 11.91
CA SER A 6 17.30 20.51 11.31
C SER A 6 16.20 20.97 12.26
N GLY A 7 15.05 21.34 11.71
CA GLY A 7 13.94 21.80 12.52
C GLY A 7 13.46 20.74 13.49
N ASN A 8 12.18 20.37 13.40
CA ASN A 8 11.61 19.37 14.28
C ASN A 8 11.35 18.07 13.53
N ASP A 9 10.85 17.07 14.24
CA ASP A 9 10.56 15.77 13.64
C ASP A 9 9.62 15.93 12.45
N ASN A 10 9.79 15.06 11.45
CA ASN A 10 8.97 15.10 10.25
C ASN A 10 8.69 13.70 9.73
N ARG A 11 7.42 13.34 9.65
CA ARG A 11 7.02 12.02 9.17
C ARG A 11 6.22 12.13 7.87
N PRO A 12 6.30 11.09 7.03
CA PRO A 12 5.58 11.05 5.75
C PRO A 12 4.07 10.92 5.94
N VAL A 13 3.32 11.40 4.95
CA VAL A 13 1.87 11.35 4.99
C VAL A 13 1.30 10.74 3.72
N PHE A 14 0.36 9.81 3.88
CA PHE A 14 -0.27 9.14 2.75
C PHE A 14 -1.33 10.03 2.12
N LYS A 15 -1.58 9.83 0.82
CA LYS A 15 -2.57 10.61 0.10
C LYS A 15 -3.82 10.81 0.95
N GLU A 16 -4.35 9.72 1.50
CA GLU A 16 -5.54 9.79 2.32
C GLU A 16 -5.50 8.72 3.42
N GLY A 17 -6.31 8.93 4.47
CA GLY A 17 -6.34 7.99 5.57
C GLY A 17 -6.95 6.66 5.17
N GLN A 18 -8.20 6.68 4.75
CA GLN A 18 -8.90 5.46 4.34
C GLN A 18 -9.04 5.40 2.82
N VAL A 19 -8.92 4.20 2.27
CA VAL A 19 -9.05 4.00 0.82
C VAL A 19 -9.97 2.84 0.50
N GLU A 20 -10.85 3.04 -0.47
CA GLU A 20 -11.78 2.00 -0.87
C GLU A 20 -11.64 1.69 -2.36
N VAL A 21 -11.60 0.40 -2.70
CA VAL A 21 -11.47 -0.02 -4.08
C VAL A 21 -12.43 -1.16 -4.40
N HIS A 22 -12.87 -1.23 -5.66
CA HIS A 22 -13.80 -2.27 -6.09
C HIS A 22 -13.14 -3.19 -7.11
N ILE A 23 -13.15 -4.49 -6.81
CA ILE A 23 -12.56 -5.48 -7.70
C ILE A 23 -13.31 -6.81 -7.62
N PRO A 24 -13.63 -7.38 -8.79
CA PRO A 24 -14.35 -8.65 -8.87
C PRO A 24 -13.49 -9.83 -8.43
N GLU A 25 -14.15 -10.90 -7.98
CA GLU A 25 -13.44 -12.09 -7.53
C GLU A 25 -12.76 -12.81 -8.69
N ASN A 26 -13.45 -12.83 -9.83
CA ASN A 26 -12.92 -13.49 -11.02
C ASN A 26 -12.02 -12.55 -11.81
N ALA A 27 -11.37 -11.63 -11.10
CA ALA A 27 -10.47 -10.67 -11.72
C ALA A 27 -9.22 -11.36 -12.26
N PRO A 28 -8.73 -10.88 -13.42
CA PRO A 28 -7.53 -11.44 -14.06
C PRO A 28 -6.26 -11.14 -13.28
N VAL A 29 -5.35 -12.11 -13.26
CA VAL A 29 -4.08 -11.94 -12.54
C VAL A 29 -3.26 -10.82 -13.15
N GLY A 30 -2.76 -9.93 -12.28
CA GLY A 30 -1.95 -8.82 -12.74
C GLY A 30 -2.75 -7.53 -12.85
N THR A 31 -3.91 -7.51 -12.22
CA THR A 31 -4.77 -6.33 -12.25
C THR A 31 -4.34 -5.31 -11.19
N SER A 32 -4.12 -4.08 -11.63
CA SER A 32 -3.71 -3.01 -10.73
C SER A 32 -4.84 -2.61 -9.79
N VAL A 33 -4.71 -2.96 -8.52
CA VAL A 33 -5.72 -2.64 -7.52
C VAL A 33 -5.59 -1.19 -7.06
N ILE A 34 -4.56 -0.92 -6.27
CA ILE A 34 -4.33 0.43 -5.76
C ILE A 34 -2.84 0.75 -5.72
N GLN A 35 -2.51 2.02 -5.94
CA GLN A 35 -1.12 2.46 -5.93
C GLN A 35 -0.91 3.59 -4.93
N LEU A 36 -0.32 3.25 -3.79
CA LEU A 36 -0.06 4.23 -2.74
C LEU A 36 1.06 5.19 -3.15
N HIS A 37 0.95 6.44 -2.73
CA HIS A 37 1.96 7.45 -3.06
C HIS A 37 2.23 8.35 -1.86
N ALA A 38 3.45 8.30 -1.35
CA ALA A 38 3.84 9.11 -0.19
C ALA A 38 4.97 10.06 -0.55
N THR A 39 4.78 11.34 -0.28
CA THR A 39 5.79 12.35 -0.57
C THR A 39 6.11 13.19 0.67
N ASP A 40 7.34 13.06 1.15
CA ASP A 40 7.77 13.81 2.33
C ASP A 40 9.08 14.55 2.05
N ALA A 41 9.16 15.79 2.50
CA ALA A 41 10.34 16.61 2.30
C ALA A 41 10.92 16.41 0.90
N ASP A 42 10.08 16.64 -0.11
CA ASP A 42 10.50 16.49 -1.50
C ASP A 42 11.30 17.71 -1.96
N ILE A 43 12.27 18.11 -1.14
CA ILE A 43 13.10 19.26 -1.46
C ILE A 43 14.46 18.82 -2.00
N GLY A 44 14.56 18.68 -3.31
CA GLY A 44 15.81 18.27 -3.92
C GLY A 44 15.68 16.95 -4.66
N SER A 45 16.19 15.88 -4.06
CA SER A 45 16.15 14.56 -4.67
C SER A 45 14.95 13.76 -4.15
N ASN A 46 14.44 12.86 -4.97
CA ASN A 46 13.30 12.02 -4.60
C ASN A 46 13.75 10.85 -3.73
N ALA A 47 13.35 10.88 -2.47
CA ALA A 47 13.70 9.81 -1.53
C ALA A 47 13.01 8.51 -1.90
N GLU A 48 13.68 7.39 -1.63
CA GLU A 48 13.12 6.08 -1.93
C GLU A 48 12.41 5.50 -0.72
N ILE A 49 11.13 5.83 -0.58
CA ILE A 49 10.33 5.33 0.53
C ILE A 49 9.86 3.90 0.29
N ARG A 50 10.30 2.99 1.13
CA ARG A 50 9.92 1.59 1.01
C ARG A 50 8.51 1.35 1.55
N TYR A 51 7.92 0.22 1.17
CA TYR A 51 6.58 -0.12 1.62
C TYR A 51 6.49 -1.58 2.03
N ILE A 52 6.33 -1.83 3.32
CA ILE A 52 6.23 -3.18 3.85
C ILE A 52 4.84 -3.47 4.39
N PHE A 53 4.57 -4.73 4.70
CA PHE A 53 3.28 -5.14 5.23
C PHE A 53 3.13 -4.70 6.68
N GLY A 54 1.97 -4.14 7.02
CA GLY A 54 1.73 -3.69 8.38
C GLY A 54 1.71 -4.84 9.37
N ALA A 55 0.98 -4.67 10.46
CA ALA A 55 0.88 -5.69 11.49
C ALA A 55 -0.46 -6.42 11.43
N GLN A 56 -0.51 -7.62 12.00
CA GLN A 56 -1.74 -8.42 12.01
C GLN A 56 -2.25 -8.64 10.58
N VAL A 57 -1.36 -9.04 9.69
CA VAL A 57 -1.72 -9.29 8.31
C VAL A 57 -1.73 -10.79 8.00
N ALA A 58 -2.88 -11.28 7.56
CA ALA A 58 -3.02 -12.69 7.22
C ALA A 58 -2.03 -13.11 6.13
N PRO A 59 -1.63 -14.39 6.13
CA PRO A 59 -0.69 -14.93 5.17
C PRO A 59 -1.28 -15.02 3.77
N ALA A 60 -2.55 -15.43 3.69
CA ALA A 60 -3.24 -15.55 2.41
C ALA A 60 -3.22 -14.24 1.65
N THR A 61 -3.75 -13.19 2.28
CA THR A 61 -3.80 -11.88 1.65
C THR A 61 -2.45 -11.49 1.07
N LYS A 62 -1.38 -11.91 1.73
CA LYS A 62 -0.03 -11.62 1.26
C LYS A 62 0.32 -12.46 0.04
N ARG A 63 -0.30 -13.62 -0.06
CA ARG A 63 -0.05 -14.52 -1.19
C ARG A 63 -0.92 -14.14 -2.39
N LEU A 64 -2.22 -14.06 -2.18
CA LEU A 64 -3.16 -13.71 -3.24
C LEU A 64 -2.81 -12.35 -3.84
N PHE A 65 -2.53 -11.38 -2.98
CA PHE A 65 -2.18 -10.03 -3.43
C PHE A 65 -0.71 -9.75 -3.20
N ALA A 66 -0.01 -9.34 -4.25
CA ALA A 66 1.41 -9.03 -4.16
C ALA A 66 1.63 -7.54 -3.97
N LEU A 67 2.55 -7.20 -3.06
CA LEU A 67 2.87 -5.81 -2.79
C LEU A 67 4.29 -5.47 -3.22
N ASN A 68 4.47 -4.28 -3.78
CA ASN A 68 5.79 -3.83 -4.22
C ASN A 68 6.40 -2.85 -3.24
N ASN A 69 7.59 -3.18 -2.74
CA ASN A 69 8.29 -2.33 -1.79
C ASN A 69 9.09 -1.24 -2.50
N THR A 70 8.94 -1.18 -3.83
CA THR A 70 9.64 -0.20 -4.63
C THR A 70 8.66 0.75 -5.31
N THR A 71 7.45 0.28 -5.55
CA THR A 71 6.42 1.08 -6.20
C THR A 71 5.20 1.23 -5.31
N GLY A 72 5.10 0.39 -4.29
CA GLY A 72 3.97 0.45 -3.37
C GLY A 72 2.65 0.17 -4.07
N LEU A 73 2.66 -0.77 -5.01
CA LEU A 73 1.46 -1.12 -5.75
C LEU A 73 0.99 -2.53 -5.39
N ILE A 74 -0.31 -2.75 -5.44
CA ILE A 74 -0.87 -4.06 -5.14
C ILE A 74 -1.67 -4.61 -6.31
N THR A 75 -1.27 -5.79 -6.79
CA THR A 75 -1.95 -6.43 -7.91
C THR A 75 -2.33 -7.86 -7.57
N VAL A 76 -3.25 -8.42 -8.36
CA VAL A 76 -3.70 -9.80 -8.15
C VAL A 76 -2.62 -10.79 -8.54
N GLN A 77 -2.35 -11.75 -7.65
CA GLN A 77 -1.34 -12.77 -7.91
C GLN A 77 -1.99 -14.12 -8.20
N ARG A 78 -3.10 -14.39 -7.52
CA ARG A 78 -3.82 -15.66 -7.70
C ARG A 78 -5.31 -15.46 -7.51
N SER A 79 -6.11 -16.30 -8.16
CA SER A 79 -7.56 -16.21 -8.07
C SER A 79 -7.99 -15.85 -6.65
N LEU A 80 -9.12 -15.15 -6.54
CA LEU A 80 -9.62 -14.74 -5.24
C LEU A 80 -10.85 -15.57 -4.86
N ASP A 81 -11.08 -15.71 -3.56
CA ASP A 81 -12.22 -16.49 -3.06
C ASP A 81 -13.12 -15.62 -2.19
N ARG A 82 -14.37 -15.46 -2.63
CA ARG A 82 -15.33 -14.64 -1.88
C ARG A 82 -15.91 -15.42 -0.72
N GLU A 83 -16.31 -16.67 -0.97
CA GLU A 83 -16.89 -17.52 0.06
C GLU A 83 -16.12 -17.36 1.37
N GLU A 84 -14.80 -17.47 1.30
CA GLU A 84 -13.96 -17.35 2.48
C GLU A 84 -14.04 -15.95 3.06
N THR A 85 -13.65 -14.96 2.26
CA THR A 85 -13.68 -13.56 2.69
C THR A 85 -14.32 -12.67 1.64
N ALA A 86 -15.04 -11.65 2.09
CA ALA A 86 -15.71 -10.72 1.19
C ALA A 86 -14.97 -9.39 1.13
N ILE A 87 -14.23 -9.09 2.19
CA ILE A 87 -13.47 -7.84 2.26
C ILE A 87 -12.05 -8.09 2.77
N HIS A 88 -11.08 -7.48 2.10
CA HIS A 88 -9.68 -7.64 2.47
C HIS A 88 -9.11 -6.31 2.97
N LYS A 89 -8.75 -6.28 4.26
CA LYS A 89 -8.20 -5.07 4.87
C LYS A 89 -6.69 -5.20 5.04
N VAL A 90 -5.94 -4.47 4.22
CA VAL A 90 -4.48 -4.50 4.28
C VAL A 90 -3.92 -3.16 4.73
N THR A 91 -2.86 -3.19 5.53
CA THR A 91 -2.24 -1.98 6.03
C THR A 91 -0.77 -1.92 5.62
N VAL A 92 -0.40 -0.86 4.89
CA VAL A 92 0.97 -0.68 4.43
C VAL A 92 1.65 0.45 5.21
N LEU A 93 2.92 0.24 5.54
CA LEU A 93 3.69 1.24 6.27
C LEU A 93 4.69 1.95 5.35
N ALA A 94 4.82 3.25 5.53
CA ALA A 94 5.74 4.04 4.72
C ALA A 94 6.82 4.70 5.58
N SER A 95 8.06 4.64 5.11
CA SER A 95 9.19 5.22 5.84
C SER A 95 10.15 5.93 4.89
N ASP A 96 10.69 7.05 5.34
CA ASP A 96 11.62 7.83 4.53
C ASP A 96 12.83 8.26 5.36
N GLY A 97 12.59 8.55 6.63
CA GLY A 97 13.67 8.98 7.51
C GLY A 97 13.16 9.62 8.79
N SER A 98 12.03 9.12 9.29
CA SER A 98 11.44 9.65 10.50
C SER A 98 11.43 8.60 11.61
N SER A 99 10.88 8.96 12.76
CA SER A 99 10.81 8.05 13.90
C SER A 99 9.81 6.92 13.64
N THR A 100 8.53 7.27 13.65
CA THR A 100 7.47 6.28 13.41
C THR A 100 6.96 6.36 11.98
N PRO A 101 6.82 5.19 11.34
CA PRO A 101 6.34 5.11 9.96
C PRO A 101 4.86 5.47 9.84
N ALA A 102 4.41 5.72 8.61
CA ALA A 102 3.01 6.07 8.36
C ALA A 102 2.20 4.85 7.95
N ARG A 103 1.07 4.64 8.63
CA ARG A 103 0.21 3.50 8.34
C ARG A 103 -1.07 3.96 7.64
N ALA A 104 -1.62 3.08 6.81
CA ALA A 104 -2.84 3.38 6.07
C ALA A 104 -3.70 2.14 5.88
N THR A 105 -4.92 2.18 6.41
CA THR A 105 -5.84 1.05 6.31
C THR A 105 -6.58 1.08 4.98
N VAL A 106 -6.36 0.05 4.17
CA VAL A 106 -7.01 -0.06 2.87
C VAL A 106 -8.12 -1.10 2.89
N THR A 107 -9.20 -0.82 2.17
CA THR A 107 -10.33 -1.74 2.11
C THR A 107 -10.58 -2.22 0.68
N ILE A 108 -10.69 -3.54 0.51
CA ILE A 108 -10.92 -4.12 -0.80
C ILE A 108 -12.27 -4.85 -0.85
N ASN A 109 -13.15 -4.37 -1.71
CA ASN A 109 -14.47 -4.98 -1.85
C ASN A 109 -14.46 -6.05 -2.94
N VAL A 110 -15.05 -7.20 -2.63
CA VAL A 110 -15.11 -8.32 -3.57
C VAL A 110 -16.48 -8.40 -4.22
N THR A 111 -16.59 -7.89 -5.45
CA THR A 111 -17.86 -7.92 -6.17
C THR A 111 -18.03 -9.23 -6.92
N ASP A 112 -19.28 -9.54 -7.29
CA ASP A 112 -19.57 -10.77 -8.01
C ASP A 112 -19.18 -10.65 -9.48
N VAL A 113 -19.22 -11.77 -10.19
CA VAL A 113 -18.87 -11.79 -11.60
C VAL A 113 -19.81 -12.69 -12.39
N ASN A 114 -20.47 -12.11 -13.39
CA ASN A 114 -21.41 -12.86 -14.22
C ASN A 114 -20.77 -13.23 -15.56
N GLY A 1 20.14 26.43 -17.30
CA GLY A 1 19.20 25.68 -16.50
C GLY A 1 18.96 26.29 -15.14
N SER A 2 17.93 25.80 -14.44
CA SER A 2 17.60 26.32 -13.12
C SER A 2 16.62 25.38 -12.41
N SER A 3 16.61 25.46 -11.08
CA SER A 3 15.74 24.62 -10.27
C SER A 3 15.82 24.99 -8.80
N GLY A 4 14.66 25.26 -8.19
CA GLY A 4 14.63 25.62 -6.79
C GLY A 4 13.46 24.98 -6.06
N SER A 5 13.67 24.68 -4.78
CA SER A 5 12.64 24.06 -3.96
C SER A 5 12.98 24.17 -2.48
N SER A 6 11.98 23.92 -1.63
CA SER A 6 12.18 23.99 -0.19
C SER A 6 11.94 22.63 0.46
N GLY A 7 12.44 22.47 1.69
CA GLY A 7 12.27 21.21 2.40
C GLY A 7 12.29 21.40 3.90
N ASN A 8 11.55 20.54 4.61
CA ASN A 8 11.49 20.61 6.06
C ASN A 8 11.20 19.24 6.66
N ASP A 9 11.53 19.08 7.94
CA ASP A 9 11.29 17.81 8.63
C ASP A 9 9.85 17.36 8.47
N ASN A 10 9.65 16.19 7.88
CA ASN A 10 8.32 15.65 7.65
C ASN A 10 8.36 14.14 7.45
N ARG A 11 7.38 13.44 7.99
CA ARG A 11 7.32 11.99 7.86
C ARG A 11 6.57 11.60 6.60
N PRO A 12 6.83 10.38 6.10
CA PRO A 12 6.20 9.86 4.88
C PRO A 12 4.72 9.53 5.10
N VAL A 13 3.87 10.48 4.74
CA VAL A 13 2.43 10.31 4.89
C VAL A 13 1.77 10.00 3.56
N PHE A 14 0.51 9.58 3.59
CA PHE A 14 -0.23 9.24 2.38
C PHE A 14 -1.11 10.42 1.95
N LYS A 15 -1.36 10.51 0.64
CA LYS A 15 -2.18 11.58 0.10
C LYS A 15 -3.60 11.52 0.67
N GLU A 16 -4.12 10.30 0.83
CA GLU A 16 -5.46 10.11 1.37
C GLU A 16 -5.44 9.14 2.54
N GLY A 17 -4.47 8.24 2.55
CA GLY A 17 -4.36 7.27 3.62
C GLY A 17 -5.32 6.12 3.47
N GLN A 18 -6.63 6.44 3.53
CA GLN A 18 -7.66 5.42 3.40
C GLN A 18 -8.30 5.46 2.01
N VAL A 19 -8.55 4.29 1.45
CA VAL A 19 -9.15 4.20 0.13
C VAL A 19 -9.95 2.91 -0.02
N GLU A 20 -11.15 3.02 -0.58
CA GLU A 20 -12.01 1.85 -0.78
C GLU A 20 -12.12 1.51 -2.26
N VAL A 21 -11.61 0.33 -2.62
CA VAL A 21 -11.66 -0.13 -4.01
C VAL A 21 -12.58 -1.33 -4.17
N HIS A 22 -12.96 -1.61 -5.40
CA HIS A 22 -13.85 -2.73 -5.70
C HIS A 22 -13.34 -3.55 -6.88
N ILE A 23 -12.84 -4.74 -6.61
CA ILE A 23 -12.31 -5.61 -7.65
C ILE A 23 -12.96 -6.99 -7.60
N PRO A 24 -13.32 -7.52 -8.76
CA PRO A 24 -13.95 -8.84 -8.89
C PRO A 24 -12.99 -9.97 -8.55
N GLU A 25 -13.53 -11.18 -8.43
CA GLU A 25 -12.71 -12.35 -8.11
C GLU A 25 -12.09 -12.94 -9.37
N ASN A 26 -12.77 -12.75 -10.51
CA ASN A 26 -12.28 -13.27 -11.78
C ASN A 26 -11.21 -12.36 -12.35
N ALA A 27 -11.04 -11.18 -11.75
CA ALA A 27 -10.05 -10.22 -12.21
C ALA A 27 -8.77 -10.93 -12.66
N PRO A 28 -8.19 -10.44 -13.77
CA PRO A 28 -6.96 -11.01 -14.34
C PRO A 28 -5.75 -10.74 -13.47
N VAL A 29 -4.86 -11.72 -13.38
CA VAL A 29 -3.65 -11.60 -12.58
C VAL A 29 -2.73 -10.52 -13.13
N GLY A 30 -2.43 -9.52 -12.31
CA GLY A 30 -1.57 -8.44 -12.74
C GLY A 30 -2.30 -7.12 -12.84
N THR A 31 -3.53 -7.08 -12.32
CA THR A 31 -4.34 -5.87 -12.36
C THR A 31 -3.96 -4.91 -11.23
N SER A 32 -3.97 -3.62 -11.52
CA SER A 32 -3.63 -2.62 -10.53
C SER A 32 -4.83 -2.31 -9.63
N VAL A 33 -4.70 -2.63 -8.35
CA VAL A 33 -5.77 -2.39 -7.38
C VAL A 33 -5.70 -0.96 -6.83
N ILE A 34 -4.61 -0.65 -6.16
CA ILE A 34 -4.42 0.68 -5.59
C ILE A 34 -2.96 1.13 -5.70
N GLN A 35 -2.76 2.45 -5.73
CA GLN A 35 -1.42 3.01 -5.84
C GLN A 35 -1.21 4.11 -4.79
N LEU A 36 -0.43 3.80 -3.77
CA LEU A 36 -0.15 4.76 -2.70
C LEU A 36 1.15 5.52 -2.99
N HIS A 37 1.10 6.84 -2.81
CA HIS A 37 2.27 7.67 -3.04
C HIS A 37 2.77 8.29 -1.74
N ALA A 38 4.09 8.25 -1.53
CA ALA A 38 4.69 8.81 -0.32
C ALA A 38 5.79 9.80 -0.66
N THR A 39 5.43 11.08 -0.70
CA THR A 39 6.39 12.13 -1.03
C THR A 39 6.91 12.80 0.24
N ASP A 40 8.21 12.70 0.47
CA ASP A 40 8.83 13.30 1.65
C ASP A 40 10.03 14.16 1.25
N ALA A 41 10.37 15.11 2.11
CA ALA A 41 11.51 15.99 1.85
C ALA A 41 12.74 15.20 1.43
N ASP A 42 13.14 15.36 0.17
CA ASP A 42 14.29 14.66 -0.36
C ASP A 42 15.54 15.54 -0.28
N ILE A 43 15.44 16.63 0.47
CA ILE A 43 16.56 17.56 0.63
C ILE A 43 17.80 16.83 1.12
N GLY A 44 18.77 16.67 0.24
CA GLY A 44 20.01 15.99 0.61
C GLY A 44 20.45 14.97 -0.43
N SER A 45 19.67 13.90 -0.57
CA SER A 45 19.98 12.85 -1.53
C SER A 45 18.76 12.00 -1.82
N ASN A 46 18.79 11.29 -2.95
CA ASN A 46 17.68 10.43 -3.34
C ASN A 46 17.10 9.69 -2.14
N ALA A 47 15.86 9.25 -2.25
CA ALA A 47 15.20 8.52 -1.17
C ALA A 47 14.24 7.47 -1.72
N GLU A 48 14.58 6.21 -1.54
CA GLU A 48 13.76 5.11 -2.01
C GLU A 48 12.84 4.59 -0.91
N ILE A 49 11.61 5.09 -0.88
CA ILE A 49 10.65 4.68 0.12
C ILE A 49 10.22 3.23 -0.08
N ARG A 50 10.71 2.34 0.79
CA ARG A 50 10.39 0.93 0.71
C ARG A 50 9.15 0.60 1.53
N TYR A 51 8.11 0.11 0.86
CA TYR A 51 6.86 -0.24 1.53
C TYR A 51 6.89 -1.67 2.04
N ILE A 52 6.13 -1.93 3.09
CA ILE A 52 6.06 -3.27 3.68
C ILE A 52 4.67 -3.58 4.19
N PHE A 53 4.48 -4.81 4.66
CA PHE A 53 3.19 -5.25 5.18
C PHE A 53 3.03 -4.83 6.64
N GLY A 54 1.80 -4.51 7.03
CA GLY A 54 1.54 -4.10 8.39
C GLY A 54 2.02 -5.12 9.41
N ALA A 55 1.61 -4.95 10.66
CA ALA A 55 2.01 -5.86 11.72
C ALA A 55 0.96 -6.94 11.95
N GLN A 56 1.42 -8.18 12.11
CA GLN A 56 0.51 -9.30 12.33
C GLN A 56 -0.49 -9.42 11.18
N VAL A 57 0.02 -9.43 9.95
CA VAL A 57 -0.84 -9.53 8.77
C VAL A 57 -0.91 -10.97 8.28
N ALA A 58 -2.14 -11.46 8.09
CA ALA A 58 -2.35 -12.82 7.62
C ALA A 58 -1.53 -13.10 6.36
N PRO A 59 -1.06 -14.34 6.22
CA PRO A 59 -0.25 -14.76 5.07
C PRO A 59 -1.08 -14.83 3.78
N ALA A 60 -2.23 -15.50 3.86
CA ALA A 60 -3.10 -15.63 2.71
C ALA A 60 -3.39 -14.28 2.07
N THR A 61 -4.11 -13.43 2.79
CA THR A 61 -4.45 -12.10 2.30
C THR A 61 -3.28 -11.48 1.53
N LYS A 62 -2.07 -11.82 1.94
CA LYS A 62 -0.87 -11.30 1.29
C LYS A 62 -0.56 -12.08 0.01
N ARG A 63 -0.78 -13.39 0.06
CA ARG A 63 -0.52 -14.25 -1.09
C ARG A 63 -1.34 -13.79 -2.29
N LEU A 64 -2.61 -13.49 -2.05
CA LEU A 64 -3.50 -13.04 -3.12
C LEU A 64 -3.10 -11.66 -3.62
N PHE A 65 -2.95 -10.72 -2.69
CA PHE A 65 -2.56 -9.36 -3.05
C PHE A 65 -1.09 -9.11 -2.73
N ALA A 66 -0.33 -8.74 -3.76
CA ALA A 66 1.09 -8.48 -3.60
C ALA A 66 1.35 -6.99 -3.38
N LEU A 67 2.35 -6.68 -2.57
CA LEU A 67 2.70 -5.30 -2.26
C LEU A 67 4.14 -4.99 -2.67
N ASN A 68 4.31 -4.05 -3.59
CA ASN A 68 5.64 -3.66 -4.06
C ASN A 68 6.38 -2.86 -3.00
N ASN A 69 7.62 -3.26 -2.73
CA ASN A 69 8.45 -2.58 -1.73
C ASN A 69 9.32 -1.51 -2.38
N THR A 70 9.01 -1.19 -3.64
CA THR A 70 9.78 -0.19 -4.38
C THR A 70 8.89 0.98 -4.79
N THR A 71 7.60 0.70 -4.99
CA THR A 71 6.65 1.72 -5.39
C THR A 71 5.44 1.75 -4.46
N GLY A 72 5.11 0.58 -3.90
CA GLY A 72 3.97 0.48 -3.01
C GLY A 72 2.69 0.15 -3.73
N LEU A 73 2.81 -0.29 -4.98
CA LEU A 73 1.65 -0.64 -5.79
C LEU A 73 1.17 -2.06 -5.46
N ILE A 74 -0.15 -2.26 -5.52
CA ILE A 74 -0.73 -3.56 -5.23
C ILE A 74 -1.37 -4.16 -6.48
N THR A 75 -1.08 -5.43 -6.73
CA THR A 75 -1.62 -6.13 -7.90
C THR A 75 -2.19 -7.48 -7.50
N VAL A 76 -2.87 -8.13 -8.45
CA VAL A 76 -3.47 -9.43 -8.20
C VAL A 76 -2.47 -10.55 -8.46
N GLN A 77 -1.90 -11.09 -7.39
CA GLN A 77 -0.93 -12.18 -7.51
C GLN A 77 -1.60 -13.48 -7.93
N ARG A 78 -2.74 -13.77 -7.30
CA ARG A 78 -3.49 -14.99 -7.61
C ARG A 78 -4.98 -14.77 -7.41
N SER A 79 -5.79 -15.53 -8.15
CA SER A 79 -7.24 -15.43 -8.06
C SER A 79 -7.68 -15.21 -6.62
N LEU A 80 -8.79 -14.51 -6.44
CA LEU A 80 -9.32 -14.23 -5.10
C LEU A 80 -10.45 -15.20 -4.76
N ASP A 81 -10.68 -15.39 -3.47
CA ASP A 81 -11.73 -16.28 -3.00
C ASP A 81 -12.81 -15.51 -2.27
N ARG A 82 -14.02 -15.51 -2.84
CA ARG A 82 -15.14 -14.80 -2.24
C ARG A 82 -15.89 -15.70 -1.26
N GLU A 83 -15.97 -16.99 -1.59
CA GLU A 83 -16.65 -17.95 -0.73
C GLU A 83 -16.15 -17.87 0.70
N GLU A 84 -14.82 -17.83 0.85
CA GLU A 84 -14.20 -17.76 2.16
C GLU A 84 -14.26 -16.33 2.72
N THR A 85 -13.48 -15.44 2.12
CA THR A 85 -13.45 -14.05 2.55
C THR A 85 -14.04 -13.12 1.50
N ALA A 86 -14.80 -12.13 1.94
CA ALA A 86 -15.43 -11.18 1.03
C ALA A 86 -14.67 -9.86 1.02
N ILE A 87 -14.17 -9.45 2.18
CA ILE A 87 -13.43 -8.20 2.29
C ILE A 87 -11.99 -8.46 2.72
N HIS A 88 -11.05 -7.73 2.11
CA HIS A 88 -9.64 -7.88 2.44
C HIS A 88 -9.06 -6.57 2.96
N LYS A 89 -8.73 -6.56 4.24
CA LYS A 89 -8.16 -5.36 4.87
C LYS A 89 -6.66 -5.52 5.06
N VAL A 90 -5.88 -4.73 4.32
CA VAL A 90 -4.43 -4.77 4.41
C VAL A 90 -3.86 -3.40 4.74
N THR A 91 -2.94 -3.36 5.70
CA THR A 91 -2.32 -2.10 6.11
C THR A 91 -0.94 -1.95 5.48
N VAL A 92 -0.60 -0.72 5.11
CA VAL A 92 0.69 -0.44 4.50
C VAL A 92 1.50 0.51 5.36
N LEU A 93 2.82 0.40 5.27
CA LEU A 93 3.73 1.25 6.04
C LEU A 93 4.81 1.85 5.15
N ALA A 94 4.86 3.18 5.10
CA ALA A 94 5.85 3.88 4.29
C ALA A 94 7.03 4.34 5.14
N SER A 95 8.18 3.72 4.93
CA SER A 95 9.37 4.07 5.69
C SER A 95 10.59 4.19 4.77
N ASP A 96 11.44 5.17 5.03
CA ASP A 96 12.63 5.40 4.22
C ASP A 96 13.87 5.47 5.11
N GLY A 97 13.70 5.97 6.32
CA GLY A 97 14.82 6.08 7.24
C GLY A 97 14.53 7.02 8.40
N SER A 98 13.28 7.02 8.85
CA SER A 98 12.87 7.89 9.96
C SER A 98 12.10 7.10 11.01
N SER A 99 11.65 7.80 12.04
CA SER A 99 10.90 7.16 13.12
C SER A 99 9.71 6.36 12.57
N THR A 100 8.91 5.81 13.46
CA THR A 100 7.75 5.02 13.07
C THR A 100 7.11 5.59 11.81
N PRO A 101 6.91 4.71 10.80
CA PRO A 101 6.30 5.10 9.52
C PRO A 101 4.83 5.44 9.65
N ALA A 102 4.18 5.70 8.53
CA ALA A 102 2.76 6.03 8.52
C ALA A 102 1.90 4.79 8.25
N ARG A 103 0.67 4.81 8.75
CA ARG A 103 -0.24 3.70 8.57
C ARG A 103 -1.27 4.01 7.48
N ALA A 104 -1.57 3.00 6.66
CA ALA A 104 -2.54 3.17 5.58
C ALA A 104 -3.46 1.96 5.48
N THR A 105 -4.76 2.20 5.68
CA THR A 105 -5.75 1.13 5.62
C THR A 105 -6.36 1.03 4.23
N VAL A 106 -6.00 -0.02 3.51
CA VAL A 106 -6.51 -0.25 2.16
C VAL A 106 -7.58 -1.33 2.15
N THR A 107 -8.83 -0.93 1.92
CA THR A 107 -9.95 -1.86 1.88
C THR A 107 -10.19 -2.37 0.47
N ILE A 108 -10.38 -3.68 0.34
CA ILE A 108 -10.62 -4.30 -0.95
C ILE A 108 -11.85 -5.20 -0.91
N ASN A 109 -12.96 -4.70 -1.45
CA ASN A 109 -14.21 -5.45 -1.48
C ASN A 109 -14.26 -6.38 -2.70
N VAL A 110 -14.98 -7.48 -2.56
CA VAL A 110 -15.12 -8.44 -3.65
C VAL A 110 -16.53 -8.44 -4.21
N THR A 111 -16.65 -8.35 -5.53
CA THR A 111 -17.95 -8.34 -6.19
C THR A 111 -18.13 -9.58 -7.06
N ASP A 112 -19.34 -9.75 -7.59
CA ASP A 112 -19.64 -10.90 -8.45
C ASP A 112 -19.37 -10.57 -9.91
N VAL A 113 -19.08 -11.60 -10.69
CA VAL A 113 -18.79 -11.42 -12.11
C VAL A 113 -19.94 -11.96 -12.97
N ASN A 114 -20.78 -12.78 -12.36
CA ASN A 114 -21.91 -13.38 -13.07
C ASN A 114 -22.77 -12.30 -13.71
N GLY A 1 22.36 21.90 -2.15
CA GLY A 1 23.75 22.18 -2.54
C GLY A 1 24.31 23.38 -1.82
N SER A 2 23.54 24.47 -1.77
CA SER A 2 23.98 25.69 -1.12
C SER A 2 22.90 26.22 -0.19
N SER A 3 21.67 26.31 -0.69
CA SER A 3 20.55 26.80 0.09
C SER A 3 20.23 25.85 1.25
N GLY A 4 20.76 26.17 2.43
CA GLY A 4 20.51 25.34 3.59
C GLY A 4 19.37 25.84 4.45
N SER A 5 18.60 24.92 5.01
CA SER A 5 17.46 25.29 5.85
C SER A 5 17.38 24.36 7.07
N SER A 6 16.58 24.77 8.05
CA SER A 6 16.41 24.00 9.27
C SER A 6 15.05 23.31 9.30
N GLY A 7 15.07 21.98 9.22
CA GLY A 7 13.82 21.23 9.23
C GLY A 7 13.45 20.73 10.61
N ASN A 8 12.20 20.94 11.00
CA ASN A 8 11.73 20.51 12.30
C ASN A 8 11.39 19.03 12.31
N ASP A 9 10.44 18.64 11.46
CA ASP A 9 10.03 17.25 11.36
C ASP A 9 10.02 16.78 9.91
N ASN A 10 10.58 15.60 9.67
CA ASN A 10 10.64 15.05 8.32
C ASN A 10 10.03 13.65 8.28
N ARG A 11 8.83 13.55 7.72
CA ARG A 11 8.14 12.27 7.62
C ARG A 11 7.28 12.21 6.36
N PRO A 12 7.24 11.04 5.73
CA PRO A 12 6.45 10.83 4.50
C PRO A 12 4.95 10.85 4.77
N VAL A 13 4.17 10.70 3.70
CA VAL A 13 2.72 10.71 3.81
C VAL A 13 2.06 10.06 2.60
N PHE A 14 0.97 9.34 2.83
CA PHE A 14 0.26 8.67 1.75
C PHE A 14 -0.83 9.57 1.17
N LYS A 15 -1.36 9.20 0.01
CA LYS A 15 -2.40 9.97 -0.64
C LYS A 15 -3.67 10.00 0.21
N GLU A 16 -4.15 8.82 0.59
CA GLU A 16 -5.36 8.71 1.40
C GLU A 16 -5.26 7.53 2.36
N GLY A 17 -5.21 7.83 3.65
CA GLY A 17 -5.11 6.77 4.65
C GLY A 17 -5.98 5.58 4.32
N GLN A 18 -7.26 5.82 4.06
CA GLN A 18 -8.19 4.75 3.73
C GLN A 18 -8.79 4.97 2.34
N VAL A 19 -8.74 3.93 1.52
CA VAL A 19 -9.28 4.00 0.17
C VAL A 19 -10.07 2.74 -0.18
N GLU A 20 -11.32 2.93 -0.59
CA GLU A 20 -12.18 1.81 -0.96
C GLU A 20 -12.13 1.54 -2.46
N VAL A 21 -12.37 0.29 -2.85
CA VAL A 21 -12.35 -0.08 -4.25
C VAL A 21 -13.28 -1.26 -4.52
N HIS A 22 -13.58 -1.51 -5.79
CA HIS A 22 -14.45 -2.61 -6.18
C HIS A 22 -13.78 -3.51 -7.20
N ILE A 23 -13.66 -4.79 -6.86
CA ILE A 23 -13.03 -5.75 -7.76
C ILE A 23 -13.69 -7.13 -7.65
N PRO A 24 -13.94 -7.77 -8.80
CA PRO A 24 -14.56 -9.09 -8.85
C PRO A 24 -13.65 -10.18 -8.32
N GLU A 25 -14.23 -11.33 -7.98
CA GLU A 25 -13.45 -12.45 -7.46
C GLU A 25 -12.63 -13.10 -8.57
N ASN A 26 -13.20 -13.15 -9.77
CA ASN A 26 -12.51 -13.73 -10.92
C ASN A 26 -11.70 -12.69 -11.67
N ALA A 27 -11.38 -11.60 -10.98
CA ALA A 27 -10.60 -10.52 -11.58
C ALA A 27 -9.33 -11.05 -12.23
N PRO A 28 -8.96 -10.47 -13.39
CA PRO A 28 -7.76 -10.87 -14.12
C PRO A 28 -6.48 -10.49 -13.40
N VAL A 29 -5.57 -11.46 -13.24
CA VAL A 29 -4.31 -11.22 -12.56
C VAL A 29 -3.53 -10.09 -13.24
N GLY A 30 -2.94 -9.22 -12.43
CA GLY A 30 -2.18 -8.10 -12.96
C GLY A 30 -2.94 -6.80 -12.91
N THR A 31 -4.18 -6.86 -12.45
CA THR A 31 -5.02 -5.68 -12.35
C THR A 31 -4.59 -4.78 -11.20
N SER A 32 -4.50 -3.48 -11.46
CA SER A 32 -4.10 -2.52 -10.43
C SER A 32 -5.24 -2.25 -9.46
N VAL A 33 -5.06 -2.69 -8.22
CA VAL A 33 -6.08 -2.49 -7.19
C VAL A 33 -5.92 -1.13 -6.53
N ILE A 34 -4.81 -0.93 -5.83
CA ILE A 34 -4.54 0.34 -5.15
C ILE A 34 -3.08 0.75 -5.31
N GLN A 35 -2.86 2.03 -5.58
CA GLN A 35 -1.51 2.56 -5.75
C GLN A 35 -1.19 3.60 -4.69
N LEU A 36 -0.29 3.27 -3.78
CA LEU A 36 0.10 4.18 -2.71
C LEU A 36 1.40 4.91 -3.07
N HIS A 37 1.36 6.24 -2.99
CA HIS A 37 2.53 7.05 -3.30
C HIS A 37 2.93 7.91 -2.10
N ALA A 38 4.06 7.57 -1.48
CA ALA A 38 4.54 8.30 -0.32
C ALA A 38 6.03 8.64 -0.48
N THR A 39 6.32 9.92 -0.67
CA THR A 39 7.69 10.38 -0.84
C THR A 39 8.05 11.44 0.21
N ASP A 40 9.34 11.51 0.55
CA ASP A 40 9.80 12.48 1.54
C ASP A 40 10.72 13.51 0.88
N ALA A 41 10.61 14.76 1.33
CA ALA A 41 11.43 15.84 0.79
C ALA A 41 12.89 15.40 0.67
N ASP A 42 13.30 15.10 -0.56
CA ASP A 42 14.67 14.67 -0.82
C ASP A 42 15.64 15.85 -0.66
N ILE A 43 15.91 16.23 0.58
CA ILE A 43 16.82 17.33 0.87
C ILE A 43 18.24 16.82 1.08
N GLY A 44 19.11 17.07 0.11
CA GLY A 44 20.48 16.64 0.22
C GLY A 44 20.73 15.32 -0.49
N SER A 45 20.11 14.25 -0.01
CA SER A 45 20.28 12.93 -0.59
C SER A 45 18.92 12.33 -0.95
N ASN A 46 18.94 11.34 -1.84
CA ASN A 46 17.72 10.67 -2.27
C ASN A 46 17.13 9.83 -1.14
N ALA A 47 15.83 9.59 -1.21
CA ALA A 47 15.15 8.78 -0.20
C ALA A 47 14.56 7.51 -0.80
N GLU A 48 15.08 6.36 -0.38
CA GLU A 48 14.62 5.08 -0.89
C GLU A 48 13.53 4.52 0.01
N ILE A 49 12.28 4.93 -0.26
CA ILE A 49 11.14 4.46 0.53
C ILE A 49 10.90 2.97 0.30
N ARG A 50 10.91 2.22 1.40
CA ARG A 50 10.68 0.78 1.33
C ARG A 50 9.35 0.40 1.98
N TYR A 51 8.44 -0.15 1.18
CA TYR A 51 7.13 -0.56 1.68
C TYR A 51 7.18 -1.97 2.26
N ILE A 52 6.56 -2.14 3.41
CA ILE A 52 6.53 -3.44 4.08
C ILE A 52 5.14 -3.74 4.64
N PHE A 53 4.90 -5.01 4.94
CA PHE A 53 3.61 -5.43 5.48
C PHE A 53 3.47 -5.01 6.94
N GLY A 54 2.47 -4.19 7.23
CA GLY A 54 2.24 -3.73 8.58
C GLY A 54 2.09 -4.86 9.57
N ALA A 55 1.77 -4.53 10.82
CA ALA A 55 1.61 -5.53 11.86
C ALA A 55 0.20 -6.11 11.83
N GLN A 56 0.06 -7.35 12.31
CA GLN A 56 -1.24 -8.02 12.33
C GLN A 56 -1.80 -8.18 10.92
N VAL A 57 -0.99 -8.79 10.04
CA VAL A 57 -1.41 -9.01 8.66
C VAL A 57 -1.37 -10.49 8.31
N ALA A 58 -2.53 -11.04 7.94
CA ALA A 58 -2.63 -12.44 7.57
C ALA A 58 -1.80 -12.75 6.33
N PRO A 59 -1.31 -13.99 6.24
CA PRO A 59 -0.49 -14.44 5.11
C PRO A 59 -1.30 -14.57 3.82
N ALA A 60 -2.43 -15.27 3.91
CA ALA A 60 -3.29 -15.46 2.75
C ALA A 60 -3.41 -14.18 1.93
N THR A 61 -3.75 -13.08 2.61
CA THR A 61 -3.90 -11.79 1.96
C THR A 61 -2.65 -11.43 1.15
N LYS A 62 -1.49 -11.79 1.69
CA LYS A 62 -0.22 -11.51 1.02
C LYS A 62 -0.03 -12.41 -0.19
N ARG A 63 -0.35 -13.69 -0.03
CA ARG A 63 -0.22 -14.66 -1.10
C ARG A 63 -0.96 -14.19 -2.36
N LEU A 64 -2.14 -13.63 -2.16
CA LEU A 64 -2.95 -13.13 -3.27
C LEU A 64 -2.51 -11.73 -3.68
N PHE A 65 -2.39 -10.85 -2.70
CA PHE A 65 -1.98 -9.46 -2.95
C PHE A 65 -0.48 -9.31 -2.76
N ALA A 66 0.19 -8.82 -3.81
CA ALA A 66 1.63 -8.61 -3.76
C ALA A 66 1.98 -7.14 -3.56
N LEU A 67 2.72 -6.85 -2.50
CA LEU A 67 3.11 -5.47 -2.19
C LEU A 67 4.51 -5.19 -2.72
N ASN A 68 4.69 -3.99 -3.28
CA ASN A 68 5.98 -3.59 -3.82
C ASN A 68 6.69 -2.64 -2.86
N ASN A 69 7.99 -2.90 -2.64
CA ASN A 69 8.79 -2.07 -1.75
C ASN A 69 9.55 -1.01 -2.53
N THR A 70 9.29 -0.93 -3.83
CA THR A 70 9.96 0.04 -4.69
C THR A 70 8.95 1.00 -5.32
N THR A 71 7.72 0.52 -5.50
CA THR A 71 6.67 1.33 -6.09
C THR A 71 5.47 1.45 -5.16
N GLY A 72 5.38 0.53 -4.19
CA GLY A 72 4.29 0.55 -3.25
C GLY A 72 2.93 0.42 -3.93
N LEU A 73 2.87 -0.38 -4.98
CA LEU A 73 1.64 -0.59 -5.73
C LEU A 73 1.14 -2.02 -5.56
N ILE A 74 -0.08 -2.16 -5.04
CA ILE A 74 -0.68 -3.48 -4.84
C ILE A 74 -1.37 -3.98 -6.11
N THR A 75 -0.95 -5.14 -6.59
CA THR A 75 -1.53 -5.72 -7.80
C THR A 75 -2.00 -7.15 -7.54
N VAL A 76 -3.01 -7.57 -8.30
CA VAL A 76 -3.55 -8.91 -8.16
C VAL A 76 -2.52 -9.98 -8.53
N GLN A 77 -2.26 -10.89 -7.61
CA GLN A 77 -1.29 -11.95 -7.85
C GLN A 77 -1.99 -13.30 -8.02
N ARG A 78 -3.17 -13.42 -7.42
CA ARG A 78 -3.95 -14.66 -7.50
C ARG A 78 -5.44 -14.36 -7.58
N SER A 79 -6.20 -15.34 -8.04
CA SER A 79 -7.65 -15.19 -8.17
C SER A 79 -8.30 -15.00 -6.81
N LEU A 80 -8.98 -13.86 -6.64
CA LEU A 80 -9.64 -13.56 -5.38
C LEU A 80 -10.92 -14.37 -5.23
N ASP A 81 -11.21 -14.78 -4.00
CA ASP A 81 -12.41 -15.58 -3.72
C ASP A 81 -13.32 -14.86 -2.72
N ARG A 82 -14.57 -14.69 -3.09
CA ARG A 82 -15.54 -14.02 -2.23
C ARG A 82 -16.11 -14.99 -1.19
N GLU A 83 -16.46 -16.19 -1.64
CA GLU A 83 -17.01 -17.20 -0.76
C GLU A 83 -16.29 -17.21 0.58
N GLU A 84 -14.97 -17.02 0.54
CA GLU A 84 -14.16 -17.00 1.75
C GLU A 84 -14.16 -15.61 2.39
N THR A 85 -13.58 -14.64 1.68
CA THR A 85 -13.52 -13.28 2.17
C THR A 85 -14.07 -12.30 1.16
N ALA A 86 -15.08 -11.53 1.57
CA ALA A 86 -15.70 -10.55 0.69
C ALA A 86 -14.98 -9.21 0.76
N ILE A 87 -14.23 -9.00 1.84
CA ILE A 87 -13.49 -7.76 2.02
C ILE A 87 -12.05 -8.04 2.49
N HIS A 88 -11.10 -7.32 1.90
CA HIS A 88 -9.70 -7.49 2.26
C HIS A 88 -9.14 -6.22 2.89
N LYS A 89 -8.73 -6.31 4.15
CA LYS A 89 -8.18 -5.17 4.87
C LYS A 89 -6.67 -5.31 5.03
N VAL A 90 -5.92 -4.49 4.29
CA VAL A 90 -4.47 -4.52 4.35
C VAL A 90 -3.91 -3.18 4.82
N THR A 91 -2.82 -3.23 5.58
CA THR A 91 -2.18 -2.02 6.09
C THR A 91 -0.73 -1.93 5.66
N VAL A 92 -0.42 -0.95 4.83
CA VAL A 92 0.94 -0.76 4.33
C VAL A 92 1.67 0.31 5.13
N LEU A 93 2.94 0.08 5.41
CA LEU A 93 3.75 1.02 6.18
C LEU A 93 4.86 1.61 5.31
N ALA A 94 5.05 2.92 5.42
CA ALA A 94 6.08 3.60 4.65
C ALA A 94 7.00 4.41 5.56
N SER A 95 8.29 4.08 5.52
CA SER A 95 9.27 4.77 6.36
C SER A 95 10.48 5.19 5.52
N ASP A 96 10.73 6.50 5.45
CA ASP A 96 11.85 7.03 4.70
C ASP A 96 13.18 6.67 5.36
N GLY A 97 13.30 7.01 6.63
CA GLY A 97 14.51 6.72 7.37
C GLY A 97 14.49 7.26 8.78
N SER A 98 14.46 6.37 9.77
CA SER A 98 14.42 6.76 11.17
C SER A 98 13.30 7.76 11.42
N SER A 99 12.13 7.49 10.84
CA SER A 99 10.97 8.37 11.00
C SER A 99 9.69 7.56 11.12
N THR A 100 8.72 8.09 11.84
CA THR A 100 7.44 7.42 12.03
C THR A 100 6.86 6.95 10.70
N PRO A 101 6.62 5.64 10.59
CA PRO A 101 6.06 5.03 9.38
C PRO A 101 4.61 5.44 9.14
N ALA A 102 4.22 5.51 7.87
CA ALA A 102 2.86 5.87 7.51
C ALA A 102 2.01 4.64 7.22
N ARG A 103 0.95 4.46 7.99
CA ARG A 103 0.06 3.31 7.82
C ARG A 103 -1.19 3.71 7.05
N ALA A 104 -1.60 2.87 6.11
CA ALA A 104 -2.78 3.13 5.31
C ALA A 104 -3.60 1.85 5.09
N THR A 105 -4.84 1.86 5.57
CA THR A 105 -5.72 0.71 5.45
C THR A 105 -6.53 0.79 4.17
N VAL A 106 -6.24 -0.10 3.22
CA VAL A 106 -6.96 -0.13 1.94
C VAL A 106 -8.07 -1.15 1.97
N THR A 107 -9.32 -0.67 2.04
CA THR A 107 -10.48 -1.55 2.07
C THR A 107 -10.84 -2.03 0.67
N ILE A 108 -10.48 -3.28 0.36
CA ILE A 108 -10.76 -3.85 -0.94
C ILE A 108 -12.00 -4.75 -0.89
N ASN A 109 -13.07 -4.33 -1.56
CA ASN A 109 -14.31 -5.09 -1.59
C ASN A 109 -14.27 -6.15 -2.70
N VAL A 110 -15.02 -7.22 -2.49
CA VAL A 110 -15.08 -8.31 -3.47
C VAL A 110 -16.50 -8.54 -3.95
N THR A 111 -16.73 -8.34 -5.24
CA THR A 111 -18.05 -8.54 -5.83
C THR A 111 -18.10 -9.81 -6.66
N ASP A 112 -19.29 -10.13 -7.17
CA ASP A 112 -19.47 -11.32 -7.99
C ASP A 112 -19.32 -10.99 -9.47
N VAL A 113 -19.14 -12.02 -10.29
CA VAL A 113 -18.98 -11.84 -11.73
C VAL A 113 -20.13 -12.49 -12.49
N ASN A 114 -20.85 -13.37 -11.82
CA ASN A 114 -21.98 -14.08 -12.43
C ASN A 114 -23.26 -13.26 -12.29
#